data_9US6
#
_entry.id   9US6
#
_cell.length_a   74.884
_cell.length_b   107.496
_cell.length_c   82.083
_cell.angle_alpha   90.000
_cell.angle_beta   96.595
_cell.angle_gamma   90.000
#
_symmetry.space_group_name_H-M   'P 1 21 1'
#
loop_
_entity.id
_entity.type
_entity.pdbx_description
1 polymer 'Maltohexaose-producing amylase'
2 non-polymer 'CALCIUM ION'
3 non-polymer 'TERBIUM(III) ION'
4 water water
#
_entity_poly.entity_id   1
_entity_poly.type   'polypeptide(L)'
_entity_poly.pdbx_seq_one_letter_code
;AWTTTDFPAFTEEGTGRFISQKVVEKGTRPLQLNFDQQCWQPSGGIKLNQMLSMEPCRGTPPQWRIFRQGLYTLEVDTRS
GTPTMMISLEEKETSAAAPQIRQCPKWDGKPLTIDVSKTFAEGSKVRDFYSGNVATVSGGKITLQPAFGSNGLLLLERAE
TAAPAPFDWHNATVYFVLTDRFVNGNPANDNSYGRHKDGMQEIGTFHGGDLQGLTSKLDYLQQMGVNALWISSPLEQIHG
WVGGGTKGDFPHYAYHGYYTQDWSKLDANMGTEADLRRLVDEAHKRGIRILFDVVMNHAGYATLADMQEFQFGSLYLQGD
ELKKTLGERWTDWKPGAGQTWHSFNDYINFSDKAGWEKWWGKKWIRIDIGDYDNPGYDDLTMSLAFLPDLKTESKEISGL
PNFYSHKPDTAAKAIPGYTPRDYLTHWLSQWVRDYGIDGFRVDTAKHVEMDAWQQLKTQATAALAEWKKANPDKALDAAP
FWMTGEAWGHGVMQSDYYRHGFDAMINFDYQDQAAKAATCMANIDLTWQQMADKLQSFNVLSYLSSHDTRLFREGGATAA
ELLLLAPGAVQIFYGDESSRPFGPTGSDPLQGTRSEMNWQDVNGKAARSVTHWQKIGQFRARHPAIGMGKQTTLSMSRGY
GFVRESGEDKVMVIWAGQQQ
;
_entity_poly.pdbx_strand_id   A,B
#
loop_
_chem_comp.id
_chem_comp.type
_chem_comp.name
_chem_comp.formula
CA non-polymer 'CALCIUM ION' 'Ca 2'
TB non-polymer 'TERBIUM(III) ION' 'Tb 3'
#
# COMPACT_ATOMS: atom_id res chain seq x y z
N ALA A 1 -7.41 -37.21 27.66
CA ALA A 1 -7.98 -37.29 29.03
C ALA A 1 -8.41 -35.91 29.55
N TRP A 2 -7.92 -34.81 28.95
CA TRP A 2 -8.53 -33.50 29.15
C TRP A 2 -9.88 -33.44 28.45
N THR A 3 -10.91 -32.93 29.15
CA THR A 3 -12.25 -32.84 28.59
C THR A 3 -13.00 -31.63 29.15
N THR A 4 -13.98 -31.16 28.36
CA THR A 4 -15.02 -30.26 28.82
C THR A 4 -16.32 -30.67 28.12
N THR A 5 -17.47 -30.38 28.75
CA THR A 5 -18.74 -30.80 28.21
C THR A 5 -18.98 -30.18 26.83
N ASP A 6 -19.61 -30.96 25.95
CA ASP A 6 -20.07 -30.52 24.64
C ASP A 6 -18.90 -30.10 23.75
N PHE A 7 -17.72 -30.68 24.00
CA PHE A 7 -16.54 -30.54 23.17
C PHE A 7 -15.82 -31.89 23.14
N PRO A 8 -15.15 -32.29 22.03
CA PRO A 8 -14.44 -33.57 22.00
C PRO A 8 -13.27 -33.62 22.97
N ALA A 9 -12.85 -34.84 23.33
CA ALA A 9 -11.68 -35.04 24.17
C ALA A 9 -10.49 -34.31 23.54
N PHE A 10 -9.70 -33.64 24.38
CA PHE A 10 -8.54 -32.87 23.94
C PHE A 10 -7.45 -33.83 23.46
N THR A 11 -6.77 -33.47 22.35
CA THR A 11 -5.58 -34.18 21.91
C THR A 11 -4.37 -33.26 22.08
N GLU A 12 -3.18 -33.86 22.17
CA GLU A 12 -1.95 -33.12 22.39
C GLU A 12 -1.52 -32.43 21.10
N GLU A 13 -1.37 -31.09 21.17
CA GLU A 13 -0.89 -30.28 20.06
C GLU A 13 0.35 -29.55 20.56
N GLY A 14 1.50 -30.24 20.52
CA GLY A 14 2.73 -29.77 21.13
C GLY A 14 2.90 -30.36 22.52
N THR A 15 4.16 -30.47 22.98
CA THR A 15 4.45 -31.03 24.29
C THR A 15 3.84 -30.12 25.36
N GLY A 16 2.95 -30.69 26.18
CA GLY A 16 2.40 -30.00 27.34
C GLY A 16 1.16 -29.17 27.03
N ARG A 17 0.80 -29.09 25.75
CA ARG A 17 -0.37 -28.35 25.30
C ARG A 17 -1.39 -29.32 24.72
N PHE A 18 -2.66 -29.16 25.12
CA PHE A 18 -3.74 -29.99 24.62
C PHE A 18 -4.83 -29.07 24.06
N ILE A 19 -5.46 -29.46 22.95
CA ILE A 19 -6.50 -28.63 22.37
C ILE A 19 -7.72 -29.48 21.99
N SER A 20 -8.84 -28.78 21.79
CA SER A 20 -10.07 -29.34 21.26
C SER A 20 -10.79 -28.28 20.43
N GLN A 21 -11.49 -28.72 19.37
CA GLN A 21 -12.20 -27.82 18.47
C GLN A 21 -13.63 -28.31 18.27
N LYS A 22 -14.55 -27.36 18.01
CA LYS A 22 -15.93 -27.64 17.67
C LYS A 22 -16.58 -26.38 17.10
N VAL A 23 -17.52 -26.57 16.17
CA VAL A 23 -18.38 -25.49 15.70
C VAL A 23 -19.47 -25.27 16.75
N VAL A 24 -19.54 -24.05 17.29
CA VAL A 24 -20.41 -23.76 18.43
C VAL A 24 -21.40 -22.65 18.04
N GLU A 25 -22.68 -22.87 18.33
CA GLU A 25 -23.72 -21.88 18.13
C GLU A 25 -23.57 -20.77 19.17
N LYS A 26 -24.19 -19.61 18.89
CA LYS A 26 -24.19 -18.48 19.82
C LYS A 26 -24.94 -18.88 21.08
N GLY A 27 -24.64 -18.22 22.21
CA GLY A 27 -25.27 -18.51 23.48
C GLY A 27 -24.30 -18.38 24.65
N THR A 28 -24.71 -18.90 25.82
CA THR A 28 -23.89 -18.88 27.03
C THR A 28 -23.83 -20.29 27.59
N ARG A 29 -22.69 -20.65 28.20
CA ARG A 29 -22.51 -21.97 28.78
C ARG A 29 -21.43 -21.92 29.86
N PRO A 30 -21.46 -22.84 30.85
CA PRO A 30 -20.38 -22.93 31.82
C PRO A 30 -19.08 -23.44 31.19
N LEU A 31 -17.96 -23.25 31.88
CA LEU A 31 -16.66 -23.68 31.37
C LEU A 31 -15.84 -24.30 32.50
N GLN A 32 -15.67 -25.63 32.43
CA GLN A 32 -14.76 -26.36 33.30
C GLN A 32 -13.96 -27.35 32.46
N LEU A 33 -12.66 -27.45 32.74
CA LEU A 33 -11.81 -28.50 32.18
C LEU A 33 -11.63 -29.59 33.23
N ASN A 34 -11.85 -30.85 32.82
CA ASN A 34 -11.66 -32.00 33.68
C ASN A 34 -10.49 -32.83 33.14
N PHE A 35 -9.62 -33.29 34.06
CA PHE A 35 -8.58 -34.25 33.74
C PHE A 35 -8.68 -35.41 34.74
N ASP A 36 -9.53 -36.39 34.41
CA ASP A 36 -9.94 -37.42 35.34
C ASP A 36 -10.86 -36.80 36.39
N GLN A 37 -10.39 -36.71 37.63
CA GLN A 37 -11.19 -36.18 38.73
C GLN A 37 -10.72 -34.78 39.12
N GLN A 38 -9.54 -34.37 38.63
CA GLN A 38 -9.14 -32.97 38.65
C GLN A 38 -10.19 -32.15 37.89
N CYS A 39 -10.66 -31.06 38.52
CA CYS A 39 -11.52 -30.10 37.86
C CYS A 39 -10.91 -28.70 37.97
N TRP A 40 -10.78 -28.03 36.82
CA TRP A 40 -10.28 -26.66 36.77
C TRP A 40 -11.27 -25.74 36.08
N GLN A 41 -11.16 -24.43 36.33
CA GLN A 41 -12.02 -23.45 35.70
C GLN A 41 -11.28 -22.11 35.60
N PRO A 42 -11.63 -21.23 34.62
CA PRO A 42 -11.10 -19.87 34.59
C PRO A 42 -11.32 -19.12 35.90
N SER A 43 -10.24 -18.50 36.42
CA SER A 43 -10.30 -17.79 37.69
C SER A 43 -10.28 -16.28 37.48
N GLY A 44 -9.94 -15.82 36.27
CA GLY A 44 -9.76 -14.40 36.00
C GLY A 44 -10.58 -13.93 34.81
N GLY A 45 -11.85 -14.36 34.75
CA GLY A 45 -12.73 -14.00 33.66
C GLY A 45 -12.42 -14.83 32.41
N ILE A 46 -13.21 -14.60 31.34
CA ILE A 46 -13.10 -15.32 30.09
C ILE A 46 -13.03 -14.31 28.95
N LYS A 47 -11.85 -14.25 28.29
CA LYS A 47 -11.68 -13.47 27.06
C LYS A 47 -11.10 -14.38 25.98
N LEU A 48 -11.25 -13.97 24.71
CA LEU A 48 -10.63 -14.66 23.59
C LEU A 48 -9.18 -14.20 23.47
N ASN A 49 -8.33 -15.09 22.93
CA ASN A 49 -6.96 -14.77 22.55
C ASN A 49 -6.20 -14.15 23.73
N GLN A 50 -6.31 -14.77 24.90
CA GLN A 50 -5.58 -14.36 26.09
C GLN A 50 -5.37 -15.57 26.99
N MET A 51 -4.19 -15.65 27.62
CA MET A 51 -3.86 -16.74 28.51
C MET A 51 -4.69 -16.60 29.80
N LEU A 52 -5.63 -17.52 30.00
CA LEU A 52 -6.52 -17.49 31.16
C LEU A 52 -5.93 -18.32 32.28
N SER A 53 -5.75 -17.69 33.46
CA SER A 53 -5.42 -18.40 34.68
C SER A 53 -6.58 -19.27 35.10
N MET A 54 -6.29 -20.34 35.86
CA MET A 54 -7.32 -21.28 36.26
C MET A 54 -7.12 -21.70 37.71
N GLU A 55 -8.26 -21.94 38.39
CA GLU A 55 -8.30 -22.39 39.76
C GLU A 55 -9.03 -23.73 39.80
N PRO A 56 -8.91 -24.51 40.91
CA PRO A 56 -9.74 -25.70 41.10
C PRO A 56 -11.23 -25.38 41.19
N CYS A 57 -12.07 -26.29 40.70
CA CYS A 57 -13.50 -26.06 40.60
C CYS A 57 -14.11 -25.81 41.98
N ARG A 58 -14.86 -24.71 42.07
CA ARG A 58 -15.63 -24.34 43.25
C ARG A 58 -16.87 -23.57 42.78
N GLY A 59 -17.95 -23.69 43.55
CA GLY A 59 -19.18 -22.94 43.29
C GLY A 59 -19.67 -23.10 41.86
N THR A 60 -20.38 -22.09 41.36
CA THR A 60 -20.94 -22.10 40.02
C THR A 60 -19.80 -21.92 39.03
N PRO A 61 -19.76 -22.70 37.92
CA PRO A 61 -18.71 -22.55 36.92
C PRO A 61 -18.83 -21.22 36.16
N PRO A 62 -17.71 -20.58 35.78
CA PRO A 62 -17.75 -19.37 34.97
C PRO A 62 -18.58 -19.54 33.70
N GLN A 63 -19.39 -18.52 33.37
CA GLN A 63 -20.24 -18.56 32.19
C GLN A 63 -19.47 -17.97 31.02
N TRP A 64 -19.21 -18.81 30.01
CA TRP A 64 -18.55 -18.41 28.77
C TRP A 64 -19.60 -17.92 27.78
N ARG A 65 -19.34 -16.75 27.16
CA ARG A 65 -20.31 -16.09 26.30
C ARG A 65 -19.92 -16.25 24.84
N ILE A 66 -20.78 -16.94 24.07
CA ILE A 66 -20.54 -17.19 22.64
C ILE A 66 -21.29 -16.13 21.84
N PHE A 67 -20.55 -15.15 21.30
CA PHE A 67 -21.17 -14.04 20.59
C PHE A 67 -21.47 -14.45 19.15
N ARG A 68 -20.46 -14.99 18.46
CA ARG A 68 -20.56 -15.32 17.05
C ARG A 68 -20.37 -16.82 16.84
N GLN A 69 -21.18 -17.39 15.93
CA GLN A 69 -21.03 -18.79 15.54
C GLN A 69 -19.73 -18.97 14.76
N GLY A 70 -19.07 -20.11 14.96
CA GLY A 70 -17.86 -20.46 14.25
C GLY A 70 -17.10 -21.60 14.94
N LEU A 71 -15.98 -22.01 14.33
CA LEU A 71 -15.13 -23.06 14.87
C LEU A 71 -14.25 -22.46 15.97
N TYR A 72 -14.46 -22.92 17.21
CA TYR A 72 -13.69 -22.46 18.34
C TYR A 72 -12.61 -23.48 18.69
N THR A 73 -11.49 -22.99 19.23
CA THR A 73 -10.42 -23.83 19.72
C THR A 73 -10.23 -23.55 21.21
N LEU A 74 -10.37 -24.59 22.04
CA LEU A 74 -9.98 -24.55 23.43
C LEU A 74 -8.59 -25.17 23.56
N GLU A 75 -7.69 -24.49 24.27
CA GLU A 75 -6.34 -24.99 24.49
C GLU A 75 -6.08 -25.00 25.99
N VAL A 76 -5.33 -25.99 26.48
CA VAL A 76 -4.91 -26.04 27.86
C VAL A 76 -3.40 -26.30 27.90
N ASP A 77 -2.69 -25.55 28.74
CA ASP A 77 -1.23 -25.55 28.78
C ASP A 77 -0.79 -25.94 30.18
N THR A 78 -0.02 -27.04 30.30
CA THR A 78 0.38 -27.57 31.59
C THR A 78 1.88 -27.34 31.83
N ARG A 79 2.53 -26.58 30.94
CA ARG A 79 3.99 -26.43 30.96
C ARG A 79 4.44 -25.61 32.17
N SER A 80 3.57 -24.76 32.71
CA SER A 80 3.91 -23.91 33.85
C SER A 80 3.66 -24.65 35.17
N GLY A 81 3.11 -25.86 35.11
CA GLY A 81 2.78 -26.63 36.30
C GLY A 81 1.29 -26.54 36.60
N THR A 82 0.79 -25.30 36.74
CA THR A 82 -0.63 -25.04 36.93
C THR A 82 -1.29 -24.85 35.56
N PRO A 83 -2.48 -25.44 35.30
CA PRO A 83 -3.14 -25.30 34.01
C PRO A 83 -3.58 -23.87 33.71
N THR A 84 -3.07 -23.29 32.61
CA THR A 84 -3.71 -22.16 31.97
C THR A 84 -4.42 -22.68 30.73
N MET A 85 -5.35 -21.87 30.20
CA MET A 85 -6.07 -22.26 29.00
C MET A 85 -6.30 -21.03 28.11
N MET A 86 -6.88 -21.27 26.92
CA MET A 86 -7.08 -20.22 25.94
C MET A 86 -8.22 -20.59 24.98
N ILE A 87 -8.96 -19.55 24.55
CA ILE A 87 -10.05 -19.70 23.62
C ILE A 87 -9.74 -18.85 22.39
N SER A 88 -10.24 -19.27 21.22
CA SER A 88 -9.99 -18.57 19.96
C SER A 88 -11.00 -19.01 18.90
N LEU A 89 -11.36 -18.06 18.01
CA LEU A 89 -12.37 -18.29 16.99
C LEU A 89 -11.73 -18.17 15.60
N GLU A 90 -12.12 -19.07 14.70
CA GLU A 90 -11.76 -19.00 13.30
C GLU A 90 -13.01 -18.58 12.51
N GLU A 91 -13.13 -17.26 12.33
CA GLU A 91 -14.28 -16.61 11.71
C GLU A 91 -14.66 -17.35 10.42
N ARG A 102 -19.96 -21.81 -1.69
CA ARG A 102 -18.58 -21.77 -2.25
C ARG A 102 -18.39 -22.99 -3.16
N GLN A 103 -17.49 -22.85 -4.15
CA GLN A 103 -17.11 -23.97 -5.00
C GLN A 103 -15.95 -24.71 -4.34
N CYS A 104 -15.97 -24.76 -3.00
CA CYS A 104 -14.86 -25.23 -2.19
C CYS A 104 -15.29 -26.51 -1.47
N PRO A 105 -14.49 -27.60 -1.53
CA PRO A 105 -14.83 -28.84 -0.83
C PRO A 105 -15.21 -28.63 0.63
N LYS A 106 -16.33 -29.25 1.04
CA LYS A 106 -16.86 -29.13 2.39
C LYS A 106 -16.55 -30.41 3.16
N TRP A 107 -16.42 -30.27 4.49
CA TRP A 107 -16.04 -31.38 5.35
C TRP A 107 -16.95 -31.45 6.58
N ASP A 108 -17.50 -32.65 6.82
CA ASP A 108 -18.48 -32.86 7.88
C ASP A 108 -17.80 -32.97 9.25
N GLY A 109 -16.48 -33.18 9.28
CA GLY A 109 -15.72 -33.22 10.51
C GLY A 109 -15.35 -34.65 10.93
N LYS A 110 -15.97 -35.64 10.28
CA LYS A 110 -15.84 -37.04 10.65
C LYS A 110 -14.71 -37.66 9.83
N PRO A 111 -14.21 -38.87 10.18
CA PRO A 111 -13.07 -39.47 9.48
C PRO A 111 -13.25 -39.58 7.97
N LEU A 112 -12.12 -39.64 7.24
CA LEU A 112 -12.09 -39.86 5.81
C LEU A 112 -11.56 -41.26 5.52
N THR A 113 -12.08 -41.88 4.44
CA THR A 113 -11.57 -43.14 3.94
C THR A 113 -10.91 -42.89 2.58
N ILE A 114 -9.60 -43.09 2.52
CA ILE A 114 -8.79 -42.67 1.38
C ILE A 114 -8.40 -43.90 0.58
N ASP A 115 -8.53 -43.82 -0.75
CA ASP A 115 -8.01 -44.84 -1.65
C ASP A 115 -6.52 -44.57 -1.85
N VAL A 116 -5.69 -45.49 -1.34
CA VAL A 116 -4.24 -45.35 -1.38
C VAL A 116 -3.63 -46.50 -2.17
N SER A 117 -4.43 -47.15 -3.02
CA SER A 117 -4.06 -48.40 -3.66
C SER A 117 -2.85 -48.22 -4.59
N LYS A 118 -2.73 -47.05 -5.23
CA LYS A 118 -1.66 -46.80 -6.17
C LYS A 118 -0.45 -46.16 -5.50
N THR A 119 -0.50 -45.96 -4.18
CA THR A 119 0.51 -45.15 -3.50
C THR A 119 1.18 -45.95 -2.39
N PHE A 120 0.39 -46.60 -1.52
CA PHE A 120 0.92 -47.32 -0.38
C PHE A 120 0.51 -48.79 -0.49
N ALA A 121 1.43 -49.68 -0.14
CA ALA A 121 1.30 -51.11 -0.38
C ALA A 121 0.24 -51.72 0.53
N GLU A 122 -0.60 -52.59 -0.06
CA GLU A 122 -1.52 -53.42 0.69
C GLU A 122 -0.80 -54.04 1.88
N GLY A 123 -1.38 -53.87 3.07
CA GLY A 123 -0.90 -54.53 4.28
C GLY A 123 0.20 -53.74 4.99
N SER A 124 0.59 -52.58 4.42
CA SER A 124 1.65 -51.77 5.00
C SER A 124 1.05 -50.78 5.99
N LYS A 125 1.91 -50.10 6.75
CA LYS A 125 1.49 -49.10 7.70
C LYS A 125 1.74 -47.71 7.11
N VAL A 126 0.71 -46.84 7.19
CA VAL A 126 0.79 -45.45 6.75
C VAL A 126 0.51 -44.53 7.94
N ARG A 127 1.41 -43.57 8.18
CA ARG A 127 1.25 -42.59 9.24
C ARG A 127 0.75 -41.26 8.63
N ASP A 128 -0.28 -40.69 9.25
CA ASP A 128 -0.57 -39.27 9.14
C ASP A 128 0.34 -38.53 10.11
N PHE A 129 1.35 -37.84 9.57
CA PHE A 129 2.41 -37.26 10.40
C PHE A 129 1.83 -36.25 11.37
N TYR A 130 0.84 -35.46 10.92
CA TYR A 130 0.31 -34.37 11.71
C TYR A 130 -0.27 -34.93 13.01
N SER A 131 -1.15 -35.94 12.90
CA SER A 131 -1.78 -36.56 14.06
C SER A 131 -0.83 -37.53 14.76
N GLY A 132 -0.03 -38.27 13.97
CA GLY A 132 0.76 -39.38 14.47
C GLY A 132 0.02 -40.71 14.34
N ASN A 133 -1.30 -40.66 14.05
CA ASN A 133 -2.11 -41.85 13.84
C ASN A 133 -1.53 -42.70 12.71
N VAL A 134 -1.48 -44.01 12.93
CA VAL A 134 -1.00 -44.98 11.96
C VAL A 134 -2.15 -45.91 11.58
N ALA A 135 -2.18 -46.32 10.30
CA ALA A 135 -3.23 -47.18 9.77
C ALA A 135 -2.65 -48.21 8.79
N THR A 136 -3.25 -49.41 8.77
CA THR A 136 -2.84 -50.46 7.87
C THR A 136 -3.73 -50.43 6.63
N VAL A 137 -3.09 -50.45 5.45
CA VAL A 137 -3.80 -50.48 4.19
C VAL A 137 -4.52 -51.81 4.06
N SER A 138 -5.86 -51.75 3.95
CA SER A 138 -6.70 -52.91 3.76
C SER A 138 -7.69 -52.62 2.64
N GLY A 139 -7.70 -53.47 1.60
CA GLY A 139 -8.52 -53.25 0.43
C GLY A 139 -8.17 -51.93 -0.26
N GLY A 140 -6.88 -51.57 -0.18
CA GLY A 140 -6.34 -50.36 -0.77
C GLY A 140 -6.85 -49.09 -0.09
N LYS A 141 -7.23 -49.18 1.19
CA LYS A 141 -7.90 -48.08 1.87
C LYS A 141 -7.44 -47.96 3.32
N ILE A 142 -7.43 -46.72 3.81
CA ILE A 142 -7.21 -46.40 5.21
C ILE A 142 -8.28 -45.40 5.64
N THR A 143 -8.67 -45.46 6.92
CA THR A 143 -9.61 -44.49 7.48
C THR A 143 -8.89 -43.71 8.58
N LEU A 144 -8.96 -42.37 8.50
CA LEU A 144 -8.27 -41.50 9.43
C LEU A 144 -9.10 -40.24 9.73
N GLN A 145 -9.05 -39.82 10.99
CA GLN A 145 -9.57 -38.53 11.44
C GLN A 145 -8.45 -37.51 11.39
N PRO A 146 -8.58 -36.41 10.61
CA PRO A 146 -7.71 -35.26 10.76
C PRO A 146 -7.71 -34.71 12.19
N ALA A 147 -6.51 -34.46 12.74
CA ALA A 147 -6.37 -34.00 14.11
C ALA A 147 -6.79 -32.54 14.21
N PHE A 148 -7.02 -32.10 15.44
CA PHE A 148 -7.31 -30.70 15.74
C PHE A 148 -6.07 -29.87 15.39
N GLY A 149 -6.29 -28.81 14.61
CA GLY A 149 -5.24 -27.88 14.22
C GLY A 149 -4.74 -28.17 12.80
N SER A 150 -5.13 -29.32 12.24
CA SER A 150 -4.67 -29.76 10.94
C SER A 150 -5.25 -28.89 9.82
N ASN A 151 -6.38 -28.22 10.09
CA ASN A 151 -7.19 -27.56 9.09
C ASN A 151 -7.76 -28.60 8.12
N GLY A 152 -7.93 -29.84 8.60
CA GLY A 152 -8.49 -30.92 7.80
C GLY A 152 -7.44 -31.65 6.97
N LEU A 153 -6.16 -31.50 7.31
CA LEU A 153 -5.10 -32.12 6.55
C LEU A 153 -4.81 -33.52 7.06
N LEU A 154 -4.47 -34.42 6.13
CA LEU A 154 -3.75 -35.65 6.42
C LEU A 154 -2.41 -35.56 5.70
N LEU A 155 -1.31 -35.81 6.43
CA LEU A 155 0.04 -35.81 5.87
C LEU A 155 0.56 -37.24 5.84
N LEU A 156 0.25 -37.96 4.74
CA LEU A 156 0.40 -39.40 4.70
C LEU A 156 1.81 -39.76 4.22
N GLU A 157 2.48 -40.58 5.03
CA GLU A 157 3.79 -41.12 4.70
C GLU A 157 3.83 -42.59 5.09
N ARG A 158 4.85 -43.30 4.60
CA ARG A 158 5.17 -44.63 5.12
C ARG A 158 5.56 -44.51 6.59
N ALA A 159 4.98 -45.38 7.43
CA ALA A 159 5.23 -45.36 8.86
C ALA A 159 6.71 -45.65 9.16
N GLU A 160 7.44 -46.17 8.17
CA GLU A 160 8.87 -46.40 8.28
C GLU A 160 9.62 -45.08 8.43
N THR A 161 9.10 -44.01 7.82
CA THR A 161 9.67 -42.68 7.94
C THR A 161 9.88 -42.37 9.41
N ALA A 162 11.12 -41.96 9.76
CA ALA A 162 11.51 -41.78 11.15
C ALA A 162 12.12 -40.40 11.40
N ALA A 163 12.91 -39.88 10.45
CA ALA A 163 13.72 -38.69 10.70
C ALA A 163 13.80 -37.83 9.44
N PRO A 164 14.40 -36.61 9.52
CA PRO A 164 14.63 -35.77 8.35
C PRO A 164 15.40 -36.45 7.23
N ALA A 165 15.02 -36.17 5.98
CA ALA A 165 15.72 -36.64 4.81
C ALA A 165 16.96 -35.79 4.56
N PRO A 166 17.96 -36.27 3.79
CA PRO A 166 19.11 -35.44 3.45
C PRO A 166 18.72 -34.10 2.85
N PHE A 167 19.40 -33.05 3.28
CA PHE A 167 19.15 -31.70 2.79
C PHE A 167 19.31 -31.65 1.27
N ASP A 168 18.35 -31.02 0.60
CA ASP A 168 18.48 -30.62 -0.79
C ASP A 168 17.97 -29.19 -0.94
N TRP A 169 18.70 -28.37 -1.70
CA TRP A 169 18.32 -26.98 -1.90
C TRP A 169 16.97 -26.86 -2.59
N HIS A 170 16.54 -27.93 -3.28
CA HIS A 170 15.27 -27.96 -3.99
C HIS A 170 14.13 -28.40 -3.06
N ASN A 171 14.46 -28.67 -1.78
CA ASN A 171 13.46 -28.97 -0.76
C ASN A 171 13.75 -28.13 0.50
N ALA A 172 14.46 -27.01 0.32
CA ALA A 172 14.95 -26.21 1.43
C ALA A 172 13.81 -25.40 2.06
N THR A 173 13.84 -25.32 3.40
CA THR A 173 12.99 -24.42 4.15
C THR A 173 13.88 -23.30 4.71
N VAL A 174 13.86 -22.16 4.03
CA VAL A 174 14.72 -21.02 4.34
C VAL A 174 13.98 -20.08 5.28
N TYR A 175 14.62 -19.72 6.40
CA TYR A 175 14.07 -18.72 7.32
C TYR A 175 14.82 -17.41 7.09
N PHE A 176 14.07 -16.39 6.66
CA PHE A 176 14.64 -15.08 6.35
C PHE A 176 14.33 -14.15 7.52
N VAL A 177 15.38 -13.72 8.22
CA VAL A 177 15.24 -12.93 9.44
C VAL A 177 16.02 -11.64 9.28
N LEU A 178 15.40 -10.52 9.68
CA LEU A 178 16.09 -9.27 9.90
C LEU A 178 16.62 -9.26 11.33
N THR A 179 17.92 -9.54 11.48
CA THR A 179 18.52 -9.82 12.78
C THR A 179 18.14 -8.75 13.81
N ASP A 180 18.09 -7.49 13.39
CA ASP A 180 17.85 -6.38 14.31
C ASP A 180 16.47 -6.47 14.95
N ARG A 181 15.53 -7.17 14.30
CA ARG A 181 14.14 -7.18 14.73
C ARG A 181 13.73 -8.54 15.29
N PHE A 182 14.71 -9.39 15.63
CA PHE A 182 14.42 -10.76 16.03
C PHE A 182 14.61 -10.91 17.53
N VAL A 183 15.86 -11.08 18.00
CA VAL A 183 16.14 -11.27 19.42
C VAL A 183 17.34 -10.42 19.81
N ASN A 184 17.16 -9.64 20.89
CA ASN A 184 18.21 -8.82 21.49
C ASN A 184 18.93 -9.64 22.55
N GLY A 185 20.05 -10.28 22.15
CA GLY A 185 20.84 -11.09 23.06
C GLY A 185 21.65 -10.24 24.04
N ASN A 186 22.05 -9.04 23.61
CA ASN A 186 22.92 -8.15 24.40
C ASN A 186 22.56 -6.69 24.14
N PRO A 187 21.88 -6.01 25.07
CA PRO A 187 21.50 -4.60 24.87
C PRO A 187 22.66 -3.62 24.78
N ALA A 188 23.86 -4.02 25.24
CA ALA A 188 25.00 -3.12 25.30
C ALA A 188 25.39 -2.58 23.92
N ASN A 189 25.14 -3.35 22.85
CA ASN A 189 25.60 -3.00 21.52
C ASN A 189 24.49 -2.38 20.67
N ASP A 190 23.38 -1.97 21.32
CA ASP A 190 22.22 -1.46 20.60
C ASP A 190 22.51 -0.09 19.97
N ASN A 191 23.47 0.66 20.55
CA ASN A 191 23.68 2.05 20.19
C ASN A 191 25.10 2.29 19.68
N SER A 192 25.60 1.37 18.84
CA SER A 192 26.94 1.48 18.29
C SER A 192 27.05 2.76 17.45
N TYR A 193 28.25 3.38 17.47
CA TYR A 193 28.57 4.52 16.62
C TYR A 193 27.61 5.69 16.87
N GLY A 194 27.10 5.79 18.11
CA GLY A 194 26.27 6.91 18.51
C GLY A 194 24.84 6.85 17.97
N ARG A 195 24.33 5.66 17.64
CA ARG A 195 22.97 5.50 17.16
C ARG A 195 21.97 5.60 18.32
N HIS A 196 20.80 6.18 18.06
CA HIS A 196 19.78 6.35 19.10
C HIS A 196 18.44 5.78 18.63
N LYS A 197 17.63 5.37 19.62
CA LYS A 197 16.20 5.19 19.46
C LYS A 197 15.57 6.56 19.22
N ASP A 198 14.41 6.59 18.56
CA ASP A 198 13.76 7.85 18.19
C ASP A 198 12.77 8.28 19.28
N GLY A 199 12.44 7.37 20.21
CA GLY A 199 11.47 7.68 21.26
C GLY A 199 10.07 7.91 20.69
N MET A 200 9.85 7.47 19.45
CA MET A 200 8.56 7.57 18.79
C MET A 200 8.04 6.15 18.62
N GLN A 201 8.01 5.62 17.39
CA GLN A 201 7.55 4.26 17.14
C GLN A 201 8.69 3.37 16.63
N GLU A 202 9.92 3.89 16.57
CA GLU A 202 11.11 3.10 16.23
C GLU A 202 10.94 2.43 14.86
N ILE A 203 10.31 3.15 13.93
CA ILE A 203 10.04 2.61 12.60
C ILE A 203 11.36 2.23 11.93
N GLY A 204 12.34 3.14 11.99
CA GLY A 204 13.55 3.03 11.17
C GLY A 204 14.83 2.94 11.99
N THR A 205 14.72 2.74 13.32
CA THR A 205 15.87 2.66 14.20
C THR A 205 16.34 1.21 14.35
N PHE A 206 17.54 1.05 14.93
CA PHE A 206 18.02 -0.24 15.40
C PHE A 206 17.32 -0.59 16.71
N HIS A 207 16.45 -1.60 16.67
CA HIS A 207 15.76 -2.10 17.85
C HIS A 207 16.73 -2.83 18.79
N GLY A 208 17.80 -3.40 18.23
CA GLY A 208 18.88 -3.97 19.04
C GLY A 208 19.04 -5.48 18.87
N GLY A 209 18.27 -6.11 17.98
CA GLY A 209 18.45 -7.54 17.71
C GLY A 209 19.86 -7.83 17.18
N ASP A 210 20.42 -8.98 17.56
CA ASP A 210 21.82 -9.28 17.31
C ASP A 210 22.02 -10.77 17.04
N LEU A 211 23.27 -11.14 16.72
CA LEU A 211 23.63 -12.51 16.37
C LEU A 211 23.49 -13.44 17.56
N GLN A 212 23.94 -12.99 18.74
CA GLN A 212 23.81 -13.78 19.95
C GLN A 212 22.36 -14.23 20.13
N GLY A 213 21.45 -13.26 20.10
CA GLY A 213 20.03 -13.53 20.23
C GLY A 213 19.54 -14.55 19.21
N LEU A 214 19.94 -14.36 17.95
CA LEU A 214 19.52 -15.25 16.87
C LEU A 214 20.01 -16.67 17.17
N THR A 215 21.27 -16.78 17.64
CA THR A 215 21.87 -18.05 18.02
C THR A 215 21.06 -18.73 19.11
N SER A 216 20.37 -17.95 19.95
CA SER A 216 19.59 -18.48 21.06
C SER A 216 18.31 -19.17 20.57
N LYS A 217 17.94 -18.98 19.29
CA LYS A 217 16.66 -19.46 18.80
C LYS A 217 16.85 -20.54 17.73
N LEU A 218 18.02 -21.18 17.69
CA LEU A 218 18.34 -22.14 16.65
C LEU A 218 17.54 -23.42 16.84
N ASP A 219 17.28 -23.79 18.11
CA ASP A 219 16.44 -24.92 18.45
C ASP A 219 15.01 -24.69 17.95
N TYR A 220 14.51 -23.47 18.18
CA TYR A 220 13.17 -23.08 17.75
C TYR A 220 13.06 -23.17 16.22
N LEU A 221 14.12 -22.73 15.52
CA LEU A 221 14.14 -22.80 14.06
C LEU A 221 14.25 -24.26 13.62
N GLN A 222 15.07 -25.04 14.33
CA GLN A 222 15.25 -26.44 14.00
C GLN A 222 13.94 -27.22 14.12
N GLN A 223 13.09 -26.83 15.08
CA GLN A 223 11.82 -27.50 15.31
C GLN A 223 10.82 -27.23 14.19
N MET A 224 10.98 -26.10 13.49
CA MET A 224 10.11 -25.74 12.38
C MET A 224 10.48 -26.51 11.11
N GLY A 225 11.59 -27.26 11.16
CA GLY A 225 12.11 -27.94 10.00
C GLY A 225 12.89 -26.99 9.09
N VAL A 226 13.40 -25.90 9.67
CA VAL A 226 14.25 -24.94 8.97
C VAL A 226 15.64 -25.55 8.77
N ASN A 227 16.14 -25.54 7.53
CA ASN A 227 17.47 -26.09 7.24
C ASN A 227 18.34 -25.08 6.48
N ALA A 228 17.87 -23.83 6.37
CA ALA A 228 18.66 -22.73 5.83
C ALA A 228 18.26 -21.45 6.54
N LEU A 229 19.24 -20.69 7.02
CA LEU A 229 19.00 -19.46 7.76
C LEU A 229 19.57 -18.29 6.96
N TRP A 230 18.67 -17.45 6.42
CA TRP A 230 19.04 -16.27 5.66
C TRP A 230 18.95 -15.04 6.56
N ILE A 231 20.11 -14.49 6.91
CA ILE A 231 20.20 -13.35 7.81
C ILE A 231 20.45 -12.10 6.98
N SER A 232 19.89 -10.97 7.46
CA SER A 232 20.24 -9.66 6.92
C SER A 232 21.75 -9.48 7.04
N SER A 233 22.33 -8.65 6.16
CA SER A 233 23.78 -8.48 6.13
C SER A 233 24.27 -8.07 7.51
N PRO A 234 25.25 -8.80 8.10
CA PRO A 234 25.85 -8.40 9.36
C PRO A 234 27.01 -7.42 9.22
N LEU A 235 27.30 -6.99 7.98
CA LEU A 235 28.48 -6.20 7.66
C LEU A 235 28.24 -4.72 8.00
N GLU A 236 29.34 -3.99 8.21
CA GLU A 236 29.30 -2.65 8.76
C GLU A 236 28.53 -1.71 7.84
N GLN A 237 27.51 -1.05 8.40
CA GLN A 237 26.65 -0.14 7.66
C GLN A 237 27.08 1.30 7.89
N ILE A 238 26.44 2.22 7.17
CA ILE A 238 26.45 3.63 7.52
C ILE A 238 26.05 3.76 8.99
N HIS A 239 26.71 4.68 9.71
CA HIS A 239 26.56 4.82 11.14
C HIS A 239 25.32 5.64 11.47
N GLY A 240 24.96 6.56 10.56
CA GLY A 240 23.89 7.51 10.80
C GLY A 240 22.58 7.07 10.14
N TRP A 241 21.77 8.09 9.82
CA TRP A 241 20.38 7.93 9.40
C TRP A 241 20.10 8.89 8.24
N VAL A 242 19.01 8.62 7.51
CA VAL A 242 18.50 9.55 6.52
C VAL A 242 17.03 9.81 6.82
N GLY A 243 16.42 10.74 6.09
CA GLY A 243 15.00 11.00 6.21
C GLY A 243 14.19 9.77 5.80
N GLY A 244 13.26 9.38 6.67
CA GLY A 244 12.43 8.20 6.46
C GLY A 244 11.13 8.55 5.75
N GLY A 245 10.80 7.80 4.69
CA GLY A 245 9.51 7.90 4.04
C GLY A 245 9.38 9.16 3.20
N THR A 246 8.19 9.35 2.61
CA THR A 246 7.96 10.46 1.68
C THR A 246 7.79 11.76 2.47
N LYS A 247 7.58 11.67 3.79
CA LYS A 247 7.29 12.85 4.60
C LYS A 247 8.39 13.11 5.64
N GLY A 248 9.39 12.22 5.74
CA GLY A 248 10.44 12.37 6.75
C GLY A 248 9.86 12.38 8.17
N ASP A 249 9.03 11.38 8.48
CA ASP A 249 8.34 11.31 9.75
C ASP A 249 9.10 10.43 10.74
N PHE A 250 10.26 9.90 10.34
CA PHE A 250 11.09 9.11 11.22
C PHE A 250 12.53 9.09 10.71
N PRO A 251 13.54 8.91 11.59
CA PRO A 251 14.90 8.67 11.15
C PRO A 251 15.13 7.24 10.66
N HIS A 252 15.64 7.10 9.43
CA HIS A 252 15.91 5.81 8.80
C HIS A 252 17.38 5.43 9.00
N TYR A 253 17.62 4.45 9.87
CA TYR A 253 18.95 3.85 10.06
C TYR A 253 19.04 2.57 9.26
N ALA A 254 20.26 2.05 9.09
CA ALA A 254 20.54 0.88 8.27
C ALA A 254 20.33 -0.41 9.07
N TYR A 255 19.13 -0.57 9.66
CA TYR A 255 18.85 -1.67 10.57
C TYR A 255 18.67 -2.98 9.79
N HIS A 256 18.43 -2.85 8.47
CA HIS A 256 18.09 -3.97 7.61
C HIS A 256 19.32 -4.57 6.95
N GLY A 257 20.41 -3.79 6.81
CA GLY A 257 21.69 -4.31 6.35
C GLY A 257 21.98 -3.97 4.88
N TYR A 258 21.12 -3.16 4.26
CA TYR A 258 21.19 -2.89 2.82
C TYR A 258 21.99 -1.61 2.53
N TYR A 259 22.49 -0.94 3.58
CA TYR A 259 23.19 0.33 3.44
C TYR A 259 24.61 0.18 3.97
N THR A 260 25.41 -0.62 3.25
CA THR A 260 26.73 -1.03 3.70
C THR A 260 27.72 0.12 3.51
N GLN A 261 28.76 0.11 4.34
CA GLN A 261 29.80 1.13 4.31
C GLN A 261 31.17 0.44 4.22
N ASP A 262 31.39 -0.56 5.08
CA ASP A 262 32.62 -1.35 5.06
C ASP A 262 32.26 -2.83 5.03
N TRP A 263 32.54 -3.46 3.88
CA TRP A 263 32.27 -4.88 3.65
C TRP A 263 33.25 -5.78 4.39
N SER A 264 34.32 -5.21 4.96
CA SER A 264 35.41 -6.00 5.52
C SER A 264 35.20 -6.26 7.02
N LYS A 265 34.24 -5.59 7.65
CA LYS A 265 34.05 -5.64 9.09
C LYS A 265 32.60 -6.00 9.44
N LEU A 266 32.38 -6.58 10.62
CA LEU A 266 31.04 -6.75 11.17
C LEU A 266 30.54 -5.41 11.71
N ASP A 267 29.22 -5.20 11.62
CA ASP A 267 28.58 -4.07 12.26
C ASP A 267 28.49 -4.33 13.76
N ALA A 268 28.96 -3.37 14.57
CA ALA A 268 29.08 -3.56 16.01
C ALA A 268 27.72 -3.88 16.65
N ASN A 269 26.61 -3.44 16.05
CA ASN A 269 25.28 -3.75 16.56
C ASN A 269 25.03 -5.25 16.57
N MET A 270 25.64 -5.97 15.63
CA MET A 270 25.38 -7.38 15.41
C MET A 270 26.15 -8.25 16.41
N GLY A 271 27.40 -7.84 16.71
CA GLY A 271 28.22 -8.53 17.66
C GLY A 271 29.66 -8.66 17.17
N THR A 272 30.39 -9.60 17.76
CA THR A 272 31.81 -9.80 17.52
C THR A 272 32.00 -10.90 16.48
N GLU A 273 33.26 -11.07 16.06
CA GLU A 273 33.64 -12.15 15.17
C GLU A 273 33.29 -13.49 15.80
N ALA A 274 33.49 -13.59 17.12
CA ALA A 274 33.21 -14.81 17.87
C ALA A 274 31.72 -15.13 17.84
N ASP A 275 30.88 -14.08 17.87
CA ASP A 275 29.43 -14.24 17.88
C ASP A 275 28.98 -14.87 16.56
N LEU A 276 29.59 -14.45 15.46
CA LEU A 276 29.28 -15.00 14.14
C LEU A 276 29.74 -16.46 14.09
N ARG A 277 30.96 -16.72 14.55
CA ARG A 277 31.52 -18.07 14.53
C ARG A 277 30.57 -19.02 15.26
N ARG A 278 30.05 -18.58 16.41
CA ARG A 278 29.13 -19.39 17.19
C ARG A 278 27.80 -19.58 16.45
N LEU A 279 27.29 -18.51 15.83
CA LEU A 279 26.06 -18.61 15.05
C LEU A 279 26.17 -19.72 14.02
N VAL A 280 27.22 -19.66 13.19
CA VAL A 280 27.37 -20.54 12.05
C VAL A 280 27.64 -21.97 12.52
N ASP A 281 28.53 -22.12 13.51
CA ASP A 281 28.93 -23.43 14.00
C ASP A 281 27.75 -24.13 14.67
N GLU A 282 26.98 -23.40 15.48
CA GLU A 282 25.85 -23.98 16.18
C GLU A 282 24.77 -24.35 15.16
N ALA A 283 24.58 -23.48 14.16
CA ALA A 283 23.61 -23.73 13.10
C ALA A 283 23.96 -25.01 12.36
N HIS A 284 25.25 -25.18 12.03
CA HIS A 284 25.72 -26.34 11.31
C HIS A 284 25.47 -27.60 12.14
N LYS A 285 25.75 -27.53 13.44
CA LYS A 285 25.51 -28.64 14.35
C LYS A 285 24.06 -29.12 14.25
N ARG A 286 23.12 -28.21 13.98
CA ARG A 286 21.71 -28.56 13.92
C ARG A 286 21.24 -28.86 12.49
N GLY A 287 22.18 -28.89 11.54
CA GLY A 287 21.87 -29.21 10.16
C GLY A 287 21.25 -28.03 9.42
N ILE A 288 21.51 -26.80 9.91
CA ILE A 288 20.97 -25.58 9.32
C ILE A 288 22.11 -24.85 8.58
N ARG A 289 21.87 -24.54 7.30
CA ARG A 289 22.83 -23.79 6.50
C ARG A 289 22.65 -22.29 6.75
N ILE A 290 23.69 -21.51 6.46
CA ILE A 290 23.70 -20.08 6.71
C ILE A 290 23.82 -19.35 5.38
N LEU A 291 22.99 -18.31 5.21
CA LEU A 291 23.04 -17.44 4.05
C LEU A 291 23.19 -16.01 4.56
N PHE A 292 24.20 -15.30 4.04
CA PHE A 292 24.29 -13.85 4.18
C PHE A 292 23.49 -13.19 3.07
N ASP A 293 22.70 -12.18 3.43
CA ASP A 293 22.20 -11.21 2.47
C ASP A 293 23.40 -10.36 2.06
N VAL A 294 23.62 -10.18 0.75
CA VAL A 294 24.77 -9.44 0.25
C VAL A 294 24.30 -8.37 -0.74
N VAL A 295 25.07 -7.27 -0.82
CA VAL A 295 24.85 -6.18 -1.75
C VAL A 295 26.16 -5.87 -2.48
N MET A 296 26.09 -5.73 -3.81
CA MET A 296 27.19 -5.17 -4.58
C MET A 296 26.73 -3.98 -5.44
N ASN A 297 25.43 -3.69 -5.48
CA ASN A 297 24.92 -2.63 -6.34
C ASN A 297 25.32 -1.25 -5.79
N HIS A 298 25.19 -1.09 -4.47
CA HIS A 298 25.23 0.22 -3.87
C HIS A 298 25.86 0.17 -2.48
N ALA A 299 26.42 1.32 -2.08
CA ALA A 299 26.73 1.60 -0.69
C ALA A 299 25.56 2.38 -0.08
N GLY A 300 25.60 2.56 1.24
CA GLY A 300 24.57 3.32 1.93
C GLY A 300 24.66 4.82 1.61
N TYR A 301 23.58 5.55 1.94
CA TYR A 301 23.52 6.98 1.76
C TYR A 301 24.60 7.67 2.61
N ALA A 302 24.94 8.91 2.23
CA ALA A 302 25.73 9.79 3.06
C ALA A 302 24.89 10.23 4.26
N THR A 303 25.47 10.13 5.46
CA THR A 303 24.80 10.58 6.69
C THR A 303 25.71 11.57 7.42
N LEU A 304 25.12 12.31 8.37
CA LEU A 304 25.87 13.28 9.16
C LEU A 304 26.90 12.54 10.02
N ALA A 305 26.50 11.41 10.59
CA ALA A 305 27.39 10.61 11.44
C ALA A 305 28.68 10.27 10.69
N ASP A 306 28.54 9.84 9.44
CA ASP A 306 29.67 9.35 8.66
C ASP A 306 30.50 10.53 8.14
N MET A 307 29.83 11.59 7.69
CA MET A 307 30.49 12.76 7.18
C MET A 307 31.41 13.35 8.24
N GLN A 308 30.92 13.41 9.50
CA GLN A 308 31.67 13.98 10.60
C GLN A 308 32.83 13.07 10.97
N GLU A 309 32.54 11.78 11.13
CA GLU A 309 33.51 10.80 11.60
C GLU A 309 34.66 10.66 10.59
N PHE A 310 34.33 10.50 9.30
CA PHE A 310 35.32 10.16 8.28
C PHE A 310 35.70 11.39 7.43
N GLN A 311 35.20 12.57 7.82
CA GLN A 311 35.70 13.84 7.31
C GLN A 311 35.55 13.91 5.79
N PHE A 312 34.31 13.78 5.33
CA PHE A 312 33.99 13.96 3.92
C PHE A 312 32.71 14.78 3.81
N GLY A 313 32.36 15.14 2.57
CA GLY A 313 31.17 15.91 2.30
C GLY A 313 31.42 17.39 2.53
N SER A 314 30.35 18.19 2.36
CA SER A 314 30.41 19.64 2.40
C SER A 314 29.10 20.20 2.95
N LEU A 315 29.20 21.17 3.86
CA LEU A 315 28.03 21.78 4.50
C LEU A 315 27.93 23.24 4.11
N TYR A 316 26.69 23.76 4.09
CA TYR A 316 26.43 25.18 3.88
C TYR A 316 26.70 25.94 5.17
N LEU A 317 26.62 25.23 6.31
CA LEU A 317 26.89 25.79 7.62
C LEU A 317 28.40 25.99 7.78
N GLN A 318 28.81 27.24 8.00
CA GLN A 318 30.20 27.57 8.25
C GLN A 318 30.29 28.51 9.44
N GLY A 319 31.31 28.30 10.28
CA GLY A 319 31.55 29.10 11.46
C GLY A 319 30.80 28.55 12.68
N ASP A 320 30.38 29.45 13.58
CA ASP A 320 29.68 29.10 14.79
C ASP A 320 28.34 28.45 14.47
N GLU A 321 27.79 28.79 13.30
CA GLU A 321 26.48 28.33 12.86
C GLU A 321 26.40 26.80 12.83
N LEU A 322 27.55 26.13 12.62
CA LEU A 322 27.61 24.69 12.46
C LEU A 322 27.30 23.98 13.78
N LYS A 323 27.98 24.36 14.86
CA LYS A 323 27.85 23.68 16.14
C LYS A 323 26.51 24.03 16.79
N LYS A 324 25.95 25.21 16.48
CA LYS A 324 24.74 25.68 17.13
C LYS A 324 23.50 25.03 16.49
N THR A 325 23.62 24.55 15.24
CA THR A 325 22.51 23.96 14.52
C THR A 325 22.55 22.44 14.66
N LEU A 326 23.71 21.84 14.36
CA LEU A 326 23.83 20.40 14.29
C LEU A 326 24.35 19.81 15.61
N GLY A 327 25.08 20.61 16.40
CA GLY A 327 25.58 20.16 17.70
C GLY A 327 27.02 19.69 17.62
N GLU A 328 27.53 19.16 18.75
CA GLU A 328 28.88 18.63 18.84
C GLU A 328 28.97 17.37 17.99
N ARG A 329 27.97 16.49 18.13
CA ARG A 329 27.78 15.35 17.25
C ARG A 329 26.60 15.63 16.33
N TRP A 330 26.85 15.71 15.01
CA TRP A 330 25.87 16.17 14.04
C TRP A 330 24.68 15.21 13.95
N THR A 331 24.92 13.93 14.26
CA THR A 331 23.90 12.90 14.12
C THR A 331 22.86 13.01 15.23
N ASP A 332 23.19 13.76 16.30
CA ASP A 332 22.27 14.02 17.39
C ASP A 332 21.23 15.07 17.01
N TRP A 333 21.35 15.65 15.82
CA TRP A 333 20.39 16.62 15.33
C TRP A 333 19.00 15.98 15.27
N LYS A 334 18.00 16.74 15.74
CA LYS A 334 16.61 16.33 15.60
C LYS A 334 15.83 17.48 14.99
N PRO A 335 14.81 17.21 14.14
CA PRO A 335 14.05 18.27 13.49
C PRO A 335 13.23 19.11 14.47
N GLY A 336 13.37 20.43 14.39
CA GLY A 336 12.57 21.35 15.17
C GLY A 336 11.24 21.64 14.48
N ALA A 337 10.56 22.71 14.91
CA ALA A 337 9.26 23.09 14.41
C ALA A 337 9.37 23.55 12.96
N GLY A 338 8.48 23.04 12.10
CA GLY A 338 8.44 23.40 10.69
C GLY A 338 9.40 22.56 9.85
N GLN A 339 10.07 21.58 10.47
CA GLN A 339 11.02 20.72 9.77
C GLN A 339 10.55 19.27 9.79
N THR A 340 11.21 18.44 8.99
CA THR A 340 11.06 16.99 9.02
C THR A 340 12.46 16.39 9.15
N TRP A 341 12.55 15.05 9.17
CA TRP A 341 13.84 14.37 9.20
C TRP A 341 14.52 14.42 7.83
N HIS A 342 13.87 15.04 6.83
CA HIS A 342 14.49 15.33 5.54
C HIS A 342 15.13 16.73 5.54
N SER A 343 14.80 17.56 6.53
CA SER A 343 15.17 18.97 6.51
C SER A 343 16.68 19.16 6.60
N PHE A 344 17.40 18.20 7.19
CA PHE A 344 18.84 18.32 7.40
C PHE A 344 19.58 18.44 6.07
N ASN A 345 18.95 17.93 4.99
CA ASN A 345 19.52 17.97 3.65
C ASN A 345 19.81 19.42 3.21
N ASP A 346 19.03 20.38 3.71
CA ASP A 346 19.18 21.77 3.33
C ASP A 346 20.47 22.37 3.90
N TYR A 347 21.07 21.69 4.89
CA TYR A 347 22.34 22.12 5.46
C TYR A 347 23.51 21.61 4.63
N ILE A 348 23.28 20.58 3.80
CA ILE A 348 24.34 19.91 3.07
C ILE A 348 24.46 20.52 1.67
N ASN A 349 25.70 20.76 1.24
CA ASN A 349 25.99 21.26 -0.10
C ASN A 349 26.41 20.08 -0.98
N PHE A 350 25.46 19.56 -1.76
CA PHE A 350 25.69 18.36 -2.54
C PHE A 350 26.36 18.68 -3.88
N SER A 351 26.67 19.96 -4.15
CA SER A 351 27.30 20.32 -5.40
C SER A 351 28.82 20.46 -5.28
N ASP A 352 29.35 20.47 -4.05
CA ASP A 352 30.77 20.74 -3.82
C ASP A 352 31.62 19.54 -4.28
N LYS A 353 32.54 19.79 -5.22
CA LYS A 353 33.30 18.73 -5.87
C LYS A 353 34.35 18.15 -4.91
N ALA A 354 35.17 19.02 -4.33
CA ALA A 354 36.31 18.59 -3.53
C ALA A 354 35.84 17.87 -2.27
N GLY A 355 34.79 18.42 -1.64
CA GLY A 355 34.25 17.86 -0.41
C GLY A 355 33.84 16.40 -0.61
N TRP A 356 33.09 16.13 -1.67
CA TRP A 356 32.42 14.84 -1.82
C TRP A 356 33.34 13.82 -2.47
N GLU A 357 34.42 14.27 -3.11
CA GLU A 357 35.46 13.39 -3.61
C GLU A 357 36.13 12.66 -2.46
N LYS A 358 36.11 13.26 -1.26
CA LYS A 358 36.73 12.68 -0.07
C LYS A 358 35.92 11.49 0.46
N TRP A 359 34.74 11.26 -0.12
CA TRP A 359 33.93 10.10 0.21
C TRP A 359 34.49 8.86 -0.49
N TRP A 360 33.64 8.10 -1.20
CA TRP A 360 34.10 6.91 -1.92
C TRP A 360 35.15 7.28 -2.97
N GLY A 361 34.87 8.34 -3.73
CA GLY A 361 35.78 8.83 -4.75
C GLY A 361 35.28 8.47 -6.15
N LYS A 362 35.76 9.22 -7.15
CA LYS A 362 35.20 9.23 -8.49
C LYS A 362 35.34 7.86 -9.17
N LYS A 363 36.28 7.04 -8.70
CA LYS A 363 36.54 5.76 -9.32
C LYS A 363 35.60 4.66 -8.81
N TRP A 364 34.80 4.96 -7.77
CA TRP A 364 34.06 3.93 -7.04
C TRP A 364 32.56 3.94 -7.35
N ILE A 365 31.92 5.12 -7.36
CA ILE A 365 30.46 5.17 -7.36
C ILE A 365 29.95 6.13 -8.44
N ARG A 366 28.69 5.94 -8.83
CA ARG A 366 27.92 6.90 -9.58
C ARG A 366 26.85 7.52 -8.67
N ILE A 367 26.70 8.84 -8.74
CA ILE A 367 25.73 9.57 -7.92
C ILE A 367 25.67 11.02 -8.39
N ASP A 368 24.48 11.62 -8.32
CA ASP A 368 24.28 13.00 -8.75
C ASP A 368 24.75 13.96 -7.65
N ILE A 369 26.02 13.83 -7.26
CA ILE A 369 26.65 14.64 -6.23
C ILE A 369 28.01 15.09 -6.77
N GLY A 370 28.38 16.34 -6.52
CA GLY A 370 29.74 16.83 -6.73
C GLY A 370 30.27 16.56 -8.13
N ASP A 371 31.43 15.89 -8.20
CA ASP A 371 32.15 15.68 -9.45
C ASP A 371 32.14 14.20 -9.82
N TYR A 372 31.15 13.45 -9.32
CA TYR A 372 31.05 12.02 -9.58
C TYR A 372 30.58 11.82 -11.03
N ASP A 373 30.84 10.63 -11.57
CA ASP A 373 30.16 10.17 -12.77
C ASP A 373 28.65 10.18 -12.49
N ASN A 374 27.88 10.78 -13.40
CA ASN A 374 26.44 10.87 -13.23
C ASN A 374 25.84 9.48 -13.46
N PRO A 375 24.76 9.11 -12.73
CA PRO A 375 24.06 7.85 -12.99
C PRO A 375 23.52 7.76 -14.42
N GLY A 376 23.50 6.55 -14.98
CA GLY A 376 22.89 6.30 -16.27
C GLY A 376 21.37 6.25 -16.17
N TYR A 377 20.71 5.91 -17.29
CA TYR A 377 19.26 5.90 -17.39
C TYR A 377 18.77 4.48 -17.64
N ASP A 378 19.48 3.49 -17.11
CA ASP A 378 19.11 2.10 -17.25
C ASP A 378 19.31 1.40 -15.91
N ASP A 379 18.85 0.14 -15.83
CA ASP A 379 18.89 -0.63 -14.59
C ASP A 379 20.32 -0.67 -14.01
N LEU A 380 21.33 -0.81 -14.88
CA LEU A 380 22.68 -1.20 -14.44
C LEU A 380 23.44 0.00 -13.89
N THR A 381 23.22 1.19 -14.45
CA THR A 381 24.04 2.33 -14.11
C THR A 381 23.24 3.39 -13.36
N MET A 382 21.93 3.19 -13.16
CA MET A 382 21.11 4.15 -12.45
C MET A 382 21.45 4.14 -10.96
N SER A 383 21.12 5.26 -10.30
CA SER A 383 21.21 5.39 -8.86
C SER A 383 19.87 4.99 -8.24
N LEU A 384 19.80 3.75 -7.73
CA LEU A 384 18.57 3.20 -7.18
C LEU A 384 18.20 3.95 -5.90
N ALA A 385 17.09 4.69 -5.96
CA ALA A 385 16.59 5.50 -4.85
C ALA A 385 17.69 6.39 -4.27
N PHE A 386 18.51 6.97 -5.18
CA PHE A 386 19.53 7.96 -4.86
C PHE A 386 20.70 7.33 -4.09
N LEU A 387 20.84 6.00 -4.13
CA LEU A 387 21.93 5.31 -3.47
C LEU A 387 23.18 5.39 -4.33
N PRO A 388 24.38 5.59 -3.76
CA PRO A 388 25.59 5.60 -4.57
C PRO A 388 25.76 4.26 -5.30
N ASP A 389 25.80 4.32 -6.64
CA ASP A 389 25.86 3.12 -7.45
C ASP A 389 27.33 2.73 -7.66
N LEU A 390 27.72 1.59 -7.07
CA LEU A 390 29.07 1.07 -7.23
C LEU A 390 29.31 0.73 -8.70
N LYS A 391 30.52 1.06 -9.19
CA LYS A 391 30.89 0.86 -10.59
C LYS A 391 31.48 -0.54 -10.77
N THR A 392 30.59 -1.54 -10.78
CA THR A 392 30.98 -2.95 -10.83
C THR A 392 31.58 -3.29 -12.20
N GLU A 393 31.17 -2.54 -13.23
CA GLU A 393 31.57 -2.82 -14.60
C GLU A 393 32.89 -2.12 -14.94
N SER A 394 33.36 -1.25 -14.04
CA SER A 394 34.58 -0.49 -14.26
C SER A 394 35.78 -1.44 -14.35
N LYS A 395 36.73 -1.07 -15.22
CA LYS A 395 37.99 -1.79 -15.39
C LYS A 395 39.15 -0.99 -14.78
N GLU A 396 38.86 0.19 -14.22
CA GLU A 396 39.88 1.08 -13.68
C GLU A 396 40.35 0.54 -12.32
N ILE A 397 41.68 0.48 -12.15
CA ILE A 397 42.28 0.18 -10.85
C ILE A 397 42.00 1.36 -9.93
N SER A 398 41.39 1.10 -8.76
CA SER A 398 40.70 2.13 -8.00
C SER A 398 41.47 2.51 -6.73
N GLY A 399 42.24 1.57 -6.16
CA GLY A 399 42.70 1.69 -4.79
C GLY A 399 41.50 1.71 -3.84
N LEU A 400 41.77 1.85 -2.54
CA LEU A 400 40.71 1.83 -1.53
C LEU A 400 39.81 3.04 -1.73
N PRO A 401 38.59 3.03 -1.17
CA PRO A 401 37.76 4.24 -1.14
C PRO A 401 38.46 5.37 -0.39
N ASN A 402 38.32 6.60 -0.88
CA ASN A 402 39.09 7.72 -0.37
C ASN A 402 38.94 7.81 1.15
N PHE A 403 37.70 7.73 1.64
CA PHE A 403 37.36 8.04 3.02
C PHE A 403 37.89 6.94 3.96
N TYR A 404 38.31 5.79 3.42
CA TYR A 404 38.87 4.73 4.24
C TYR A 404 40.22 5.16 4.85
N SER A 405 40.81 6.23 4.31
CA SER A 405 42.03 6.80 4.85
C SER A 405 41.80 7.32 6.27
N HIS A 406 40.55 7.70 6.59
CA HIS A 406 40.18 8.15 7.92
C HIS A 406 39.40 7.08 8.68
N LYS A 407 39.59 5.81 8.30
CA LYS A 407 38.89 4.70 8.94
C LYS A 407 39.89 3.62 9.31
N PRO A 408 40.70 3.83 10.38
CA PRO A 408 41.80 2.91 10.69
C PRO A 408 41.39 1.53 11.20
N ASP A 409 40.09 1.30 11.46
CA ASP A 409 39.62 0.03 12.00
C ASP A 409 39.22 -0.96 10.90
N THR A 410 39.43 -0.56 9.63
CA THR A 410 39.03 -1.38 8.49
C THR A 410 40.04 -2.50 8.28
N ALA A 411 39.53 -3.67 7.85
CA ALA A 411 40.35 -4.79 7.43
C ALA A 411 40.67 -4.68 5.93
N ALA A 412 40.10 -3.68 5.26
CA ALA A 412 40.31 -3.49 3.84
C ALA A 412 41.72 -2.96 3.58
N LYS A 413 42.49 -3.72 2.79
CA LYS A 413 43.80 -3.33 2.33
C LYS A 413 43.74 -3.07 0.82
N ALA A 414 44.50 -2.07 0.36
CA ALA A 414 44.72 -1.86 -1.06
C ALA A 414 45.49 -3.05 -1.62
N ILE A 415 45.02 -3.57 -2.77
CA ILE A 415 45.60 -4.75 -3.38
C ILE A 415 46.01 -4.39 -4.80
N PRO A 416 47.29 -4.63 -5.20
CA PRO A 416 47.75 -4.29 -6.53
C PRO A 416 46.83 -4.81 -7.63
N GLY A 417 46.28 -3.89 -8.43
CA GLY A 417 45.60 -4.23 -9.67
C GLY A 417 44.08 -4.35 -9.52
N TYR A 418 43.56 -4.22 -8.29
CA TYR A 418 42.16 -4.53 -8.02
C TYR A 418 41.26 -3.39 -8.50
N THR A 419 40.13 -3.78 -9.11
CA THR A 419 39.04 -2.88 -9.47
C THR A 419 38.03 -2.86 -8.32
N PRO A 420 37.07 -1.91 -8.30
CA PRO A 420 36.01 -1.89 -7.30
C PRO A 420 35.26 -3.22 -7.17
N ARG A 421 35.02 -3.90 -8.30
CA ARG A 421 34.36 -5.18 -8.31
C ARG A 421 35.24 -6.24 -7.66
N ASP A 422 36.54 -6.21 -7.96
CA ASP A 422 37.49 -7.18 -7.45
C ASP A 422 37.54 -7.09 -5.92
N TYR A 423 37.50 -5.87 -5.39
CA TYR A 423 37.49 -5.66 -3.95
C TYR A 423 36.23 -6.25 -3.34
N LEU A 424 35.08 -5.96 -3.95
CA LEU A 424 33.79 -6.39 -3.42
C LEU A 424 33.71 -7.91 -3.33
N THR A 425 34.09 -8.60 -4.41
CA THR A 425 33.99 -10.04 -4.46
C THR A 425 34.99 -10.67 -3.51
N HIS A 426 36.16 -10.03 -3.35
CA HIS A 426 37.16 -10.46 -2.39
C HIS A 426 36.59 -10.33 -0.97
N TRP A 427 35.98 -9.18 -0.70
CA TRP A 427 35.52 -8.85 0.65
C TRP A 427 34.42 -9.80 1.10
N LEU A 428 33.51 -10.16 0.18
CA LEU A 428 32.39 -11.04 0.51
C LEU A 428 32.88 -12.48 0.64
N SER A 429 33.82 -12.87 -0.22
CA SER A 429 34.33 -14.25 -0.27
C SER A 429 35.15 -14.57 0.97
N GLN A 430 35.79 -13.55 1.55
CA GLN A 430 36.64 -13.73 2.72
C GLN A 430 35.80 -14.24 3.89
N TRP A 431 34.56 -13.75 4.01
CA TRP A 431 33.62 -14.22 5.03
C TRP A 431 33.28 -15.69 4.80
N VAL A 432 33.11 -16.09 3.53
CA VAL A 432 32.83 -17.47 3.18
C VAL A 432 34.04 -18.32 3.57
N ARG A 433 35.24 -17.80 3.28
CA ARG A 433 36.48 -18.52 3.53
C ARG A 433 36.71 -18.70 5.02
N ASP A 434 36.37 -17.68 5.82
CA ASP A 434 36.77 -17.63 7.23
C ASP A 434 35.75 -18.33 8.12
N TYR A 435 34.46 -18.29 7.77
CA TYR A 435 33.41 -18.78 8.65
C TYR A 435 32.63 -19.95 8.05
N GLY A 436 32.83 -20.25 6.76
CA GLY A 436 32.14 -21.35 6.11
C GLY A 436 30.67 -21.05 5.85
N ILE A 437 30.39 -19.85 5.32
CA ILE A 437 29.05 -19.44 4.94
C ILE A 437 28.62 -20.26 3.72
N ASP A 438 27.43 -20.86 3.79
CA ASP A 438 27.02 -21.87 2.83
C ASP A 438 26.55 -21.25 1.53
N GLY A 439 25.98 -20.03 1.58
CA GLY A 439 25.49 -19.41 0.37
C GLY A 439 25.24 -17.91 0.57
N PHE A 440 24.77 -17.26 -0.50
CA PHE A 440 24.35 -15.86 -0.44
C PHE A 440 22.93 -15.72 -0.98
N ARG A 441 22.22 -14.70 -0.47
CA ARG A 441 21.08 -14.13 -1.15
C ARG A 441 21.49 -12.76 -1.67
N VAL A 442 21.35 -12.56 -2.99
CA VAL A 442 21.91 -11.40 -3.64
C VAL A 442 20.80 -10.37 -3.86
N ASP A 443 21.03 -9.16 -3.33
CA ASP A 443 20.09 -8.06 -3.47
C ASP A 443 20.27 -7.41 -4.84
N THR A 444 19.23 -6.70 -5.28
CA THR A 444 19.29 -5.79 -6.42
C THR A 444 20.03 -6.44 -7.59
N ALA A 445 19.60 -7.65 -7.95
CA ALA A 445 20.33 -8.48 -8.91
C ALA A 445 20.28 -7.88 -10.31
N LYS A 446 19.21 -7.15 -10.63
CA LYS A 446 18.99 -6.68 -11.98
C LYS A 446 19.64 -5.32 -12.19
N HIS A 447 20.34 -4.79 -11.19
CA HIS A 447 20.98 -3.49 -11.29
C HIS A 447 22.50 -3.61 -11.34
N VAL A 448 23.00 -4.86 -11.40
CA VAL A 448 24.42 -5.15 -11.57
C VAL A 448 24.55 -6.13 -12.73
N GLU A 449 25.63 -6.01 -13.51
CA GLU A 449 25.82 -6.82 -14.69
C GLU A 449 26.06 -8.28 -14.29
N MET A 450 25.64 -9.20 -15.17
CA MET A 450 25.69 -10.63 -14.91
C MET A 450 27.10 -11.11 -14.61
N ASP A 451 28.11 -10.51 -15.27
CA ASP A 451 29.50 -10.93 -15.14
C ASP A 451 29.98 -10.80 -13.70
N ALA A 452 29.58 -9.72 -13.03
CA ALA A 452 29.97 -9.44 -11.65
C ALA A 452 29.47 -10.56 -10.72
N TRP A 453 28.22 -10.96 -10.93
CA TRP A 453 27.62 -12.02 -10.13
C TRP A 453 28.36 -13.34 -10.35
N GLN A 454 28.81 -13.57 -11.59
CA GLN A 454 29.54 -14.79 -11.93
C GLN A 454 30.88 -14.79 -11.18
N GLN A 455 31.53 -13.63 -11.13
CA GLN A 455 32.80 -13.49 -10.43
C GLN A 455 32.59 -13.76 -8.94
N LEU A 456 31.49 -13.24 -8.37
CA LEU A 456 31.17 -13.44 -6.97
C LEU A 456 31.00 -14.94 -6.70
N LYS A 457 30.26 -15.61 -7.58
CA LYS A 457 29.93 -17.01 -7.38
C LYS A 457 31.19 -17.87 -7.45
N THR A 458 32.01 -17.64 -8.48
CA THR A 458 33.26 -18.35 -8.68
C THR A 458 34.13 -18.24 -7.44
N GLN A 459 34.32 -17.01 -6.95
CA GLN A 459 35.22 -16.73 -5.83
C GLN A 459 34.64 -17.31 -4.55
N ALA A 460 33.33 -17.19 -4.37
CA ALA A 460 32.64 -17.72 -3.20
C ALA A 460 32.71 -19.24 -3.19
N THR A 461 32.55 -19.86 -4.36
CA THR A 461 32.62 -21.31 -4.50
C THR A 461 33.98 -21.81 -4.04
N ALA A 462 35.04 -21.10 -4.46
CA ALA A 462 36.41 -21.46 -4.11
C ALA A 462 36.64 -21.27 -2.61
N ALA A 463 36.12 -20.15 -2.09
CA ALA A 463 36.26 -19.80 -0.68
C ALA A 463 35.66 -20.88 0.21
N LEU A 464 34.47 -21.38 -0.16
CA LEU A 464 33.77 -22.37 0.67
C LEU A 464 34.56 -23.68 0.64
N ALA A 465 34.98 -24.10 -0.56
CA ALA A 465 35.73 -25.34 -0.74
C ALA A 465 37.00 -25.31 0.10
N GLU A 466 37.63 -24.13 0.18
CA GLU A 466 38.88 -23.96 0.93
C GLU A 466 38.61 -24.20 2.42
N TRP A 467 37.50 -23.64 2.92
CA TRP A 467 37.14 -23.70 4.34
C TRP A 467 36.79 -25.14 4.73
N LYS A 468 35.99 -25.82 3.90
CA LYS A 468 35.56 -27.18 4.17
C LYS A 468 36.76 -28.11 4.22
N LYS A 469 37.79 -27.83 3.41
CA LYS A 469 39.01 -28.60 3.39
C LYS A 469 39.81 -28.33 4.67
N ALA A 470 39.80 -27.07 5.13
CA ALA A 470 40.51 -26.66 6.33
C ALA A 470 39.77 -27.12 7.60
N ASN A 471 38.46 -27.35 7.48
CA ASN A 471 37.61 -27.65 8.62
C ASN A 471 36.79 -28.90 8.34
N PRO A 472 37.43 -30.09 8.21
CA PRO A 472 36.72 -31.32 7.90
C PRO A 472 35.83 -31.83 9.04
N ASP A 473 36.17 -31.45 10.28
CA ASP A 473 35.40 -31.80 11.45
C ASP A 473 34.04 -31.10 11.40
N LYS A 474 34.00 -29.86 10.89
CA LYS A 474 32.85 -28.97 11.01
C LYS A 474 31.89 -29.12 9.83
N ALA A 475 32.43 -29.34 8.63
CA ALA A 475 31.63 -29.38 7.42
C ALA A 475 30.61 -30.52 7.47
N LEU A 476 29.41 -30.26 6.94
CA LEU A 476 28.31 -31.21 6.98
C LEU A 476 28.37 -32.13 5.77
N ASP A 477 28.83 -31.58 4.64
CA ASP A 477 28.97 -32.33 3.42
C ASP A 477 29.99 -31.61 2.55
N ALA A 478 30.18 -32.06 1.32
CA ALA A 478 31.09 -31.42 0.38
C ALA A 478 30.32 -30.67 -0.71
N ALA A 479 29.09 -30.25 -0.40
CA ALA A 479 28.26 -29.53 -1.35
C ALA A 479 28.90 -28.19 -1.70
N PRO A 480 28.70 -27.67 -2.94
CA PRO A 480 29.27 -26.39 -3.34
C PRO A 480 28.47 -25.20 -2.83
N PHE A 481 29.10 -24.02 -2.85
CA PHE A 481 28.46 -22.78 -2.43
C PHE A 481 27.19 -22.55 -3.25
N TRP A 482 26.16 -22.02 -2.57
CA TRP A 482 24.85 -21.80 -3.18
C TRP A 482 24.60 -20.29 -3.29
N MET A 483 23.83 -19.87 -4.31
CA MET A 483 23.56 -18.46 -4.49
C MET A 483 22.18 -18.26 -5.10
N THR A 484 21.32 -17.52 -4.38
CA THR A 484 20.03 -17.09 -4.87
C THR A 484 20.06 -15.57 -5.00
N GLY A 485 19.13 -15.01 -5.79
CA GLY A 485 19.13 -13.59 -6.08
C GLY A 485 17.72 -13.01 -6.12
N GLU A 486 17.64 -11.69 -5.87
CA GLU A 486 16.41 -10.93 -6.03
C GLU A 486 16.52 -10.07 -7.29
N ALA A 487 15.96 -10.57 -8.39
CA ALA A 487 15.69 -9.77 -9.57
C ALA A 487 14.20 -9.40 -9.57
N TRP A 488 13.91 -8.10 -9.52
CA TRP A 488 12.58 -7.63 -9.21
C TRP A 488 11.55 -8.19 -10.20
N GLY A 489 10.53 -8.86 -9.65
CA GLY A 489 9.39 -9.33 -10.44
C GLY A 489 9.62 -10.68 -11.09
N HIS A 490 10.69 -11.38 -10.70
CA HIS A 490 11.07 -12.65 -11.34
C HIS A 490 10.03 -13.72 -11.01
N GLY A 491 9.74 -14.59 -11.98
CA GLY A 491 8.76 -15.65 -11.82
C GLY A 491 9.40 -17.03 -11.92
N VAL A 492 8.55 -18.04 -12.14
CA VAL A 492 9.00 -19.42 -12.24
C VAL A 492 9.50 -19.66 -13.66
N MET A 493 10.77 -19.31 -13.89
CA MET A 493 11.38 -19.30 -15.21
C MET A 493 12.89 -19.51 -15.06
N GLN A 494 13.51 -20.24 -15.99
CA GLN A 494 14.95 -20.46 -15.95
C GLN A 494 15.63 -19.38 -16.79
N SER A 495 15.72 -18.17 -16.22
CA SER A 495 16.26 -17.01 -16.91
C SER A 495 17.78 -17.14 -17.02
N ASP A 496 18.41 -16.14 -17.65
CA ASP A 496 19.86 -16.14 -17.87
C ASP A 496 20.63 -16.06 -16.56
N TYR A 497 19.98 -15.64 -15.47
CA TYR A 497 20.62 -15.59 -14.16
C TYR A 497 21.18 -16.96 -13.80
N TYR A 498 20.48 -18.02 -14.24
CA TYR A 498 20.82 -19.39 -13.89
C TYR A 498 22.15 -19.80 -14.54
N ARG A 499 22.58 -19.06 -15.57
CA ARG A 499 23.82 -19.38 -16.28
C ARG A 499 24.88 -18.33 -15.99
N HIS A 500 24.67 -17.54 -14.93
CA HIS A 500 25.67 -16.60 -14.46
C HIS A 500 25.83 -16.71 -12.95
N GLY A 501 25.65 -17.92 -12.41
CA GLY A 501 26.07 -18.24 -11.05
C GLY A 501 24.93 -18.43 -10.06
N PHE A 502 23.67 -18.20 -10.48
CA PHE A 502 22.53 -18.34 -9.58
C PHE A 502 21.98 -19.75 -9.68
N ASP A 503 21.88 -20.43 -8.53
CA ASP A 503 21.32 -21.76 -8.44
C ASP A 503 19.80 -21.70 -8.39
N ALA A 504 19.28 -20.56 -7.93
CA ALA A 504 17.85 -20.32 -7.84
C ALA A 504 17.60 -18.82 -7.79
N MET A 505 16.44 -18.40 -8.30
CA MET A 505 16.03 -17.00 -8.19
C MET A 505 14.74 -16.94 -7.39
N ILE A 506 14.55 -15.82 -6.69
CA ILE A 506 13.39 -15.63 -5.83
C ILE A 506 12.18 -15.37 -6.71
N ASN A 507 11.07 -16.06 -6.37
CA ASN A 507 9.86 -16.12 -7.18
C ASN A 507 8.82 -15.15 -6.62
N PHE A 508 8.54 -14.07 -7.38
CA PHE A 508 7.66 -13.01 -6.94
C PHE A 508 6.19 -13.36 -7.14
N ASP A 509 5.90 -14.44 -7.87
CA ASP A 509 4.56 -14.72 -8.36
C ASP A 509 3.77 -15.60 -7.40
N TYR A 510 4.45 -16.28 -6.46
CA TYR A 510 3.77 -17.25 -5.61
C TYR A 510 2.84 -16.51 -4.64
N GLN A 511 3.26 -15.31 -4.22
CA GLN A 511 2.53 -14.50 -3.26
C GLN A 511 1.08 -14.31 -3.70
N ASP A 512 0.86 -13.90 -4.96
CA ASP A 512 -0.47 -13.65 -5.49
C ASP A 512 -1.26 -14.95 -5.68
N GLN A 513 -0.58 -16.05 -6.02
CA GLN A 513 -1.23 -17.33 -6.20
C GLN A 513 -1.76 -17.85 -4.86
N ALA A 514 -0.92 -17.78 -3.82
CA ALA A 514 -1.31 -18.19 -2.48
C ALA A 514 -2.49 -17.35 -1.98
N ALA A 515 -2.51 -16.06 -2.36
CA ALA A 515 -3.58 -15.15 -1.97
C ALA A 515 -4.92 -15.64 -2.51
N LYS A 516 -4.91 -16.20 -3.74
CA LYS A 516 -6.12 -16.68 -4.37
C LYS A 516 -6.60 -17.99 -3.73
N ALA A 517 -5.79 -18.60 -2.85
CA ALA A 517 -6.15 -19.85 -2.21
C ALA A 517 -6.28 -19.67 -0.70
N ALA A 518 -6.42 -18.41 -0.26
CA ALA A 518 -6.42 -18.09 1.16
C ALA A 518 -7.71 -18.57 1.82
N THR A 519 -8.82 -18.52 1.09
CA THR A 519 -10.13 -18.91 1.61
C THR A 519 -10.42 -20.36 1.26
N CYS A 520 -9.70 -20.92 0.27
CA CYS A 520 -9.91 -22.28 -0.21
C CYS A 520 -8.58 -22.86 -0.69
N MET A 521 -8.00 -23.75 0.11
CA MET A 521 -6.64 -24.23 -0.12
C MET A 521 -6.54 -24.88 -1.50
N ALA A 522 -7.59 -25.60 -1.91
CA ALA A 522 -7.58 -26.38 -3.14
C ALA A 522 -7.33 -25.50 -4.38
N ASN A 523 -7.52 -24.18 -4.26
CA ASN A 523 -7.37 -23.29 -5.40
C ASN A 523 -5.91 -23.20 -5.84
N ILE A 524 -4.98 -23.68 -5.01
CA ILE A 524 -3.55 -23.61 -5.32
C ILE A 524 -3.16 -24.76 -6.26
N ASP A 525 -4.07 -25.72 -6.48
CA ASP A 525 -3.72 -26.97 -7.15
C ASP A 525 -3.02 -26.73 -8.48
N LEU A 526 -3.59 -25.85 -9.31
CA LEU A 526 -3.07 -25.61 -10.66
C LEU A 526 -1.65 -25.04 -10.57
N THR A 527 -1.44 -24.10 -9.64
CA THR A 527 -0.14 -23.50 -9.42
C THR A 527 0.86 -24.57 -9.01
N TRP A 528 0.47 -25.46 -8.08
CA TRP A 528 1.36 -26.51 -7.60
C TRP A 528 1.71 -27.51 -8.70
N GLN A 529 0.74 -27.88 -9.54
CA GLN A 529 0.98 -28.79 -10.64
C GLN A 529 1.98 -28.20 -11.63
N GLN A 530 1.75 -26.95 -12.03
CA GLN A 530 2.64 -26.24 -12.94
C GLN A 530 4.06 -26.17 -12.37
N MET A 531 4.17 -25.80 -11.09
CA MET A 531 5.46 -25.60 -10.46
C MET A 531 6.21 -26.93 -10.32
N ALA A 532 5.51 -27.99 -9.89
CA ALA A 532 6.13 -29.30 -9.73
C ALA A 532 6.71 -29.81 -11.06
N ASP A 533 6.01 -29.53 -12.16
CA ASP A 533 6.47 -29.95 -13.49
C ASP A 533 7.64 -29.08 -13.93
N LYS A 534 7.43 -27.75 -13.94
CA LYS A 534 8.44 -26.80 -14.38
C LYS A 534 9.75 -26.98 -13.62
N LEU A 535 9.67 -27.27 -12.32
CA LEU A 535 10.84 -27.24 -11.45
C LEU A 535 11.50 -28.62 -11.38
N GLN A 536 11.18 -29.51 -12.33
CA GLN A 536 11.93 -30.75 -12.51
C GLN A 536 13.31 -30.45 -13.08
N SER A 537 13.48 -29.28 -13.73
CA SER A 537 14.72 -28.93 -14.39
C SER A 537 15.44 -27.74 -13.75
N PHE A 538 14.85 -27.11 -12.72
CA PHE A 538 15.51 -26.02 -12.00
C PHE A 538 14.78 -25.73 -10.69
N ASN A 539 15.29 -24.75 -9.94
CA ASN A 539 14.77 -24.39 -8.62
C ASN A 539 14.44 -22.89 -8.57
N VAL A 540 13.54 -22.52 -7.64
CA VAL A 540 13.26 -21.13 -7.28
C VAL A 540 13.05 -21.07 -5.76
N LEU A 541 13.10 -19.85 -5.21
CA LEU A 541 12.78 -19.60 -3.82
C LEU A 541 11.47 -18.81 -3.74
N SER A 542 10.40 -19.46 -3.26
CA SER A 542 9.07 -18.87 -3.19
C SER A 542 8.78 -18.40 -1.76
N TYR A 543 7.96 -17.35 -1.64
CA TYR A 543 7.62 -16.76 -0.35
C TYR A 543 6.16 -16.29 -0.33
N LEU A 544 5.59 -16.22 0.88
CA LEU A 544 4.30 -15.57 1.11
C LEU A 544 4.53 -14.09 1.42
N SER A 545 5.52 -13.84 2.30
CA SER A 545 5.75 -12.51 2.86
C SER A 545 7.19 -12.08 2.58
N SER A 546 7.39 -10.76 2.41
CA SER A 546 8.74 -10.21 2.26
C SER A 546 8.81 -8.80 2.82
N HIS A 547 10.04 -8.31 2.95
CA HIS A 547 10.34 -6.98 3.47
C HIS A 547 10.07 -5.88 2.44
N ASP A 548 9.74 -6.24 1.19
CA ASP A 548 9.50 -5.25 0.16
C ASP A 548 8.21 -5.54 -0.62
N THR A 549 7.31 -6.32 -0.04
CA THR A 549 5.96 -6.50 -0.57
C THR A 549 4.98 -6.24 0.58
N ARG A 550 4.59 -7.31 1.29
CA ARG A 550 3.64 -7.21 2.38
C ARG A 550 3.79 -8.43 3.29
N LEU A 551 3.10 -8.42 4.43
CA LEU A 551 2.95 -9.59 5.26
C LEU A 551 1.68 -10.32 4.84
N PHE A 552 1.78 -11.64 4.62
CA PHE A 552 0.65 -12.46 4.23
C PHE A 552 -0.09 -12.91 5.49
N ARG A 553 -1.26 -12.33 5.73
CA ARG A 553 -2.03 -12.61 6.93
C ARG A 553 -3.50 -12.94 6.62
N GLU A 554 -3.82 -13.12 5.33
CA GLU A 554 -5.19 -13.36 4.92
C GLU A 554 -5.49 -14.86 4.82
N GLY A 555 -4.54 -15.72 5.23
CA GLY A 555 -4.68 -17.15 5.01
C GLY A 555 -5.32 -17.87 6.19
N GLY A 556 -5.98 -17.12 7.08
CA GLY A 556 -6.40 -17.67 8.37
C GLY A 556 -5.24 -18.45 9.00
N ALA A 557 -5.47 -19.75 9.25
CA ALA A 557 -4.48 -20.61 9.86
C ALA A 557 -3.75 -21.46 8.82
N THR A 558 -3.99 -21.20 7.52
CA THR A 558 -3.61 -22.13 6.47
C THR A 558 -2.31 -21.71 5.77
N ALA A 559 -1.66 -20.65 6.24
CA ALA A 559 -0.50 -20.08 5.56
C ALA A 559 0.67 -21.08 5.56
N ALA A 560 0.77 -21.89 6.61
CA ALA A 560 1.81 -22.91 6.71
C ALA A 560 1.77 -23.85 5.51
N GLU A 561 0.63 -24.53 5.33
CA GLU A 561 0.51 -25.52 4.27
C GLU A 561 0.63 -24.86 2.89
N LEU A 562 0.14 -23.62 2.77
CA LEU A 562 0.16 -22.92 1.50
C LEU A 562 1.61 -22.69 1.04
N LEU A 563 2.50 -22.40 1.99
CA LEU A 563 3.90 -22.16 1.66
C LEU A 563 4.67 -23.48 1.61
N LEU A 564 4.58 -24.25 2.71
CA LEU A 564 5.52 -25.34 2.98
C LEU A 564 5.26 -26.55 2.08
N LEU A 565 4.05 -26.67 1.51
CA LEU A 565 3.74 -27.75 0.58
C LEU A 565 3.97 -27.30 -0.85
N ALA A 566 4.64 -26.15 -1.05
CA ALA A 566 4.92 -25.66 -2.39
C ALA A 566 6.08 -26.44 -2.98
N PRO A 567 6.04 -26.79 -4.30
CA PRO A 567 7.25 -27.20 -4.99
C PRO A 567 8.34 -26.14 -4.97
N GLY A 568 9.60 -26.59 -5.05
CA GLY A 568 10.75 -25.70 -5.01
C GLY A 568 11.10 -25.28 -3.59
N ALA A 569 12.22 -24.58 -3.45
CA ALA A 569 12.62 -24.03 -2.17
C ALA A 569 11.59 -22.98 -1.73
N VAL A 570 11.42 -22.84 -0.41
CA VAL A 570 10.44 -21.91 0.14
C VAL A 570 11.09 -21.07 1.23
N GLN A 571 10.59 -19.84 1.39
CA GLN A 571 11.15 -18.86 2.32
C GLN A 571 10.09 -18.48 3.35
N ILE A 572 10.36 -18.81 4.63
CA ILE A 572 9.61 -18.28 5.74
C ILE A 572 10.18 -16.92 6.10
N PHE A 573 9.34 -15.87 6.06
CA PHE A 573 9.71 -14.56 6.57
C PHE A 573 9.38 -14.54 8.07
N TYR A 574 10.36 -14.12 8.89
CA TYR A 574 10.26 -14.24 10.34
C TYR A 574 8.90 -13.73 10.80
N GLY A 575 8.19 -14.56 11.58
CA GLY A 575 6.91 -14.17 12.16
C GLY A 575 5.72 -14.65 11.35
N ASP A 576 5.95 -15.24 10.15
CA ASP A 576 4.87 -15.90 9.43
C ASP A 576 4.26 -16.98 10.31
N GLU A 577 5.11 -17.68 11.07
CA GLU A 577 4.69 -18.79 11.91
C GLU A 577 3.81 -18.31 13.07
N SER A 578 3.93 -17.04 13.45
CA SER A 578 3.25 -16.49 14.63
C SER A 578 2.34 -15.31 14.26
N SER A 579 2.03 -15.17 12.97
CA SER A 579 1.20 -14.09 12.45
C SER A 579 1.65 -12.73 12.99
N ARG A 580 2.98 -12.49 12.96
CA ARG A 580 3.55 -11.22 13.37
C ARG A 580 2.84 -10.06 12.66
N PRO A 581 2.20 -9.12 13.40
CA PRO A 581 1.44 -8.04 12.77
C PRO A 581 2.30 -7.00 12.06
N PHE A 582 1.76 -6.48 10.95
CA PHE A 582 2.29 -5.27 10.34
C PHE A 582 2.41 -4.19 11.41
N GLY A 583 3.57 -3.53 11.47
CA GLY A 583 3.85 -2.59 12.56
C GLY A 583 3.68 -1.14 12.11
N PRO A 584 4.03 -0.16 12.96
CA PRO A 584 4.08 1.24 12.54
C PRO A 584 4.92 1.43 11.29
N THR A 585 4.42 2.22 10.32
CA THR A 585 5.05 2.30 9.01
C THR A 585 5.27 3.76 8.57
N GLY A 586 4.66 4.73 9.25
CA GLY A 586 4.83 6.12 8.87
C GLY A 586 4.52 6.36 7.39
N SER A 587 5.37 7.14 6.71
CA SER A 587 5.13 7.53 5.32
C SER A 587 6.01 6.71 4.35
N ASP A 588 6.42 5.51 4.79
CA ASP A 588 7.04 4.51 3.94
C ASP A 588 6.24 3.21 4.06
N PRO A 589 5.43 2.82 3.04
CA PRO A 589 4.52 1.69 3.17
C PRO A 589 5.17 0.33 3.45
N LEU A 590 6.51 0.24 3.33
CA LEU A 590 7.20 -1.03 3.47
C LEU A 590 7.65 -1.27 4.91
N GLN A 591 7.74 -0.20 5.71
CA GLN A 591 8.42 -0.27 7.00
C GLN A 591 7.74 -1.23 7.96
N GLY A 592 6.41 -1.29 7.92
CA GLY A 592 5.64 -2.14 8.82
C GLY A 592 5.96 -3.62 8.68
N THR A 593 6.51 -4.03 7.53
CA THR A 593 6.83 -5.44 7.31
C THR A 593 8.06 -5.84 8.12
N ARG A 594 8.82 -4.86 8.63
CA ARG A 594 9.99 -5.13 9.44
C ARG A 594 9.69 -4.93 10.93
N SER A 595 8.44 -5.19 11.33
CA SER A 595 8.01 -5.05 12.70
C SER A 595 8.76 -6.05 13.59
N GLU A 596 8.76 -5.79 14.90
CA GLU A 596 9.45 -6.63 15.87
C GLU A 596 8.79 -8.01 15.93
N MET A 597 9.61 -9.03 16.16
CA MET A 597 9.14 -10.39 16.34
C MET A 597 8.28 -10.45 17.60
N ASN A 598 7.15 -11.16 17.51
CA ASN A 598 6.11 -11.14 18.53
C ASN A 598 6.26 -12.35 19.44
N TRP A 599 7.36 -12.36 20.23
CA TRP A 599 7.73 -13.49 21.06
C TRP A 599 6.69 -13.76 22.15
N GLN A 600 6.07 -12.69 22.66
CA GLN A 600 5.04 -12.80 23.69
C GLN A 600 3.86 -13.60 23.14
N ASP A 601 3.55 -13.42 21.85
CA ASP A 601 2.48 -14.15 21.20
C ASP A 601 2.90 -15.61 20.97
N VAL A 602 4.19 -15.82 20.69
CA VAL A 602 4.72 -17.14 20.39
C VAL A 602 4.46 -18.11 21.55
N ASN A 603 4.63 -17.64 22.79
CA ASN A 603 4.42 -18.48 23.97
C ASN A 603 2.96 -18.42 24.42
N GLY A 604 2.18 -17.50 23.84
CA GLY A 604 0.78 -17.31 24.21
C GLY A 604 -0.16 -17.65 23.05
N LYS A 605 -0.73 -16.61 22.44
CA LYS A 605 -1.88 -16.75 21.55
C LYS A 605 -1.49 -17.35 20.19
N ALA A 606 -0.19 -17.32 19.85
CA ALA A 606 0.27 -17.86 18.57
C ALA A 606 0.91 -19.23 18.74
N ALA A 607 0.81 -19.82 19.93
CA ALA A 607 1.51 -21.06 20.26
C ALA A 607 1.05 -22.21 19.37
N ARG A 608 -0.26 -22.30 19.11
CA ARG A 608 -0.81 -23.40 18.33
C ARG A 608 -0.51 -23.18 16.85
N SER A 609 -0.38 -21.91 16.45
CA SER A 609 0.06 -21.57 15.10
C SER A 609 1.48 -22.06 14.89
N VAL A 610 2.35 -21.76 15.85
CA VAL A 610 3.74 -22.15 15.78
C VAL A 610 3.84 -23.67 15.69
N THR A 611 3.04 -24.38 16.50
CA THR A 611 3.00 -25.84 16.51
C THR A 611 2.62 -26.36 15.12
N HIS A 612 1.62 -25.72 14.51
CA HIS A 612 1.12 -26.08 13.20
C HIS A 612 2.24 -26.01 12.15
N TRP A 613 3.02 -24.92 12.18
CA TRP A 613 4.13 -24.70 11.27
C TRP A 613 5.23 -25.73 11.49
N GLN A 614 5.50 -26.02 12.77
CA GLN A 614 6.53 -26.99 13.13
C GLN A 614 6.21 -28.34 12.49
N LYS A 615 4.93 -28.74 12.55
CA LYS A 615 4.53 -30.06 12.10
C LYS A 615 4.60 -30.16 10.58
N ILE A 616 4.10 -29.13 9.88
CA ILE A 616 4.06 -29.15 8.43
C ILE A 616 5.48 -28.98 7.88
N GLY A 617 6.31 -28.18 8.56
CA GLY A 617 7.71 -28.02 8.20
C GLY A 617 8.51 -29.30 8.41
N GLN A 618 8.30 -29.96 9.55
CA GLN A 618 8.93 -31.24 9.86
C GLN A 618 8.55 -32.28 8.80
N PHE A 619 7.33 -32.20 8.29
CA PHE A 619 6.85 -33.13 7.28
C PHE A 619 7.63 -32.93 5.98
N ARG A 620 7.72 -31.67 5.54
CA ARG A 620 8.47 -31.31 4.35
C ARG A 620 9.92 -31.80 4.46
N ALA A 621 10.53 -31.63 5.65
CA ALA A 621 11.93 -31.98 5.88
C ALA A 621 12.15 -33.48 5.74
N ARG A 622 11.08 -34.25 5.95
CA ARG A 622 11.15 -35.71 5.87
C ARG A 622 10.94 -36.18 4.43
N HIS A 623 10.39 -35.33 3.56
CA HIS A 623 9.96 -35.77 2.24
C HIS A 623 10.43 -34.83 1.13
N PRO A 624 11.58 -35.14 0.48
CA PRO A 624 12.02 -34.42 -0.71
C PRO A 624 10.99 -34.33 -1.82
N ALA A 625 10.06 -35.30 -1.87
CA ALA A 625 9.03 -35.35 -2.90
C ALA A 625 8.18 -34.09 -2.87
N ILE A 626 8.05 -33.46 -1.69
CA ILE A 626 7.33 -32.20 -1.57
C ILE A 626 7.99 -31.16 -2.47
N GLY A 627 9.28 -30.91 -2.25
CA GLY A 627 10.00 -29.84 -2.93
C GLY A 627 10.37 -30.19 -4.38
N MET A 628 10.60 -31.49 -4.65
CA MET A 628 11.28 -31.93 -5.85
C MET A 628 10.42 -32.84 -6.73
N GLY A 629 9.42 -33.50 -6.15
CA GLY A 629 8.72 -34.60 -6.80
C GLY A 629 7.72 -34.14 -7.85
N LYS A 630 7.30 -35.08 -8.71
CA LYS A 630 6.25 -34.87 -9.67
C LYS A 630 4.90 -35.05 -8.97
N GLN A 631 3.92 -34.21 -9.32
CA GLN A 631 2.62 -34.24 -8.65
C GLN A 631 1.59 -34.98 -9.49
N THR A 632 0.80 -35.82 -8.82
CA THR A 632 -0.44 -36.34 -9.37
C THR A 632 -1.59 -35.88 -8.46
N THR A 633 -2.49 -35.07 -8.99
CA THR A 633 -3.66 -34.62 -8.25
C THR A 633 -4.72 -35.72 -8.30
N LEU A 634 -5.20 -36.13 -7.12
CA LEU A 634 -6.14 -37.24 -7.00
C LEU A 634 -7.52 -36.77 -7.42
N SER A 635 -8.32 -37.72 -7.94
CA SER A 635 -9.73 -37.50 -8.23
C SER A 635 -10.56 -38.19 -7.16
N MET A 636 -11.32 -37.41 -6.39
CA MET A 636 -12.10 -37.92 -5.28
C MET A 636 -13.48 -37.25 -5.30
N SER A 637 -14.44 -37.86 -4.58
CA SER A 637 -15.78 -37.31 -4.49
C SER A 637 -15.82 -36.23 -3.40
N ARG A 638 -15.08 -36.45 -2.31
CA ARG A 638 -15.03 -35.50 -1.21
C ARG A 638 -13.59 -35.07 -0.97
N GLY A 639 -13.40 -33.77 -0.68
CA GLY A 639 -12.12 -33.22 -0.31
C GLY A 639 -11.19 -33.02 -1.51
N TYR A 640 -9.93 -32.69 -1.23
CA TYR A 640 -8.89 -32.45 -2.21
C TYR A 640 -7.62 -33.22 -1.81
N GLY A 641 -6.90 -33.74 -2.80
CA GLY A 641 -5.73 -34.58 -2.52
C GLY A 641 -4.76 -34.66 -3.70
N PHE A 642 -3.48 -34.85 -3.38
CA PHE A 642 -2.45 -35.08 -4.39
C PHE A 642 -1.37 -36.00 -3.84
N VAL A 643 -0.59 -36.57 -4.76
CA VAL A 643 0.58 -37.37 -4.47
C VAL A 643 1.79 -36.69 -5.12
N ARG A 644 2.93 -36.69 -4.42
CA ARG A 644 4.19 -36.33 -5.03
C ARG A 644 5.20 -37.46 -4.82
N GLU A 645 6.16 -37.56 -5.74
CA GLU A 645 7.08 -38.67 -5.79
C GLU A 645 8.43 -38.20 -6.33
N SER A 646 9.49 -38.45 -5.55
CA SER A 646 10.86 -38.20 -5.94
C SER A 646 11.71 -39.37 -5.46
N GLY A 647 12.40 -40.04 -6.38
CA GLY A 647 13.14 -41.24 -6.05
C GLY A 647 12.25 -42.21 -5.26
N GLU A 648 12.78 -42.71 -4.14
CA GLU A 648 12.10 -43.69 -3.32
C GLU A 648 11.06 -43.03 -2.41
N ASP A 649 11.11 -41.69 -2.29
CA ASP A 649 10.22 -40.95 -1.42
C ASP A 649 8.87 -40.73 -2.09
N LYS A 650 7.78 -40.92 -1.33
CA LYS A 650 6.43 -40.72 -1.82
C LYS A 650 5.52 -40.27 -0.68
N VAL A 651 4.73 -39.22 -0.90
CA VAL A 651 3.77 -38.72 0.07
C VAL A 651 2.41 -38.56 -0.60
N MET A 652 1.34 -38.67 0.20
CA MET A 652 0.00 -38.28 -0.22
C MET A 652 -0.52 -37.23 0.77
N VAL A 653 -0.98 -36.09 0.25
CA VAL A 653 -1.58 -35.04 1.04
C VAL A 653 -3.07 -34.98 0.71
N ILE A 654 -3.91 -35.13 1.75
CA ILE A 654 -5.35 -34.99 1.63
C ILE A 654 -5.78 -33.79 2.46
N TRP A 655 -6.62 -32.94 1.87
CA TRP A 655 -7.30 -31.88 2.59
C TRP A 655 -8.81 -32.18 2.61
N ALA A 656 -9.36 -32.33 3.82
CA ALA A 656 -10.75 -32.72 3.97
C ALA A 656 -11.67 -31.69 3.35
N GLY A 657 -11.30 -30.40 3.46
CA GLY A 657 -12.12 -29.31 2.98
C GLY A 657 -12.51 -28.39 4.13
N GLN A 658 -13.44 -27.46 3.85
CA GLN A 658 -13.86 -26.48 4.83
C GLN A 658 -14.79 -27.12 5.85
N GLN A 659 -14.55 -26.85 7.14
CA GLN A 659 -15.23 -27.52 8.23
C GLN A 659 -16.60 -26.89 8.48
N GLN A 660 -16.83 -25.70 7.92
CA GLN A 660 -18.11 -25.02 7.99
C GLN A 660 -18.76 -24.99 6.60
N ALA B 1 -48.26 6.39 1.41
CA ALA B 1 -47.35 5.90 0.33
C ALA B 1 -46.89 4.48 0.68
N TRP B 2 -45.60 4.20 0.49
CA TRP B 2 -45.04 2.87 0.75
C TRP B 2 -45.01 2.59 2.24
N THR B 3 -45.46 1.39 2.64
CA THR B 3 -45.53 0.99 4.03
C THR B 3 -45.20 -0.49 4.16
N THR B 4 -44.87 -0.90 5.39
CA THR B 4 -44.80 -2.30 5.79
C THR B 4 -45.03 -2.38 7.30
N THR B 5 -45.06 -3.60 7.85
CA THR B 5 -45.53 -3.82 9.21
C THR B 5 -44.37 -3.70 10.19
N ASP B 6 -44.52 -2.81 11.18
CA ASP B 6 -43.57 -2.63 12.28
C ASP B 6 -42.38 -1.75 11.85
N PHE B 7 -42.36 -1.35 10.57
CA PHE B 7 -41.44 -0.32 10.09
C PHE B 7 -42.23 0.99 9.93
N PRO B 8 -41.63 2.17 10.18
CA PRO B 8 -42.28 3.44 9.87
C PRO B 8 -42.52 3.63 8.37
N ALA B 9 -43.40 4.58 8.04
CA ALA B 9 -43.74 4.89 6.65
C ALA B 9 -42.48 5.36 5.92
N PHE B 10 -42.37 4.96 4.66
CA PHE B 10 -41.21 5.27 3.82
C PHE B 10 -41.31 6.72 3.32
N THR B 11 -40.21 7.47 3.47
CA THR B 11 -40.12 8.84 2.95
C THR B 11 -39.18 8.84 1.75
N GLU B 12 -39.31 9.86 0.88
CA GLU B 12 -38.48 9.99 -0.30
C GLU B 12 -37.07 10.46 0.08
N GLU B 13 -36.07 9.69 -0.37
CA GLU B 13 -34.67 10.09 -0.35
C GLU B 13 -34.20 10.12 -1.80
N GLY B 14 -34.71 11.10 -2.55
CA GLY B 14 -34.52 11.18 -3.99
C GLY B 14 -35.85 10.95 -4.73
N THR B 15 -35.78 10.94 -6.07
CA THR B 15 -36.96 10.76 -6.90
C THR B 15 -37.08 9.30 -7.28
N GLY B 16 -38.21 8.67 -6.94
CA GLY B 16 -38.48 7.27 -7.27
C GLY B 16 -37.75 6.32 -6.33
N ARG B 17 -37.22 6.87 -5.22
CA ARG B 17 -36.50 6.12 -4.20
C ARG B 17 -37.10 6.44 -2.84
N PHE B 18 -37.57 5.41 -2.13
CA PHE B 18 -38.15 5.59 -0.81
C PHE B 18 -37.41 4.68 0.17
N ILE B 19 -37.16 5.17 1.39
CA ILE B 19 -36.38 4.42 2.38
C ILE B 19 -37.09 4.41 3.73
N SER B 20 -36.94 3.30 4.47
CA SER B 20 -37.43 3.18 5.82
C SER B 20 -36.38 2.49 6.70
N GLN B 21 -36.23 2.98 7.94
CA GLN B 21 -35.20 2.52 8.85
C GLN B 21 -35.82 2.15 10.19
N LYS B 22 -35.36 1.04 10.77
CA LYS B 22 -35.87 0.55 12.05
C LYS B 22 -34.80 -0.34 12.69
N VAL B 23 -34.67 -0.26 14.02
CA VAL B 23 -33.85 -1.19 14.75
C VAL B 23 -34.72 -2.42 15.06
N VAL B 24 -34.40 -3.54 14.41
CA VAL B 24 -35.17 -4.77 14.52
C VAL B 24 -34.26 -5.83 15.16
N GLU B 25 -34.84 -6.70 16.00
CA GLU B 25 -34.09 -7.72 16.72
C GLU B 25 -34.20 -9.06 15.99
N LYS B 26 -33.41 -10.03 16.46
CA LYS B 26 -33.35 -11.37 15.87
C LYS B 26 -34.76 -11.95 15.83
N GLY B 27 -35.07 -12.75 14.79
CA GLY B 27 -36.35 -13.43 14.70
C GLY B 27 -36.78 -13.66 13.25
N THR B 28 -38.08 -13.95 13.06
CA THR B 28 -38.64 -14.23 11.75
C THR B 28 -39.90 -13.40 11.55
N ARG B 29 -40.09 -12.88 10.33
CA ARG B 29 -41.24 -12.05 10.01
C ARG B 29 -41.59 -12.22 8.52
N PRO B 30 -42.85 -11.92 8.10
CA PRO B 30 -43.19 -11.87 6.68
C PRO B 30 -42.74 -10.56 6.04
N LEU B 31 -42.57 -10.56 4.71
CA LEU B 31 -42.18 -9.34 4.01
C LEU B 31 -43.06 -9.13 2.79
N GLN B 32 -43.77 -7.99 2.78
CA GLN B 32 -44.49 -7.51 1.62
C GLN B 32 -44.78 -6.02 1.79
N LEU B 33 -44.43 -5.23 0.77
CA LEU B 33 -44.63 -3.79 0.79
C LEU B 33 -46.00 -3.46 0.22
N ASN B 34 -46.58 -2.32 0.68
CA ASN B 34 -47.91 -1.90 0.26
C ASN B 34 -47.88 -0.43 -0.15
N PHE B 35 -48.36 -0.16 -1.38
CA PHE B 35 -48.51 1.20 -1.89
C PHE B 35 -49.92 1.35 -2.45
N ASP B 36 -50.60 2.45 -2.07
CA ASP B 36 -52.01 2.66 -2.38
C ASP B 36 -52.77 1.40 -1.98
N GLN B 37 -53.23 0.62 -2.97
CA GLN B 37 -53.96 -0.61 -2.71
C GLN B 37 -53.13 -1.82 -3.15
N GLN B 38 -52.01 -1.59 -3.83
CA GLN B 38 -51.25 -2.67 -4.45
C GLN B 38 -50.26 -3.21 -3.43
N CYS B 39 -50.32 -4.53 -3.20
CA CYS B 39 -49.40 -5.24 -2.32
C CYS B 39 -48.30 -5.86 -3.18
N TRP B 40 -47.04 -5.58 -2.81
CA TRP B 40 -45.88 -6.10 -3.52
C TRP B 40 -45.03 -6.94 -2.56
N GLN B 41 -44.46 -8.04 -3.09
CA GLN B 41 -43.65 -8.96 -2.30
C GLN B 41 -42.48 -9.46 -3.15
N PRO B 42 -41.34 -9.85 -2.54
CA PRO B 42 -40.26 -10.50 -3.29
C PRO B 42 -40.74 -11.71 -4.08
N SER B 43 -40.19 -11.86 -5.30
CA SER B 43 -40.53 -13.01 -6.15
C SER B 43 -40.15 -14.30 -5.44
N GLY B 44 -38.91 -14.35 -4.95
CA GLY B 44 -38.45 -15.48 -4.16
C GLY B 44 -37.02 -15.26 -3.67
N GLY B 45 -36.76 -15.64 -2.41
CA GLY B 45 -35.42 -15.56 -1.84
C GLY B 45 -35.10 -14.15 -1.36
N ILE B 46 -35.28 -13.91 -0.05
CA ILE B 46 -34.99 -12.63 0.58
C ILE B 46 -33.51 -12.59 0.95
N LYS B 47 -32.84 -11.48 0.61
CA LYS B 47 -31.40 -11.32 0.78
C LYS B 47 -31.06 -9.89 1.18
N LEU B 48 -29.77 -9.67 1.51
CA LEU B 48 -29.28 -8.37 1.92
C LEU B 48 -28.28 -7.85 0.89
N ASN B 49 -28.22 -6.51 0.76
CA ASN B 49 -27.22 -5.82 -0.05
C ASN B 49 -27.39 -6.17 -1.53
N GLN B 50 -28.61 -6.52 -1.93
CA GLN B 50 -28.91 -6.79 -3.32
C GLN B 50 -30.37 -6.46 -3.58
N MET B 51 -30.64 -5.95 -4.79
CA MET B 51 -31.99 -5.61 -5.23
C MET B 51 -32.78 -6.88 -5.48
N LEU B 52 -34.06 -6.88 -5.08
CA LEU B 52 -34.94 -8.02 -5.22
C LEU B 52 -36.08 -7.67 -6.17
N SER B 53 -36.47 -8.65 -7.01
CA SER B 53 -37.56 -8.48 -7.97
C SER B 53 -38.91 -8.59 -7.24
N MET B 54 -39.85 -7.74 -7.64
CA MET B 54 -41.16 -7.66 -7.01
C MET B 54 -42.22 -8.24 -7.93
N GLU B 55 -43.17 -8.98 -7.35
CA GLU B 55 -44.37 -9.44 -8.04
C GLU B 55 -45.58 -9.13 -7.15
N PRO B 56 -46.80 -8.95 -7.70
CA PRO B 56 -47.99 -8.74 -6.88
C PRO B 56 -48.17 -9.83 -5.82
N CYS B 57 -48.66 -9.44 -4.64
CA CYS B 57 -48.82 -10.36 -3.52
C CYS B 57 -49.73 -11.52 -3.92
N ARG B 58 -49.26 -12.75 -3.66
CA ARG B 58 -50.03 -13.96 -3.92
C ARG B 58 -49.52 -15.09 -3.02
N GLY B 59 -50.44 -16.00 -2.67
CA GLY B 59 -50.12 -17.13 -1.81
C GLY B 59 -49.64 -16.67 -0.44
N THR B 60 -48.74 -17.45 0.17
CA THR B 60 -48.13 -17.08 1.44
C THR B 60 -47.01 -16.07 1.18
N PRO B 61 -46.94 -14.97 1.96
CA PRO B 61 -45.82 -14.03 1.86
C PRO B 61 -44.46 -14.66 2.13
N PRO B 62 -43.37 -14.23 1.46
CA PRO B 62 -42.03 -14.71 1.77
C PRO B 62 -41.56 -14.31 3.17
N GLN B 63 -41.04 -15.29 3.92
CA GLN B 63 -40.53 -15.07 5.27
C GLN B 63 -39.15 -14.43 5.20
N TRP B 64 -38.96 -13.36 5.99
CA TRP B 64 -37.67 -12.73 6.16
C TRP B 64 -36.99 -13.28 7.42
N ARG B 65 -35.80 -13.86 7.21
CA ARG B 65 -35.00 -14.46 8.25
C ARG B 65 -33.99 -13.44 8.76
N ILE B 66 -34.25 -12.89 9.95
CA ILE B 66 -33.40 -11.88 10.56
C ILE B 66 -32.51 -12.55 11.61
N PHE B 67 -31.20 -12.58 11.34
CA PHE B 67 -30.25 -13.32 12.18
C PHE B 67 -29.66 -12.39 13.24
N ARG B 68 -28.99 -11.32 12.80
CA ARG B 68 -28.41 -10.34 13.71
C ARG B 68 -29.47 -9.32 14.10
N GLN B 69 -29.22 -8.61 15.21
CA GLN B 69 -29.96 -7.41 15.57
C GLN B 69 -29.20 -6.20 15.04
N GLY B 70 -29.93 -5.17 14.63
CA GLY B 70 -29.33 -3.92 14.17
C GLY B 70 -30.29 -3.06 13.36
N LEU B 71 -29.74 -2.00 12.77
CA LEU B 71 -30.47 -1.05 11.95
C LEU B 71 -30.52 -1.56 10.52
N TYR B 72 -31.75 -1.75 9.99
CA TYR B 72 -31.96 -2.19 8.62
C TYR B 72 -32.63 -1.08 7.82
N THR B 73 -32.19 -0.91 6.56
CA THR B 73 -32.75 0.09 5.66
C THR B 73 -33.42 -0.63 4.48
N LEU B 74 -34.75 -0.44 4.39
CA LEU B 74 -35.52 -0.90 3.24
C LEU B 74 -35.58 0.25 2.23
N GLU B 75 -35.18 -0.01 0.98
CA GLU B 75 -35.28 0.97 -0.09
C GLU B 75 -36.12 0.37 -1.21
N VAL B 76 -37.24 1.02 -1.53
CA VAL B 76 -38.10 0.59 -2.63
C VAL B 76 -37.86 1.53 -3.81
N ASP B 77 -37.57 0.93 -4.97
CA ASP B 77 -37.29 1.67 -6.20
C ASP B 77 -38.49 1.56 -7.13
N THR B 78 -39.14 2.69 -7.39
CA THR B 78 -40.32 2.76 -8.25
C THR B 78 -39.98 3.63 -9.46
N ARG B 79 -38.97 3.20 -10.23
CA ARG B 79 -38.49 3.94 -11.38
C ARG B 79 -38.78 3.18 -12.68
N SER B 80 -38.91 1.86 -12.60
CA SER B 80 -39.40 1.07 -13.73
C SER B 80 -40.91 0.84 -13.59
N GLY B 81 -41.33 -0.43 -13.56
CA GLY B 81 -42.73 -0.79 -13.49
C GLY B 81 -43.04 -1.48 -12.16
N THR B 82 -43.22 -2.81 -12.21
CA THR B 82 -43.13 -3.63 -11.02
C THR B 82 -41.94 -3.09 -10.21
N PRO B 83 -42.14 -2.62 -8.95
CA PRO B 83 -41.07 -1.99 -8.20
C PRO B 83 -39.88 -2.91 -8.00
N THR B 84 -38.85 -2.41 -7.30
CA THR B 84 -37.73 -3.20 -6.87
C THR B 84 -37.33 -2.73 -5.47
N MET B 85 -36.90 -3.67 -4.62
CA MET B 85 -36.59 -3.33 -3.24
C MET B 85 -35.21 -3.85 -2.86
N MET B 86 -34.65 -3.32 -1.77
CA MET B 86 -33.34 -3.70 -1.28
C MET B 86 -33.33 -3.63 0.25
N ILE B 87 -32.87 -4.71 0.90
CA ILE B 87 -32.69 -4.73 2.35
C ILE B 87 -31.20 -4.66 2.63
N SER B 88 -30.82 -3.85 3.65
CA SER B 88 -29.43 -3.65 3.97
C SER B 88 -29.24 -3.45 5.47
N LEU B 89 -28.29 -4.20 6.04
CA LEU B 89 -27.89 -4.08 7.43
C LEU B 89 -26.58 -3.30 7.51
N GLU B 90 -26.52 -2.32 8.41
CA GLU B 90 -25.34 -1.50 8.61
C GLU B 90 -24.87 -1.66 10.06
N GLU B 91 -23.85 -2.50 10.24
CA GLU B 91 -23.31 -2.81 11.56
C GLU B 91 -21.80 -2.53 11.56
N ILE B 101 -11.61 2.58 21.99
CA ILE B 101 -10.84 3.64 22.73
C ILE B 101 -11.80 4.70 23.25
N ARG B 102 -12.71 5.19 22.40
CA ARG B 102 -13.70 6.19 22.77
C ARG B 102 -15.11 5.60 22.63
N GLN B 103 -16.00 5.96 23.57
CA GLN B 103 -17.39 5.58 23.47
C GLN B 103 -18.10 6.57 22.54
N CYS B 104 -18.70 6.04 21.48
CA CYS B 104 -19.40 6.86 20.50
C CYS B 104 -20.83 7.14 20.99
N PRO B 105 -21.36 8.38 20.85
CA PRO B 105 -22.73 8.67 21.25
C PRO B 105 -23.78 7.73 20.66
N LYS B 106 -24.82 7.44 21.45
CA LYS B 106 -25.88 6.51 21.06
C LYS B 106 -27.20 7.26 20.86
N TRP B 107 -27.94 6.84 19.83
CA TRP B 107 -29.21 7.45 19.46
C TRP B 107 -30.29 6.37 19.38
N ASP B 108 -31.47 6.68 19.94
CA ASP B 108 -32.57 5.74 20.02
C ASP B 108 -33.43 5.79 18.76
N GLY B 109 -33.26 6.84 17.94
CA GLY B 109 -33.98 6.97 16.69
C GLY B 109 -35.26 7.79 16.84
N LYS B 110 -35.27 8.71 17.83
CA LYS B 110 -36.47 9.47 18.17
C LYS B 110 -36.10 10.95 18.30
N PRO B 111 -37.09 11.88 18.21
CA PRO B 111 -36.81 13.31 18.14
C PRO B 111 -35.88 13.82 19.24
N LEU B 112 -34.99 14.75 18.88
CA LEU B 112 -34.11 15.44 19.83
C LEU B 112 -34.76 16.77 20.21
N THR B 113 -34.61 17.18 21.47
CA THR B 113 -34.95 18.52 21.90
C THR B 113 -33.66 19.31 22.12
N ILE B 114 -33.36 20.23 21.20
CA ILE B 114 -32.09 20.95 21.18
C ILE B 114 -32.24 22.30 21.87
N ASP B 115 -31.23 22.68 22.67
CA ASP B 115 -31.14 23.98 23.30
C ASP B 115 -30.42 24.95 22.37
N VAL B 116 -31.17 25.88 21.76
CA VAL B 116 -30.60 26.80 20.79
C VAL B 116 -30.69 28.23 21.33
N SER B 117 -30.74 28.37 22.66
CA SER B 117 -31.06 29.65 23.28
C SER B 117 -30.03 30.72 22.95
N LYS B 118 -28.74 30.32 22.85
CA LYS B 118 -27.65 31.25 22.59
C LYS B 118 -27.35 31.37 21.10
N THR B 119 -28.11 30.65 20.26
CA THR B 119 -27.87 30.58 18.83
C THR B 119 -29.02 31.22 18.07
N PHE B 120 -30.20 30.58 18.14
CA PHE B 120 -31.37 31.03 17.40
C PHE B 120 -32.30 31.78 18.35
N ALA B 121 -32.90 32.86 17.84
CA ALA B 121 -33.68 33.79 18.64
C ALA B 121 -35.04 33.17 18.99
N GLU B 122 -35.57 33.57 20.15
CA GLU B 122 -36.87 33.11 20.62
C GLU B 122 -37.95 33.52 19.62
N GLY B 123 -38.85 32.59 19.30
CA GLY B 123 -39.95 32.85 18.39
C GLY B 123 -39.57 32.70 16.92
N SER B 124 -38.25 32.75 16.63
CA SER B 124 -37.76 32.67 15.25
C SER B 124 -37.96 31.25 14.71
N LYS B 125 -37.92 31.13 13.38
CA LYS B 125 -38.08 29.85 12.71
C LYS B 125 -36.71 29.29 12.33
N VAL B 126 -36.59 27.96 12.40
CA VAL B 126 -35.33 27.25 12.17
C VAL B 126 -35.64 25.99 11.36
N ARG B 127 -34.86 25.77 10.30
CA ARG B 127 -35.06 24.64 9.40
C ARG B 127 -33.91 23.65 9.53
N ASP B 128 -34.26 22.35 9.57
CA ASP B 128 -33.31 21.29 9.30
C ASP B 128 -33.23 21.09 7.79
N PHE B 129 -32.19 21.66 7.17
CA PHE B 129 -32.08 21.68 5.71
C PHE B 129 -32.16 20.28 5.12
N TYR B 130 -31.70 19.27 5.88
CA TYR B 130 -31.62 17.90 5.39
C TYR B 130 -33.01 17.31 5.21
N SER B 131 -33.84 17.44 6.26
CA SER B 131 -35.20 16.91 6.25
C SER B 131 -36.15 17.89 5.55
N GLY B 132 -35.85 19.19 5.68
CA GLY B 132 -36.72 20.25 5.21
C GLY B 132 -37.68 20.74 6.31
N ASN B 133 -37.66 20.06 7.48
CA ASN B 133 -38.59 20.37 8.55
C ASN B 133 -38.21 21.69 9.22
N VAL B 134 -39.23 22.51 9.50
CA VAL B 134 -39.06 23.77 10.19
C VAL B 134 -39.68 23.66 11.58
N ALA B 135 -39.06 24.34 12.56
CA ALA B 135 -39.58 24.44 13.91
C ALA B 135 -39.39 25.87 14.42
N THR B 136 -40.19 26.25 15.42
CA THR B 136 -40.12 27.57 16.01
C THR B 136 -39.41 27.48 17.36
N VAL B 137 -38.50 28.43 17.63
CA VAL B 137 -37.77 28.46 18.88
C VAL B 137 -38.77 28.82 19.98
N SER B 138 -38.91 27.92 20.96
CA SER B 138 -39.88 28.11 22.04
C SER B 138 -39.28 27.63 23.36
N GLY B 139 -39.03 28.57 24.27
CA GLY B 139 -38.32 28.30 25.52
C GLY B 139 -36.83 28.08 25.28
N GLY B 140 -36.32 28.65 24.17
CA GLY B 140 -34.95 28.43 23.73
C GLY B 140 -34.72 26.98 23.29
N LYS B 141 -35.77 26.32 22.78
CA LYS B 141 -35.72 24.91 22.46
C LYS B 141 -36.57 24.59 21.24
N ILE B 142 -36.04 23.71 20.38
CA ILE B 142 -36.76 23.16 19.24
C ILE B 142 -36.67 21.63 19.31
N THR B 143 -37.63 20.95 18.68
CA THR B 143 -37.69 19.49 18.67
C THR B 143 -37.82 19.00 17.23
N LEU B 144 -36.80 18.27 16.75
CA LEU B 144 -36.76 17.82 15.37
C LEU B 144 -36.33 16.36 15.30
N GLN B 145 -36.78 15.67 14.24
CA GLN B 145 -36.49 14.27 13.99
C GLN B 145 -35.55 14.16 12.80
N PRO B 146 -34.27 13.75 13.00
CA PRO B 146 -33.39 13.46 11.87
C PRO B 146 -34.06 12.53 10.85
N ALA B 147 -34.08 12.94 9.59
CA ALA B 147 -34.74 12.18 8.54
C ALA B 147 -33.94 10.91 8.23
N PHE B 148 -34.63 9.94 7.63
CA PHE B 148 -33.97 8.74 7.14
C PHE B 148 -32.88 9.15 6.15
N GLY B 149 -31.70 8.55 6.30
CA GLY B 149 -30.57 8.80 5.41
C GLY B 149 -29.62 9.86 5.96
N SER B 150 -30.07 10.57 7.01
CA SER B 150 -29.33 11.69 7.56
C SER B 150 -28.17 11.23 8.44
N ASN B 151 -28.14 9.93 8.78
CA ASN B 151 -27.18 9.38 9.74
C ASN B 151 -27.39 10.01 11.12
N GLY B 152 -28.55 10.64 11.33
CA GLY B 152 -28.86 11.30 12.58
C GLY B 152 -28.39 12.76 12.64
N LEU B 153 -28.18 13.38 11.47
CA LEU B 153 -27.72 14.76 11.40
C LEU B 153 -28.92 15.71 11.40
N LEU B 154 -28.77 16.83 12.11
CA LEU B 154 -29.63 18.00 11.95
C LEU B 154 -28.76 19.14 11.41
N LEU B 155 -29.09 19.63 10.22
CA LEU B 155 -28.39 20.75 9.61
C LEU B 155 -29.22 22.02 9.81
N LEU B 156 -28.99 22.68 10.94
CA LEU B 156 -29.88 23.74 11.43
C LEU B 156 -29.42 25.10 10.88
N GLU B 157 -30.39 25.82 10.28
CA GLU B 157 -30.16 27.15 9.74
C GLU B 157 -31.36 28.04 10.05
N ARG B 158 -31.17 29.36 9.99
CA ARG B 158 -32.29 30.28 9.97
C ARG B 158 -33.18 29.93 8.78
N ALA B 159 -34.49 29.85 9.02
CA ALA B 159 -35.46 29.47 8.01
C ALA B 159 -35.56 30.53 6.89
N GLU B 160 -34.98 31.71 7.12
CA GLU B 160 -34.93 32.75 6.10
C GLU B 160 -34.06 32.29 4.93
N THR B 161 -32.98 31.55 5.21
CA THR B 161 -32.07 31.04 4.21
C THR B 161 -32.87 30.46 3.05
N ALA B 162 -32.53 30.85 1.81
CA ALA B 162 -33.31 30.47 0.64
C ALA B 162 -32.44 30.13 -0.58
N ALA B 163 -31.12 30.39 -0.54
CA ALA B 163 -30.27 30.22 -1.70
C ALA B 163 -28.80 30.16 -1.31
N PRO B 164 -27.89 29.74 -2.21
CA PRO B 164 -26.46 29.76 -1.93
C PRO B 164 -25.95 31.16 -1.57
N ALA B 165 -25.08 31.23 -0.56
CA ALA B 165 -24.39 32.46 -0.22
C ALA B 165 -23.44 32.83 -1.35
N PRO B 166 -22.91 34.07 -1.40
CA PRO B 166 -21.86 34.39 -2.36
C PRO B 166 -20.68 33.43 -2.28
N PHE B 167 -20.10 33.12 -3.44
CA PHE B 167 -18.93 32.25 -3.51
C PHE B 167 -17.78 32.90 -2.74
N ASP B 168 -17.14 32.09 -1.88
CA ASP B 168 -15.87 32.43 -1.25
C ASP B 168 -14.98 31.20 -1.31
N TRP B 169 -13.69 31.41 -1.62
CA TRP B 169 -12.73 30.32 -1.76
C TRP B 169 -12.52 29.61 -0.42
N HIS B 170 -12.69 30.35 0.68
CA HIS B 170 -12.51 29.82 2.03
C HIS B 170 -13.71 28.97 2.44
N ASN B 171 -14.70 28.82 1.53
CA ASN B 171 -15.84 27.94 1.72
C ASN B 171 -16.11 27.13 0.45
N ALA B 172 -15.10 27.04 -0.42
CA ALA B 172 -15.27 26.39 -1.72
C ALA B 172 -15.47 24.90 -1.53
N THR B 173 -16.23 24.30 -2.46
CA THR B 173 -16.30 22.86 -2.62
C THR B 173 -15.69 22.53 -3.96
N VAL B 174 -14.45 22.03 -3.94
CA VAL B 174 -13.71 21.70 -5.16
C VAL B 174 -14.03 20.25 -5.52
N TYR B 175 -14.25 20.01 -6.83
CA TYR B 175 -14.42 18.66 -7.36
C TYR B 175 -13.24 18.38 -8.29
N PHE B 176 -12.31 17.55 -7.81
CA PHE B 176 -11.15 17.12 -8.59
C PHE B 176 -11.55 15.95 -9.47
N VAL B 177 -11.41 16.13 -10.80
CA VAL B 177 -11.78 15.11 -11.77
C VAL B 177 -10.60 14.80 -12.69
N LEU B 178 -10.28 13.51 -12.83
CA LEU B 178 -9.48 13.01 -13.93
C LEU B 178 -10.40 12.83 -15.14
N THR B 179 -10.27 13.74 -16.12
CA THR B 179 -11.25 13.89 -17.18
C THR B 179 -11.39 12.58 -17.96
N ASP B 180 -10.26 11.89 -18.16
CA ASP B 180 -10.21 10.67 -18.96
C ASP B 180 -11.00 9.53 -18.31
N ARG B 181 -11.19 9.59 -16.99
CA ARG B 181 -11.78 8.50 -16.25
C ARG B 181 -13.19 8.88 -15.75
N PHE B 182 -13.79 9.93 -16.34
CA PHE B 182 -15.08 10.41 -15.90
C PHE B 182 -16.16 10.05 -16.92
N VAL B 183 -16.27 10.83 -18.01
CA VAL B 183 -17.35 10.68 -18.98
C VAL B 183 -16.79 10.80 -20.40
N ASN B 184 -17.09 9.79 -21.23
CA ASN B 184 -16.68 9.74 -22.62
C ASN B 184 -17.80 10.28 -23.50
N GLY B 185 -17.76 11.59 -23.78
CA GLY B 185 -18.77 12.26 -24.58
C GLY B 185 -18.65 11.92 -26.08
N ASN B 186 -17.46 11.53 -26.52
CA ASN B 186 -17.17 11.34 -27.93
C ASN B 186 -16.10 10.27 -28.12
N PRO B 187 -16.47 9.03 -28.53
CA PRO B 187 -15.49 7.95 -28.69
C PRO B 187 -14.41 8.20 -29.74
N ALA B 188 -14.72 9.06 -30.72
CA ALA B 188 -13.87 9.29 -31.88
C ALA B 188 -12.44 9.69 -31.49
N ASN B 189 -12.28 10.41 -30.37
CA ASN B 189 -11.01 11.03 -30.02
C ASN B 189 -10.23 10.22 -28.98
N ASP B 190 -10.66 8.97 -28.73
CA ASP B 190 -10.11 8.17 -27.65
C ASP B 190 -8.71 7.64 -28.00
N ASN B 191 -8.37 7.59 -29.29
CA ASN B 191 -7.15 6.94 -29.73
C ASN B 191 -6.25 7.94 -30.48
N SER B 192 -6.14 9.17 -29.94
CA SER B 192 -5.35 10.21 -30.57
C SER B 192 -3.87 9.81 -30.63
N TYR B 193 -3.21 10.23 -31.72
CA TYR B 193 -1.77 10.09 -31.91
C TYR B 193 -1.33 8.63 -31.87
N GLY B 194 -2.26 7.70 -32.20
CA GLY B 194 -1.94 6.29 -32.31
C GLY B 194 -1.98 5.56 -30.96
N ARG B 195 -2.67 6.14 -29.97
CA ARG B 195 -2.79 5.51 -28.66
C ARG B 195 -3.76 4.32 -28.76
N HIS B 196 -3.50 3.27 -27.96
CA HIS B 196 -4.32 2.07 -27.97
C HIS B 196 -4.78 1.70 -26.56
N LYS B 197 -5.86 0.92 -26.51
CA LYS B 197 -6.23 0.14 -25.35
C LYS B 197 -5.20 -0.99 -25.19
N ASP B 198 -5.08 -1.54 -23.99
CA ASP B 198 -4.17 -2.66 -23.76
C ASP B 198 -4.92 -3.98 -23.90
N GLY B 199 -6.25 -3.92 -23.97
CA GLY B 199 -7.07 -5.09 -24.14
C GLY B 199 -6.95 -6.04 -22.95
N MET B 200 -6.62 -5.47 -21.80
CA MET B 200 -6.46 -6.20 -20.54
C MET B 200 -7.34 -5.54 -19.49
N GLN B 201 -6.74 -4.88 -18.50
CA GLN B 201 -7.49 -4.23 -17.43
C GLN B 201 -7.51 -2.71 -17.59
N GLU B 202 -6.79 -2.20 -18.62
CA GLU B 202 -6.78 -0.79 -18.96
C GLU B 202 -6.39 0.05 -17.74
N ILE B 203 -5.25 -0.30 -17.13
CA ILE B 203 -4.80 0.36 -15.91
C ILE B 203 -4.30 1.76 -16.25
N GLY B 204 -3.44 1.85 -17.28
CA GLY B 204 -2.71 3.08 -17.56
C GLY B 204 -3.04 3.69 -18.92
N THR B 205 -4.15 3.26 -19.54
CA THR B 205 -4.50 3.72 -20.88
C THR B 205 -5.48 4.90 -20.76
N PHE B 206 -5.69 5.58 -21.89
CA PHE B 206 -6.76 6.54 -22.05
C PHE B 206 -8.08 5.80 -22.22
N HIS B 207 -8.95 5.89 -21.21
CA HIS B 207 -10.26 5.27 -21.23
C HIS B 207 -11.22 6.00 -22.19
N GLY B 208 -10.92 7.27 -22.51
CA GLY B 208 -11.66 8.01 -23.52
C GLY B 208 -12.47 9.18 -22.96
N GLY B 209 -12.39 9.43 -21.65
CA GLY B 209 -13.10 10.54 -21.04
C GLY B 209 -12.60 11.88 -21.57
N ASP B 210 -13.53 12.82 -21.82
CA ASP B 210 -13.19 14.04 -22.54
C ASP B 210 -13.96 15.22 -21.96
N LEU B 211 -13.59 16.42 -22.39
CA LEU B 211 -14.16 17.67 -21.90
C LEU B 211 -15.64 17.75 -22.24
N GLN B 212 -16.04 17.19 -23.38
CA GLN B 212 -17.43 17.18 -23.77
C GLN B 212 -18.26 16.41 -22.73
N GLY B 213 -17.78 15.22 -22.37
CA GLY B 213 -18.47 14.36 -21.41
C GLY B 213 -18.57 15.00 -20.03
N LEU B 214 -17.50 15.69 -19.61
CA LEU B 214 -17.46 16.38 -18.33
C LEU B 214 -18.52 17.49 -18.30
N THR B 215 -18.68 18.18 -19.44
CA THR B 215 -19.63 19.28 -19.58
C THR B 215 -21.06 18.80 -19.35
N SER B 216 -21.34 17.53 -19.68
CA SER B 216 -22.68 16.98 -19.59
C SER B 216 -23.07 16.71 -18.14
N LYS B 217 -22.13 16.86 -17.20
CA LYS B 217 -22.38 16.55 -15.79
C LYS B 217 -22.27 17.80 -14.92
N LEU B 218 -22.33 18.99 -15.54
CA LEU B 218 -22.20 20.24 -14.80
C LEU B 218 -23.42 20.44 -13.89
N ASP B 219 -24.59 19.93 -14.31
CA ASP B 219 -25.79 20.01 -13.50
C ASP B 219 -25.70 19.03 -12.32
N TYR B 220 -25.16 17.84 -12.59
CA TYR B 220 -24.97 16.82 -11.57
C TYR B 220 -24.11 17.37 -10.43
N LEU B 221 -23.01 18.05 -10.79
CA LEU B 221 -22.07 18.61 -9.84
C LEU B 221 -22.72 19.78 -9.08
N GLN B 222 -23.51 20.58 -9.80
CA GLN B 222 -24.16 21.75 -9.23
C GLN B 222 -25.07 21.35 -8.08
N GLN B 223 -25.67 20.16 -8.17
CA GLN B 223 -26.58 19.65 -7.15
C GLN B 223 -25.84 19.11 -5.93
N MET B 224 -24.51 18.91 -6.05
CA MET B 224 -23.67 18.55 -4.92
C MET B 224 -23.05 19.79 -4.28
N GLY B 225 -23.47 20.99 -4.71
CA GLY B 225 -22.98 22.23 -4.14
C GLY B 225 -21.53 22.50 -4.51
N VAL B 226 -21.11 21.97 -5.67
CA VAL B 226 -19.77 22.19 -6.21
C VAL B 226 -19.73 23.54 -6.89
N ASN B 227 -18.80 24.40 -6.47
CA ASN B 227 -18.64 25.73 -7.02
C ASN B 227 -17.22 25.92 -7.54
N ALA B 228 -16.44 24.84 -7.59
CA ALA B 228 -15.12 24.84 -8.22
C ALA B 228 -14.86 23.47 -8.83
N LEU B 229 -14.40 23.45 -10.08
CA LEU B 229 -14.08 22.21 -10.78
C LEU B 229 -12.60 22.19 -11.11
N TRP B 230 -11.85 21.34 -10.40
CA TRP B 230 -10.44 21.12 -10.67
C TRP B 230 -10.30 19.94 -11.63
N ILE B 231 -9.87 20.23 -12.87
CA ILE B 231 -9.67 19.21 -13.88
C ILE B 231 -8.18 18.88 -13.96
N SER B 232 -7.87 17.63 -14.31
CA SER B 232 -6.53 17.25 -14.74
C SER B 232 -6.14 18.11 -15.95
N SER B 233 -4.84 18.29 -16.18
CA SER B 233 -4.36 19.13 -17.27
C SER B 233 -4.99 18.66 -18.57
N PRO B 234 -5.61 19.57 -19.36
CA PRO B 234 -6.08 19.24 -20.69
C PRO B 234 -5.08 19.53 -21.81
N LEU B 235 -3.82 19.79 -21.45
CA LEU B 235 -2.81 20.20 -22.41
C LEU B 235 -2.18 18.96 -23.05
N GLU B 236 -1.51 19.18 -24.20
CA GLU B 236 -1.02 18.07 -25.02
C GLU B 236 0.07 17.32 -24.25
N GLN B 237 -0.16 16.02 -24.08
CA GLN B 237 0.76 15.14 -23.36
C GLN B 237 1.73 14.49 -24.34
N ILE B 238 2.68 13.73 -23.80
CA ILE B 238 3.41 12.73 -24.55
C ILE B 238 2.40 11.79 -25.23
N HIS B 239 2.64 11.52 -26.52
CA HIS B 239 1.72 10.75 -27.34
C HIS B 239 1.79 9.26 -26.99
N GLY B 240 2.92 8.82 -26.43
CA GLY B 240 3.19 7.40 -26.27
C GLY B 240 3.02 6.95 -24.82
N TRP B 241 3.74 5.87 -24.48
CA TRP B 241 3.58 5.19 -23.20
C TRP B 241 4.96 4.86 -22.63
N VAL B 242 4.98 4.46 -21.35
CA VAL B 242 6.16 3.88 -20.71
C VAL B 242 5.73 2.65 -19.95
N GLY B 243 6.70 1.87 -19.45
CA GLY B 243 6.43 0.74 -18.59
C GLY B 243 5.69 1.16 -17.33
N GLY B 244 4.63 0.43 -16.98
CA GLY B 244 3.78 0.77 -15.85
C GLY B 244 4.14 -0.04 -14.61
N GLY B 245 4.39 0.68 -13.51
CA GLY B 245 4.65 0.05 -12.22
C GLY B 245 6.08 -0.49 -12.12
N THR B 246 6.35 -1.19 -11.02
CA THR B 246 7.69 -1.67 -10.70
C THR B 246 8.03 -2.87 -11.56
N LYS B 247 7.00 -3.62 -12.01
CA LYS B 247 7.21 -4.85 -12.77
C LYS B 247 6.92 -4.66 -14.25
N GLY B 248 6.35 -3.50 -14.63
CA GLY B 248 6.06 -3.21 -16.03
C GLY B 248 4.95 -4.11 -16.58
N ASP B 249 3.87 -4.24 -15.81
CA ASP B 249 2.80 -5.18 -16.15
C ASP B 249 1.67 -4.48 -16.91
N PHE B 250 1.89 -3.22 -17.34
CA PHE B 250 0.89 -2.50 -18.12
C PHE B 250 1.55 -1.31 -18.82
N PRO B 251 1.06 -0.90 -20.01
CA PRO B 251 1.52 0.33 -20.65
C PRO B 251 0.95 1.59 -20.01
N HIS B 252 1.84 2.55 -19.68
CA HIS B 252 1.43 3.73 -18.93
C HIS B 252 1.40 4.95 -19.84
N TYR B 253 0.17 5.36 -20.24
CA TYR B 253 -0.04 6.56 -21.03
C TYR B 253 -0.30 7.75 -20.08
N ALA B 254 -0.36 8.95 -20.65
CA ALA B 254 -0.47 10.18 -19.87
C ALA B 254 -1.94 10.58 -19.73
N TYR B 255 -2.75 9.63 -19.22
CA TYR B 255 -4.19 9.81 -19.11
C TYR B 255 -4.53 10.84 -18.03
N HIS B 256 -3.57 11.07 -17.12
CA HIS B 256 -3.77 11.86 -15.91
C HIS B 256 -3.37 13.32 -16.13
N GLY B 257 -2.59 13.59 -17.18
CA GLY B 257 -2.29 14.95 -17.59
C GLY B 257 -0.99 15.51 -17.01
N TYR B 258 -0.13 14.63 -16.47
CA TYR B 258 1.05 15.07 -15.73
C TYR B 258 2.32 14.95 -16.57
N TYR B 259 2.22 14.30 -17.75
CA TYR B 259 3.37 14.12 -18.63
C TYR B 259 3.21 15.04 -19.84
N THR B 260 3.29 16.36 -19.59
CA THR B 260 3.02 17.37 -20.61
C THR B 260 4.16 17.41 -21.64
N GLN B 261 3.79 17.70 -22.90
CA GLN B 261 4.73 17.72 -24.02
C GLN B 261 4.67 19.06 -24.75
N ASP B 262 3.45 19.58 -24.94
CA ASP B 262 3.25 20.91 -25.51
C ASP B 262 2.21 21.64 -24.67
N TRP B 263 2.67 22.66 -23.94
CA TRP B 263 1.82 23.47 -23.08
C TRP B 263 0.94 24.40 -23.92
N SER B 264 1.32 24.61 -25.20
CA SER B 264 0.65 25.57 -26.06
C SER B 264 -0.63 25.01 -26.69
N LYS B 265 -0.87 23.69 -26.57
CA LYS B 265 -1.98 23.05 -27.28
C LYS B 265 -2.82 22.19 -26.32
N LEU B 266 -4.06 21.89 -26.73
CA LEU B 266 -4.89 20.91 -26.07
C LEU B 266 -4.58 19.51 -26.60
N ASP B 267 -4.67 18.51 -25.72
CA ASP B 267 -4.52 17.12 -26.14
C ASP B 267 -5.78 16.71 -26.90
N ALA B 268 -5.58 16.14 -28.10
CA ALA B 268 -6.66 15.75 -28.99
C ALA B 268 -7.68 14.85 -28.28
N ASN B 269 -7.23 14.05 -27.30
CA ASN B 269 -8.11 13.17 -26.53
C ASN B 269 -9.13 13.98 -25.74
N MET B 270 -8.73 15.16 -25.25
CA MET B 270 -9.58 15.98 -24.42
C MET B 270 -10.62 16.70 -25.27
N GLY B 271 -10.22 17.14 -26.47
CA GLY B 271 -11.13 17.77 -27.42
C GLY B 271 -10.54 19.01 -28.06
N THR B 272 -11.44 19.91 -28.50
CA THR B 272 -11.08 21.10 -29.27
C THR B 272 -11.06 22.33 -28.35
N GLU B 273 -10.64 23.45 -28.94
CA GLU B 273 -10.68 24.75 -28.29
C GLU B 273 -12.12 25.11 -27.92
N ALA B 274 -13.06 24.77 -28.82
CA ALA B 274 -14.47 25.05 -28.60
C ALA B 274 -15.01 24.20 -27.45
N ASP B 275 -14.54 22.95 -27.37
CA ASP B 275 -14.96 22.03 -26.31
C ASP B 275 -14.59 22.62 -24.94
N LEU B 276 -13.42 23.27 -24.85
CA LEU B 276 -12.95 23.87 -23.60
C LEU B 276 -13.80 25.09 -23.26
N ARG B 277 -14.02 25.97 -24.26
CA ARG B 277 -14.74 27.21 -24.05
C ARG B 277 -16.16 26.93 -23.54
N ARG B 278 -16.79 25.87 -24.06
CA ARG B 278 -18.12 25.48 -23.64
C ARG B 278 -18.09 24.99 -22.18
N LEU B 279 -17.11 24.14 -21.84
CA LEU B 279 -16.96 23.64 -20.48
C LEU B 279 -16.90 24.82 -19.51
N VAL B 280 -16.04 25.80 -19.81
CA VAL B 280 -15.80 26.91 -18.91
C VAL B 280 -17.06 27.76 -18.80
N ASP B 281 -17.62 28.14 -19.95
CA ASP B 281 -18.77 29.03 -20.03
C ASP B 281 -19.98 28.39 -19.35
N GLU B 282 -20.22 27.10 -19.60
CA GLU B 282 -21.34 26.39 -19.03
C GLU B 282 -21.13 26.18 -17.53
N ALA B 283 -19.87 26.02 -17.11
CA ALA B 283 -19.54 25.92 -15.70
C ALA B 283 -19.87 27.24 -15.00
N HIS B 284 -19.38 28.35 -15.56
CA HIS B 284 -19.56 29.68 -14.98
C HIS B 284 -21.05 30.03 -14.87
N LYS B 285 -21.86 29.56 -15.82
CA LYS B 285 -23.30 29.85 -15.81
C LYS B 285 -23.99 29.17 -14.63
N ARG B 286 -23.31 28.20 -14.00
CA ARG B 286 -23.86 27.49 -12.85
C ARG B 286 -23.09 27.82 -11.58
N GLY B 287 -22.32 28.92 -11.60
CA GLY B 287 -21.60 29.40 -10.43
C GLY B 287 -20.38 28.53 -10.10
N ILE B 288 -19.88 27.80 -11.11
CA ILE B 288 -18.76 26.89 -10.91
C ILE B 288 -17.52 27.50 -11.55
N ARG B 289 -16.47 27.68 -10.74
CA ARG B 289 -15.17 28.14 -11.20
C ARG B 289 -14.39 26.97 -11.78
N ILE B 290 -13.41 27.28 -12.63
CA ILE B 290 -12.55 26.27 -13.26
C ILE B 290 -11.14 26.42 -12.72
N LEU B 291 -10.56 25.29 -12.28
CA LEU B 291 -9.16 25.20 -11.92
C LEU B 291 -8.48 24.21 -12.86
N PHE B 292 -7.40 24.67 -13.52
CA PHE B 292 -6.52 23.79 -14.27
C PHE B 292 -5.48 23.20 -13.32
N ASP B 293 -5.26 21.89 -13.43
CA ASP B 293 -4.07 21.27 -12.87
C ASP B 293 -2.90 21.65 -13.78
N VAL B 294 -1.79 22.13 -13.18
CA VAL B 294 -0.67 22.63 -13.95
C VAL B 294 0.64 22.02 -13.43
N VAL B 295 1.58 21.79 -14.37
CA VAL B 295 2.93 21.35 -14.06
C VAL B 295 3.91 22.34 -14.70
N MET B 296 4.92 22.77 -13.93
CA MET B 296 6.07 23.47 -14.49
C MET B 296 7.38 22.77 -14.16
N ASN B 297 7.33 21.71 -13.33
CA ASN B 297 8.52 21.06 -12.81
C ASN B 297 9.17 20.19 -13.89
N HIS B 298 8.34 19.47 -14.63
CA HIS B 298 8.82 18.43 -15.53
C HIS B 298 7.96 18.36 -16.79
N ALA B 299 8.56 17.79 -17.85
CA ALA B 299 7.83 17.35 -19.02
C ALA B 299 7.68 15.83 -18.94
N GLY B 300 6.98 15.24 -19.91
CA GLY B 300 6.71 13.81 -19.92
C GLY B 300 7.95 13.00 -20.31
N TYR B 301 7.91 11.70 -20.02
CA TYR B 301 8.99 10.78 -20.35
C TYR B 301 9.14 10.71 -21.87
N ALA B 302 10.31 10.24 -22.32
CA ALA B 302 10.53 9.93 -23.72
C ALA B 302 9.83 8.63 -24.06
N THR B 303 9.00 8.65 -25.12
CA THR B 303 8.27 7.46 -25.57
C THR B 303 8.62 7.18 -27.03
N LEU B 304 8.43 5.93 -27.44
CA LEU B 304 8.72 5.50 -28.81
C LEU B 304 7.87 6.27 -29.80
N ALA B 305 6.60 6.52 -29.43
CA ALA B 305 5.68 7.30 -30.24
C ALA B 305 6.29 8.65 -30.60
N ASP B 306 6.76 9.38 -29.57
CA ASP B 306 7.27 10.73 -29.73
C ASP B 306 8.63 10.74 -30.42
N MET B 307 9.44 9.70 -30.16
CA MET B 307 10.77 9.58 -30.73
C MET B 307 10.68 9.41 -32.25
N GLN B 308 9.71 8.61 -32.72
CA GLN B 308 9.55 8.37 -34.14
C GLN B 308 8.89 9.57 -34.81
N GLU B 309 7.87 10.13 -34.15
CA GLU B 309 7.06 11.21 -34.71
C GLU B 309 7.88 12.49 -34.85
N PHE B 310 8.68 12.83 -33.83
CA PHE B 310 9.40 14.10 -33.79
C PHE B 310 10.90 13.89 -33.97
N GLN B 311 11.34 12.65 -34.20
CA GLN B 311 12.69 12.36 -34.63
C GLN B 311 13.71 12.92 -33.63
N PHE B 312 13.68 12.37 -32.40
CA PHE B 312 14.70 12.65 -31.41
C PHE B 312 15.13 11.32 -30.79
N GLY B 313 16.27 11.35 -30.09
CA GLY B 313 16.79 10.18 -29.39
C GLY B 313 17.54 9.25 -30.34
N SER B 314 17.87 8.06 -29.84
CA SER B 314 18.70 7.11 -30.54
C SER B 314 18.30 5.68 -30.15
N LEU B 315 18.41 4.76 -31.12
CA LEU B 315 18.14 3.35 -30.88
C LEU B 315 19.41 2.55 -31.11
N TYR B 316 19.53 1.42 -30.42
CA TYR B 316 20.60 0.47 -30.65
C TYR B 316 20.29 -0.37 -31.89
N LEU B 317 19.02 -0.35 -32.35
CA LEU B 317 18.56 -1.18 -33.45
C LEU B 317 18.71 -0.43 -34.77
N GLN B 318 18.71 -1.20 -35.87
CA GLN B 318 18.87 -0.65 -37.21
C GLN B 318 18.33 -1.62 -38.27
N GLY B 319 17.79 -1.07 -39.36
CA GLY B 319 17.46 -1.82 -40.56
C GLY B 319 16.40 -2.90 -40.29
N ASP B 320 16.82 -4.17 -40.41
CA ASP B 320 15.94 -5.31 -40.24
C ASP B 320 15.50 -5.38 -38.79
N GLU B 321 16.49 -5.35 -37.88
CA GLU B 321 16.27 -5.45 -36.44
C GLU B 321 15.21 -4.45 -35.99
N LEU B 322 15.22 -3.23 -36.58
CA LEU B 322 14.30 -2.19 -36.19
C LEU B 322 12.87 -2.60 -36.54
N LYS B 323 12.65 -2.97 -37.81
CA LYS B 323 11.34 -3.37 -38.29
C LYS B 323 10.96 -4.74 -37.72
N LYS B 324 11.98 -5.57 -37.48
CA LYS B 324 11.77 -6.92 -36.96
C LYS B 324 11.23 -6.85 -35.54
N THR B 325 11.66 -5.83 -34.79
CA THR B 325 11.42 -5.74 -33.35
C THR B 325 10.27 -4.78 -33.07
N LEU B 326 10.42 -3.52 -33.52
CA LEU B 326 9.50 -2.46 -33.13
C LEU B 326 8.42 -2.24 -34.18
N GLY B 327 8.55 -2.92 -35.34
CA GLY B 327 7.53 -2.86 -36.37
C GLY B 327 7.53 -1.51 -37.08
N GLU B 328 6.43 -1.24 -37.81
CA GLU B 328 6.29 -0.04 -38.59
C GLU B 328 6.16 1.17 -37.66
N ARG B 329 5.20 1.10 -36.73
CA ARG B 329 5.00 2.14 -35.72
C ARG B 329 5.51 1.63 -34.37
N TRP B 330 6.61 2.24 -33.89
CA TRP B 330 7.38 1.70 -32.77
C TRP B 330 6.50 1.54 -31.53
N THR B 331 5.51 2.41 -31.38
CA THR B 331 4.65 2.44 -30.20
C THR B 331 3.70 1.24 -30.18
N ASP B 332 3.60 0.49 -31.28
CA ASP B 332 2.72 -0.68 -31.37
C ASP B 332 3.41 -1.93 -30.81
N TRP B 333 4.71 -1.83 -30.48
CA TRP B 333 5.46 -2.92 -29.85
C TRP B 333 4.75 -3.41 -28.60
N LYS B 334 4.85 -4.72 -28.32
CA LYS B 334 4.32 -5.32 -27.10
C LYS B 334 5.36 -6.29 -26.53
N PRO B 335 5.48 -6.41 -25.19
CA PRO B 335 6.45 -7.33 -24.62
C PRO B 335 6.25 -8.78 -25.08
N GLY B 336 7.35 -9.42 -25.47
CA GLY B 336 7.36 -10.84 -25.81
C GLY B 336 7.68 -11.69 -24.57
N ALA B 337 8.36 -12.83 -24.81
CA ALA B 337 8.69 -13.76 -23.75
C ALA B 337 9.86 -13.21 -22.93
N GLY B 338 9.74 -13.34 -21.61
CA GLY B 338 10.76 -12.83 -20.69
C GLY B 338 10.98 -11.34 -20.88
N GLN B 339 9.88 -10.58 -21.02
CA GLN B 339 9.93 -9.15 -21.22
C GLN B 339 8.74 -8.51 -20.50
N THR B 340 8.93 -7.26 -20.08
CA THR B 340 7.85 -6.46 -19.51
C THR B 340 7.72 -5.21 -20.37
N TRP B 341 6.82 -4.30 -19.98
CA TRP B 341 6.60 -3.08 -20.72
C TRP B 341 7.75 -2.10 -20.53
N HIS B 342 8.72 -2.42 -19.64
CA HIS B 342 9.94 -1.65 -19.51
C HIS B 342 10.99 -2.10 -20.53
N SER B 343 10.82 -3.30 -21.10
CA SER B 343 11.86 -3.95 -21.89
C SER B 343 12.35 -3.08 -23.07
N PHE B 344 11.46 -2.24 -23.61
CA PHE B 344 11.76 -1.45 -24.79
C PHE B 344 12.96 -0.54 -24.56
N ASN B 345 13.21 -0.19 -23.29
CA ASN B 345 14.31 0.68 -22.92
C ASN B 345 15.65 0.06 -23.35
N ASP B 346 15.70 -1.28 -23.43
CA ASP B 346 16.90 -1.99 -23.83
C ASP B 346 17.19 -1.81 -25.32
N TYR B 347 16.25 -1.22 -26.07
CA TYR B 347 16.43 -0.92 -27.47
C TYR B 347 16.83 0.54 -27.68
N ILE B 348 16.90 1.32 -26.59
CA ILE B 348 17.16 2.75 -26.67
C ILE B 348 18.58 3.04 -26.16
N ASN B 349 19.30 3.87 -26.93
CA ASN B 349 20.64 4.29 -26.60
C ASN B 349 20.58 5.67 -25.94
N PHE B 350 20.65 5.69 -24.60
CA PHE B 350 20.46 6.90 -23.83
C PHE B 350 21.78 7.66 -23.68
N SER B 351 22.89 7.02 -24.06
CA SER B 351 24.21 7.64 -23.94
C SER B 351 24.45 8.59 -25.12
N ASP B 352 23.71 8.39 -26.22
CA ASP B 352 23.93 9.10 -27.47
C ASP B 352 23.70 10.61 -27.29
N LYS B 353 24.79 11.39 -27.27
CA LYS B 353 24.73 12.81 -26.96
C LYS B 353 23.94 13.55 -28.04
N ALA B 354 24.36 13.39 -29.30
CA ALA B 354 23.85 14.19 -30.41
C ALA B 354 22.41 13.84 -30.76
N GLY B 355 22.05 12.56 -30.59
CA GLY B 355 20.69 12.10 -30.86
C GLY B 355 19.69 12.68 -29.85
N TRP B 356 20.09 12.74 -28.58
CA TRP B 356 19.18 13.13 -27.51
C TRP B 356 19.17 14.65 -27.33
N GLU B 357 20.16 15.34 -27.89
CA GLU B 357 20.14 16.80 -27.94
C GLU B 357 18.98 17.27 -28.82
N LYS B 358 18.48 16.39 -29.69
CA LYS B 358 17.40 16.73 -30.61
C LYS B 358 16.04 16.74 -29.91
N TRP B 359 15.98 16.29 -28.65
CA TRP B 359 14.75 16.31 -27.86
C TRP B 359 14.49 17.74 -27.38
N TRP B 360 14.52 17.98 -26.06
CA TRP B 360 14.26 19.30 -25.51
C TRP B 360 15.48 20.20 -25.67
N GLY B 361 16.68 19.63 -25.54
CA GLY B 361 17.93 20.36 -25.68
C GLY B 361 18.49 20.75 -24.32
N LYS B 362 19.84 20.88 -24.27
CA LYS B 362 20.60 21.12 -23.05
C LYS B 362 20.11 22.35 -22.31
N LYS B 363 19.46 23.28 -23.02
CA LYS B 363 19.04 24.54 -22.44
C LYS B 363 17.71 24.42 -21.70
N TRP B 364 17.06 23.25 -21.77
CA TRP B 364 15.68 23.12 -21.32
C TRP B 364 15.54 22.26 -20.06
N ILE B 365 16.23 21.11 -20.00
CA ILE B 365 15.95 20.11 -18.98
C ILE B 365 17.23 19.51 -18.41
N ARG B 366 17.15 19.10 -17.13
CA ARG B 366 18.13 18.22 -16.51
C ARG B 366 17.60 16.78 -16.55
N ILE B 367 18.47 15.85 -16.92
CA ILE B 367 18.14 14.44 -16.97
C ILE B 367 19.44 13.65 -17.18
N ASP B 368 19.47 12.39 -16.73
CA ASP B 368 20.67 11.57 -16.79
C ASP B 368 20.75 10.88 -18.16
N ILE B 369 20.74 11.69 -19.23
CA ILE B 369 20.72 11.22 -20.60
C ILE B 369 21.70 12.05 -21.42
N GLY B 370 22.45 11.39 -22.32
CA GLY B 370 23.28 12.07 -23.29
C GLY B 370 24.11 13.20 -22.68
N ASP B 371 24.06 14.38 -23.31
CA ASP B 371 24.91 15.50 -22.93
C ASP B 371 24.11 16.55 -22.15
N TYR B 372 22.98 16.14 -21.57
CA TYR B 372 22.18 17.05 -20.76
C TYR B 372 22.86 17.30 -19.43
N ASP B 373 22.54 18.44 -18.81
CA ASP B 373 22.98 18.73 -17.46
C ASP B 373 22.42 17.67 -16.53
N ASN B 374 23.26 17.20 -15.61
CA ASN B 374 22.90 16.16 -14.67
C ASN B 374 21.87 16.72 -13.70
N PRO B 375 20.87 15.91 -13.26
CA PRO B 375 20.04 16.29 -12.12
C PRO B 375 20.83 16.43 -10.84
N GLY B 376 20.22 17.07 -9.83
CA GLY B 376 20.86 17.33 -8.55
C GLY B 376 20.39 16.38 -7.47
N TYR B 377 20.85 16.61 -6.23
CA TYR B 377 20.54 15.72 -5.13
C TYR B 377 19.60 16.42 -4.15
N ASP B 378 18.94 17.50 -4.62
CA ASP B 378 17.97 18.21 -3.81
C ASP B 378 16.61 18.22 -4.52
N ASP B 379 15.59 18.68 -3.77
CA ASP B 379 14.24 18.87 -4.28
C ASP B 379 14.22 19.54 -5.65
N LEU B 380 14.81 20.75 -5.72
CA LEU B 380 14.58 21.67 -6.82
C LEU B 380 15.14 21.12 -8.13
N THR B 381 16.35 20.54 -8.11
CA THR B 381 17.07 20.23 -9.34
C THR B 381 17.10 18.72 -9.62
N MET B 382 16.46 17.89 -8.79
CA MET B 382 16.47 16.46 -9.00
C MET B 382 15.56 16.10 -10.17
N SER B 383 15.78 14.91 -10.73
CA SER B 383 14.90 14.33 -11.72
C SER B 383 13.89 13.41 -11.02
N LEU B 384 12.71 13.97 -10.75
CA LEU B 384 11.65 13.27 -10.03
C LEU B 384 11.18 12.07 -10.85
N ALA B 385 11.35 10.87 -10.29
CA ALA B 385 10.95 9.63 -10.95
C ALA B 385 11.49 9.55 -12.37
N PHE B 386 12.74 9.99 -12.56
CA PHE B 386 13.44 9.94 -13.84
C PHE B 386 12.76 10.82 -14.88
N LEU B 387 11.99 11.83 -14.44
CA LEU B 387 11.32 12.74 -15.35
C LEU B 387 12.28 13.86 -15.73
N PRO B 388 12.19 14.41 -16.97
CA PRO B 388 12.99 15.57 -17.34
C PRO B 388 12.61 16.80 -16.52
N ASP B 389 13.61 17.44 -15.90
CA ASP B 389 13.37 18.50 -14.94
C ASP B 389 13.62 19.86 -15.61
N LEU B 390 12.54 20.62 -15.84
CA LEU B 390 12.62 21.87 -16.55
C LEU B 390 13.48 22.86 -15.76
N LYS B 391 14.45 23.47 -16.46
CA LYS B 391 15.40 24.38 -15.85
C LYS B 391 14.71 25.72 -15.58
N THR B 392 13.84 25.73 -14.56
CA THR B 392 13.02 26.88 -14.22
C THR B 392 13.87 28.02 -13.68
N GLU B 393 14.96 27.69 -12.98
CA GLU B 393 15.82 28.69 -12.34
C GLU B 393 16.78 29.32 -13.36
N SER B 394 16.89 28.74 -14.55
CA SER B 394 17.88 29.17 -15.53
C SER B 394 17.55 30.57 -16.04
N LYS B 395 18.60 31.38 -16.21
CA LYS B 395 18.52 32.69 -16.83
C LYS B 395 18.94 32.62 -18.30
N GLU B 396 19.55 31.48 -18.69
CA GLU B 396 20.03 31.27 -20.05
C GLU B 396 18.85 31.31 -21.02
N ILE B 397 19.04 31.99 -22.16
CA ILE B 397 17.99 32.19 -23.15
C ILE B 397 17.98 31.01 -24.12
N SER B 398 16.86 30.30 -24.16
CA SER B 398 16.80 28.92 -24.67
C SER B 398 16.35 28.84 -26.12
N GLY B 399 15.43 29.74 -26.52
CA GLY B 399 14.63 29.51 -27.70
C GLY B 399 13.58 28.43 -27.41
N LEU B 400 13.04 27.81 -28.47
CA LEU B 400 12.05 26.76 -28.32
C LEU B 400 12.76 25.43 -28.11
N PRO B 401 12.07 24.40 -27.55
CA PRO B 401 12.61 23.05 -27.54
C PRO B 401 13.04 22.62 -28.94
N ASN B 402 14.15 21.89 -29.03
CA ASN B 402 14.72 21.55 -30.32
C ASN B 402 13.70 20.78 -31.16
N PHE B 403 13.01 19.82 -30.53
CA PHE B 403 12.15 18.89 -31.24
C PHE B 403 10.88 19.58 -31.76
N TYR B 404 10.61 20.82 -31.32
CA TYR B 404 9.47 21.57 -31.81
C TYR B 404 9.64 21.92 -33.29
N SER B 405 10.89 21.87 -33.78
CA SER B 405 11.18 22.08 -35.19
C SER B 405 10.58 20.99 -36.07
N HIS B 406 10.24 19.84 -35.46
CA HIS B 406 9.58 18.74 -36.16
C HIS B 406 8.10 18.64 -35.75
N LYS B 407 7.59 19.68 -35.08
CA LYS B 407 6.21 19.69 -34.59
C LYS B 407 5.51 20.93 -35.13
N PRO B 408 5.05 20.92 -36.40
CA PRO B 408 4.45 22.10 -37.03
C PRO B 408 3.07 22.53 -36.50
N ASP B 409 2.43 21.70 -35.67
CA ASP B 409 1.09 22.00 -35.19
C ASP B 409 1.11 22.82 -33.89
N THR B 410 2.31 23.10 -33.34
CA THR B 410 2.41 23.80 -32.06
C THR B 410 1.97 25.25 -32.22
N ALA B 411 1.50 25.86 -31.13
CA ALA B 411 1.17 27.27 -31.09
C ALA B 411 2.33 28.09 -30.52
N ALA B 412 3.36 27.40 -30.04
CA ALA B 412 4.50 28.04 -29.40
C ALA B 412 5.33 28.80 -30.42
N LYS B 413 5.76 30.01 -30.04
CA LYS B 413 6.61 30.86 -30.84
C LYS B 413 7.88 31.21 -30.09
N ALA B 414 9.01 31.24 -30.78
CA ALA B 414 10.23 31.78 -30.21
C ALA B 414 10.00 33.24 -29.86
N ILE B 415 10.46 33.65 -28.67
CA ILE B 415 10.37 35.03 -28.22
C ILE B 415 11.74 35.46 -27.72
N PRO B 416 12.39 36.47 -28.34
CA PRO B 416 13.71 36.91 -27.90
C PRO B 416 13.77 37.26 -26.41
N GLY B 417 14.80 36.72 -25.73
CA GLY B 417 15.05 37.04 -24.33
C GLY B 417 14.22 36.20 -23.36
N TYR B 418 13.62 35.12 -23.87
CA TYR B 418 12.81 34.25 -23.04
C TYR B 418 13.64 33.06 -22.56
N THR B 419 13.59 32.83 -21.25
CA THR B 419 14.13 31.64 -20.62
C THR B 419 13.05 30.55 -20.67
N PRO B 420 13.39 29.27 -20.41
CA PRO B 420 12.38 28.23 -20.24
C PRO B 420 11.23 28.64 -19.31
N ARG B 421 11.58 29.26 -18.17
CA ARG B 421 10.59 29.69 -17.18
C ARG B 421 9.62 30.67 -17.79
N ASP B 422 10.16 31.64 -18.56
CA ASP B 422 9.35 32.68 -19.18
C ASP B 422 8.33 32.06 -20.12
N TYR B 423 8.75 31.03 -20.87
CA TYR B 423 7.88 30.34 -21.81
C TYR B 423 6.75 29.64 -21.08
N LEU B 424 7.10 28.92 -20.00
CA LEU B 424 6.14 28.13 -19.24
C LEU B 424 5.04 29.01 -18.67
N THR B 425 5.42 30.13 -18.02
CA THR B 425 4.46 30.99 -17.36
C THR B 425 3.61 31.70 -18.40
N HIS B 426 4.23 32.03 -19.54
CA HIS B 426 3.54 32.64 -20.67
C HIS B 426 2.55 31.65 -21.29
N TRP B 427 2.97 30.39 -21.47
CA TRP B 427 2.14 29.37 -22.08
C TRP B 427 0.89 29.13 -21.22
N LEU B 428 1.10 28.94 -19.91
CA LEU B 428 0.00 28.68 -18.98
C LEU B 428 -0.91 29.90 -18.86
N SER B 429 -0.31 31.10 -18.85
CA SER B 429 -1.04 32.35 -18.67
C SER B 429 -2.01 32.57 -19.83
N GLN B 430 -1.62 32.11 -21.02
CA GLN B 430 -2.39 32.35 -22.24
C GLN B 430 -3.77 31.71 -22.13
N TRP B 431 -3.82 30.50 -21.57
CA TRP B 431 -5.06 29.78 -21.36
C TRP B 431 -5.99 30.56 -20.45
N VAL B 432 -5.41 31.20 -19.42
CA VAL B 432 -6.17 31.99 -18.48
C VAL B 432 -6.74 33.21 -19.22
N ARG B 433 -5.92 33.79 -20.09
CA ARG B 433 -6.28 35.01 -20.79
C ARG B 433 -7.41 34.77 -21.79
N ASP B 434 -7.44 33.58 -22.41
CA ASP B 434 -8.32 33.34 -23.54
C ASP B 434 -9.63 32.67 -23.13
N TYR B 435 -9.68 32.02 -21.96
CA TYR B 435 -10.84 31.22 -21.59
C TYR B 435 -11.41 31.64 -20.23
N GLY B 436 -10.67 32.40 -19.43
CA GLY B 436 -11.16 32.90 -18.16
C GLY B 436 -11.09 31.83 -17.06
N ILE B 437 -9.98 31.09 -17.04
CA ILE B 437 -9.69 30.11 -16.01
C ILE B 437 -9.58 30.84 -14.69
N ASP B 438 -10.29 30.35 -13.66
CA ASP B 438 -10.43 31.05 -12.40
C ASP B 438 -9.21 30.80 -11.50
N GLY B 439 -8.50 29.69 -11.73
CA GLY B 439 -7.32 29.40 -10.93
C GLY B 439 -6.55 28.17 -11.42
N PHE B 440 -5.43 27.88 -10.72
CA PHE B 440 -4.63 26.69 -10.95
C PHE B 440 -4.50 25.88 -9.67
N ARG B 441 -4.41 24.55 -9.84
CA ARG B 441 -3.83 23.66 -8.84
C ARG B 441 -2.44 23.27 -9.33
N VAL B 442 -1.41 23.69 -8.59
CA VAL B 442 -0.03 23.55 -9.01
C VAL B 442 0.52 22.23 -8.47
N ASP B 443 1.01 21.38 -9.39
CA ASP B 443 1.63 20.11 -9.04
C ASP B 443 3.06 20.34 -8.58
N THR B 444 3.64 19.34 -7.90
CA THR B 444 5.05 19.31 -7.54
C THR B 444 5.58 20.72 -7.24
N ALA B 445 5.04 21.34 -6.18
CA ALA B 445 5.40 22.71 -5.83
C ALA B 445 6.79 22.77 -5.21
N LYS B 446 7.09 21.76 -4.37
CA LYS B 446 8.34 21.64 -3.63
C LYS B 446 9.53 21.43 -4.56
N HIS B 447 9.27 21.07 -5.83
CA HIS B 447 10.33 20.69 -6.76
C HIS B 447 10.67 21.83 -7.73
N VAL B 448 10.06 23.01 -7.51
CA VAL B 448 10.33 24.19 -8.33
C VAL B 448 10.52 25.38 -7.40
N GLU B 449 11.46 26.27 -7.76
CA GLU B 449 11.85 27.37 -6.89
C GLU B 449 10.70 28.35 -6.74
N MET B 450 10.64 29.01 -5.58
CA MET B 450 9.50 29.82 -5.19
C MET B 450 9.29 30.98 -6.15
N ASP B 451 10.39 31.53 -6.69
CA ASP B 451 10.34 32.67 -7.61
C ASP B 451 9.55 32.34 -8.87
N ALA B 452 9.68 31.11 -9.36
CA ALA B 452 8.98 30.67 -10.57
C ALA B 452 7.48 30.70 -10.34
N TRP B 453 7.03 30.23 -9.16
CA TRP B 453 5.62 30.22 -8.83
C TRP B 453 5.07 31.63 -8.70
N GLN B 454 5.88 32.55 -8.17
CA GLN B 454 5.49 33.95 -8.05
C GLN B 454 5.24 34.51 -9.46
N GLN B 455 6.17 34.23 -10.38
CA GLN B 455 6.06 34.73 -11.74
C GLN B 455 4.77 34.21 -12.39
N LEU B 456 4.48 32.93 -12.16
CA LEU B 456 3.29 32.29 -12.72
C LEU B 456 2.04 32.99 -12.18
N LYS B 457 2.01 33.21 -10.86
CA LYS B 457 0.86 33.81 -10.22
C LYS B 457 0.61 35.20 -10.78
N THR B 458 1.66 36.04 -10.82
CA THR B 458 1.56 37.41 -11.28
C THR B 458 1.03 37.46 -12.72
N GLN B 459 1.67 36.69 -13.62
CA GLN B 459 1.29 36.68 -15.03
C GLN B 459 -0.13 36.14 -15.19
N ALA B 460 -0.48 35.11 -14.40
CA ALA B 460 -1.81 34.52 -14.46
C ALA B 460 -2.85 35.48 -13.93
N THR B 461 -2.51 36.24 -12.87
CA THR B 461 -3.45 37.17 -12.26
C THR B 461 -3.81 38.26 -13.28
N ALA B 462 -2.79 38.75 -14.00
CA ALA B 462 -2.98 39.76 -15.03
C ALA B 462 -3.87 39.21 -16.14
N ALA B 463 -3.61 37.96 -16.54
CA ALA B 463 -4.36 37.30 -17.60
C ALA B 463 -5.85 37.27 -17.27
N LEU B 464 -6.20 36.79 -16.07
CA LEU B 464 -7.60 36.65 -15.71
C LEU B 464 -8.25 38.03 -15.61
N ALA B 465 -7.57 38.96 -14.93
CA ALA B 465 -8.03 40.33 -14.82
C ALA B 465 -8.34 40.92 -16.21
N GLU B 466 -7.47 40.63 -17.19
CA GLU B 466 -7.62 41.14 -18.55
C GLU B 466 -8.87 40.55 -19.18
N TRP B 467 -9.06 39.22 -19.03
CA TRP B 467 -10.18 38.51 -19.65
C TRP B 467 -11.51 38.93 -19.03
N LYS B 468 -11.55 39.10 -17.69
CA LYS B 468 -12.77 39.46 -17.01
C LYS B 468 -13.30 40.81 -17.51
N LYS B 469 -12.38 41.73 -17.83
CA LYS B 469 -12.75 43.07 -18.27
C LYS B 469 -13.18 43.06 -19.73
N ALA B 470 -12.58 42.16 -20.52
CA ALA B 470 -12.90 42.03 -21.92
C ALA B 470 -14.15 41.16 -22.12
N ASN B 471 -14.60 40.50 -21.06
CA ASN B 471 -15.79 39.66 -21.10
C ASN B 471 -16.64 39.91 -19.85
N PRO B 472 -17.22 41.13 -19.70
CA PRO B 472 -17.97 41.46 -18.49
C PRO B 472 -19.28 40.68 -18.35
N ASP B 473 -19.85 40.30 -19.49
CA ASP B 473 -21.06 39.49 -19.55
C ASP B 473 -20.83 38.13 -18.88
N LYS B 474 -19.61 37.58 -19.07
CA LYS B 474 -19.29 36.23 -18.65
C LYS B 474 -18.75 36.19 -17.22
N ALA B 475 -18.11 37.28 -16.77
CA ALA B 475 -17.45 37.31 -15.47
C ALA B 475 -18.47 37.28 -14.34
N LEU B 476 -18.19 36.48 -13.30
CA LEU B 476 -19.07 36.33 -12.16
C LEU B 476 -18.82 37.42 -11.13
N ASP B 477 -17.55 37.78 -10.95
CA ASP B 477 -17.13 38.78 -9.98
C ASP B 477 -15.83 39.41 -10.46
N ALA B 478 -15.23 40.27 -9.63
CA ALA B 478 -13.90 40.83 -9.92
C ALA B 478 -12.87 40.23 -8.96
N ALA B 479 -13.02 38.94 -8.63
CA ALA B 479 -12.09 38.25 -7.74
C ALA B 479 -10.77 38.03 -8.49
N PRO B 480 -9.61 38.05 -7.80
CA PRO B 480 -8.36 37.72 -8.45
C PRO B 480 -8.24 36.23 -8.79
N PHE B 481 -7.28 35.92 -9.66
CA PHE B 481 -6.90 34.54 -9.94
C PHE B 481 -6.50 33.86 -8.64
N TRP B 482 -7.00 32.64 -8.43
CA TRP B 482 -6.74 31.85 -7.25
C TRP B 482 -5.73 30.76 -7.59
N MET B 483 -4.80 30.46 -6.68
CA MET B 483 -3.77 29.46 -6.94
C MET B 483 -3.52 28.64 -5.68
N THR B 484 -3.71 27.32 -5.81
CA THR B 484 -3.39 26.37 -4.75
C THR B 484 -2.25 25.48 -5.26
N GLY B 485 -1.55 24.81 -4.34
CA GLY B 485 -0.38 24.02 -4.71
C GLY B 485 -0.32 22.71 -3.93
N GLU B 486 0.29 21.69 -4.56
CA GLU B 486 0.61 20.45 -3.88
C GLU B 486 2.09 20.49 -3.49
N ALA B 487 2.35 20.77 -2.20
CA ALA B 487 3.64 20.54 -1.59
C ALA B 487 3.52 19.29 -0.72
N TRP B 488 4.41 18.30 -0.97
CA TRP B 488 4.18 16.96 -0.43
C TRP B 488 4.22 16.99 1.09
N GLY B 489 3.16 16.46 1.70
CA GLY B 489 3.05 16.31 3.14
C GLY B 489 2.69 17.62 3.86
N HIS B 490 2.27 18.64 3.09
CA HIS B 490 1.98 19.96 3.66
C HIS B 490 0.70 19.88 4.48
N GLY B 491 0.65 20.65 5.57
CA GLY B 491 -0.46 20.60 6.51
C GLY B 491 -1.08 21.97 6.76
N VAL B 492 -1.76 22.09 7.91
CA VAL B 492 -2.55 23.27 8.24
C VAL B 492 -1.63 24.30 8.87
N MET B 493 -0.68 24.82 8.09
CA MET B 493 0.22 25.88 8.54
C MET B 493 0.38 26.90 7.42
N GLN B 494 0.60 28.17 7.80
CA GLN B 494 0.76 29.25 6.84
C GLN B 494 2.23 29.32 6.43
N SER B 495 2.60 28.51 5.44
CA SER B 495 3.98 28.30 5.05
C SER B 495 4.49 29.48 4.22
N ASP B 496 5.77 29.37 3.82
CA ASP B 496 6.45 30.35 2.98
C ASP B 496 5.71 30.53 1.65
N TYR B 497 5.10 29.44 1.15
CA TYR B 497 4.33 29.44 -0.09
C TYR B 497 3.25 30.53 -0.10
N TYR B 498 2.71 30.88 1.08
CA TYR B 498 1.62 31.83 1.18
C TYR B 498 2.10 33.27 0.95
N ARG B 499 3.42 33.51 1.05
CA ARG B 499 3.97 34.84 0.87
C ARG B 499 4.48 35.06 -0.56
N HIS B 500 4.37 34.04 -1.42
CA HIS B 500 5.02 34.09 -2.72
C HIS B 500 4.10 33.61 -3.84
N GLY B 501 2.78 33.72 -3.64
CA GLY B 501 1.85 33.60 -4.75
C GLY B 501 0.68 32.64 -4.49
N PHE B 502 0.75 31.82 -3.44
CA PHE B 502 -0.27 30.82 -3.19
C PHE B 502 -1.35 31.38 -2.26
N ASP B 503 -2.61 31.02 -2.56
CA ASP B 503 -3.76 31.45 -1.78
C ASP B 503 -4.15 30.39 -0.75
N ALA B 504 -3.81 29.13 -1.05
CA ALA B 504 -4.07 27.99 -0.17
C ALA B 504 -3.20 26.83 -0.61
N MET B 505 -2.67 26.07 0.35
CA MET B 505 -1.96 24.84 0.03
C MET B 505 -2.87 23.66 0.34
N ILE B 506 -2.64 22.56 -0.39
CA ILE B 506 -3.35 21.32 -0.16
C ILE B 506 -2.89 20.71 1.17
N ASN B 507 -3.87 20.37 2.02
CA ASN B 507 -3.63 19.86 3.37
C ASN B 507 -3.65 18.33 3.32
N PHE B 508 -2.48 17.72 3.56
CA PHE B 508 -2.29 16.28 3.50
C PHE B 508 -2.79 15.60 4.78
N ASP B 509 -2.89 16.37 5.88
CA ASP B 509 -3.07 15.81 7.20
C ASP B 509 -4.52 15.46 7.50
N TYR B 510 -5.48 16.02 6.74
CA TYR B 510 -6.89 15.85 7.04
C TYR B 510 -7.31 14.41 6.82
N GLN B 511 -6.75 13.76 5.79
CA GLN B 511 -7.08 12.40 5.43
C GLN B 511 -6.99 11.48 6.65
N ASP B 512 -5.85 11.52 7.35
CA ASP B 512 -5.65 10.66 8.51
C ASP B 512 -6.66 11.00 9.58
N GLN B 513 -6.82 12.29 9.89
CA GLN B 513 -7.73 12.73 10.93
C GLN B 513 -9.13 12.16 10.68
N ALA B 514 -9.60 12.28 9.43
CA ALA B 514 -10.91 11.79 9.04
C ALA B 514 -11.01 10.27 9.19
N ALA B 515 -9.90 9.56 8.94
CA ALA B 515 -9.85 8.11 9.07
C ALA B 515 -10.13 7.67 10.51
N LYS B 516 -9.64 8.46 11.48
CA LYS B 516 -9.80 8.15 12.90
C LYS B 516 -11.24 8.39 13.36
N ALA B 517 -12.05 9.06 12.54
CA ALA B 517 -13.43 9.39 12.89
C ALA B 517 -14.43 8.63 12.02
N ALA B 518 -13.93 7.72 11.17
CA ALA B 518 -14.78 6.98 10.24
C ALA B 518 -15.85 6.17 10.97
N THR B 519 -15.49 5.61 12.14
CA THR B 519 -16.38 4.75 12.92
C THR B 519 -17.25 5.59 13.84
N CYS B 520 -16.84 6.83 14.13
CA CYS B 520 -17.56 7.71 15.03
C CYS B 520 -17.33 9.16 14.63
N MET B 521 -18.37 9.81 14.08
CA MET B 521 -18.27 11.12 13.47
C MET B 521 -17.68 12.14 14.46
N ALA B 522 -17.96 11.97 15.75
CA ALA B 522 -17.61 12.93 16.78
C ALA B 522 -16.10 13.03 16.99
N ASN B 523 -15.36 11.97 16.67
CA ASN B 523 -13.92 11.91 16.88
C ASN B 523 -13.18 13.02 16.14
N ILE B 524 -13.87 13.75 15.24
CA ILE B 524 -13.24 14.78 14.43
C ILE B 524 -13.27 16.13 15.14
N ASP B 525 -13.93 16.22 16.31
CA ASP B 525 -14.18 17.50 16.95
C ASP B 525 -12.90 18.31 17.08
N LEU B 526 -11.89 17.73 17.73
CA LEU B 526 -10.63 18.40 18.00
C LEU B 526 -10.05 18.99 16.72
N THR B 527 -9.99 18.18 15.67
CA THR B 527 -9.47 18.60 14.38
C THR B 527 -10.26 19.81 13.86
N TRP B 528 -11.59 19.74 13.93
CA TRP B 528 -12.44 20.81 13.43
C TRP B 528 -12.29 22.08 14.26
N GLN B 529 -12.06 21.95 15.57
CA GLN B 529 -11.88 23.11 16.42
C GLN B 529 -10.59 23.83 16.04
N GLN B 530 -9.48 23.08 16.03
CA GLN B 530 -8.17 23.63 15.69
C GLN B 530 -8.21 24.29 14.32
N MET B 531 -8.82 23.60 13.34
CA MET B 531 -8.83 24.07 11.97
C MET B 531 -9.65 25.36 11.85
N ALA B 532 -10.82 25.40 12.50
CA ALA B 532 -11.69 26.57 12.45
C ALA B 532 -10.97 27.79 13.01
N ASP B 533 -10.17 27.60 14.07
CA ASP B 533 -9.47 28.70 14.71
C ASP B 533 -8.23 29.08 13.90
N LYS B 534 -7.42 28.08 13.55
CA LYS B 534 -6.20 28.31 12.79
C LYS B 534 -6.50 29.04 11.47
N LEU B 535 -7.58 28.66 10.79
CA LEU B 535 -7.86 29.11 9.44
C LEU B 535 -8.69 30.39 9.44
N GLN B 536 -8.61 31.18 10.52
CA GLN B 536 -9.18 32.52 10.53
C GLN B 536 -8.25 33.48 9.80
N SER B 537 -6.96 33.10 9.67
CA SER B 537 -5.96 33.97 9.06
C SER B 537 -5.56 33.47 7.66
N PHE B 538 -5.65 32.15 7.39
CA PHE B 538 -5.32 31.61 6.08
C PHE B 538 -6.30 30.50 5.69
N ASN B 539 -6.10 29.94 4.49
CA ASN B 539 -6.96 28.91 3.91
C ASN B 539 -6.11 27.74 3.41
N VAL B 540 -6.67 26.52 3.49
CA VAL B 540 -6.06 25.32 2.94
C VAL B 540 -7.13 24.56 2.15
N LEU B 541 -6.69 23.54 1.39
CA LEU B 541 -7.59 22.67 0.65
C LEU B 541 -7.45 21.24 1.15
N SER B 542 -8.45 20.77 1.90
CA SER B 542 -8.40 19.46 2.56
C SER B 542 -9.20 18.43 1.77
N TYR B 543 -8.77 17.16 1.85
CA TYR B 543 -9.33 16.08 1.04
C TYR B 543 -9.39 14.77 1.83
N LEU B 544 -10.34 13.89 1.45
CA LEU B 544 -10.38 12.52 1.94
C LEU B 544 -9.60 11.63 0.99
N SER B 545 -9.79 11.82 -0.32
CA SER B 545 -9.23 10.95 -1.33
C SER B 545 -8.35 11.77 -2.28
N SER B 546 -7.38 11.10 -2.90
CA SER B 546 -6.58 11.70 -3.96
C SER B 546 -5.92 10.61 -4.81
N HIS B 547 -5.42 11.02 -5.97
CA HIS B 547 -4.77 10.16 -6.94
C HIS B 547 -3.39 9.71 -6.44
N ASP B 548 -2.86 10.41 -5.42
CA ASP B 548 -1.51 10.21 -4.91
C ASP B 548 -1.51 9.39 -3.63
N THR B 549 -2.68 9.18 -3.03
CA THR B 549 -2.74 8.57 -1.69
C THR B 549 -3.60 7.31 -1.76
N ARG B 550 -4.91 7.47 -1.54
CA ARG B 550 -5.84 6.35 -1.52
C ARG B 550 -7.26 6.89 -1.71
N LEU B 551 -8.22 5.97 -1.83
CA LEU B 551 -9.64 6.31 -1.82
C LEU B 551 -10.19 6.08 -0.41
N PHE B 552 -10.86 7.09 0.14
CA PHE B 552 -11.47 7.00 1.46
C PHE B 552 -12.79 6.24 1.34
N ARG B 553 -12.79 4.97 1.73
CA ARG B 553 -13.99 4.13 1.66
C ARG B 553 -14.28 3.44 2.98
N GLU B 554 -13.62 3.88 4.07
CA GLU B 554 -13.81 3.27 5.37
C GLU B 554 -14.92 3.99 6.14
N GLY B 555 -15.34 5.16 5.64
CA GLY B 555 -16.30 6.00 6.35
C GLY B 555 -17.70 5.39 6.32
N GLY B 556 -18.01 4.65 5.25
CA GLY B 556 -19.37 4.23 4.96
C GLY B 556 -20.16 5.41 4.41
N ALA B 557 -21.34 5.65 5.00
CA ALA B 557 -22.24 6.70 4.56
C ALA B 557 -21.78 8.08 5.05
N THR B 558 -20.77 8.12 5.95
CA THR B 558 -20.51 9.31 6.75
C THR B 558 -19.42 10.19 6.14
N ALA B 559 -18.95 9.84 4.94
CA ALA B 559 -17.84 10.56 4.32
C ALA B 559 -18.22 12.00 4.00
N ALA B 560 -19.47 12.21 3.59
CA ALA B 560 -19.94 13.51 3.13
C ALA B 560 -19.78 14.55 4.23
N GLU B 561 -20.31 14.25 5.41
CA GLU B 561 -20.27 15.16 6.54
C GLU B 561 -18.83 15.30 7.08
N LEU B 562 -18.02 14.25 6.98
CA LEU B 562 -16.63 14.34 7.44
C LEU B 562 -15.87 15.37 6.60
N LEU B 563 -16.14 15.44 5.29
CA LEU B 563 -15.40 16.32 4.40
C LEU B 563 -16.06 17.70 4.32
N LEU B 564 -17.36 17.73 4.03
CA LEU B 564 -18.04 18.96 3.65
C LEU B 564 -18.25 19.88 4.85
N LEU B 565 -18.21 19.35 6.07
CA LEU B 565 -18.37 20.16 7.28
C LEU B 565 -17.02 20.55 7.88
N ALA B 566 -15.93 20.32 7.13
CA ALA B 566 -14.60 20.73 7.58
C ALA B 566 -14.40 22.23 7.35
N PRO B 567 -13.70 22.95 8.26
CA PRO B 567 -13.26 24.31 7.97
C PRO B 567 -12.30 24.40 6.79
N GLY B 568 -12.34 25.54 6.09
CA GLY B 568 -11.51 25.77 4.92
C GLY B 568 -12.12 25.14 3.67
N ALA B 569 -11.41 25.28 2.55
CA ALA B 569 -11.83 24.70 1.28
C ALA B 569 -11.67 23.18 1.34
N VAL B 570 -12.56 22.47 0.64
CA VAL B 570 -12.55 21.01 0.66
C VAL B 570 -12.57 20.49 -0.77
N GLN B 571 -11.95 19.32 -0.97
CA GLN B 571 -11.75 18.73 -2.28
C GLN B 571 -12.42 17.36 -2.32
N ILE B 572 -13.48 17.26 -3.13
CA ILE B 572 -14.10 15.98 -3.42
C ILE B 572 -13.35 15.34 -4.57
N PHE B 573 -12.82 14.13 -4.35
CA PHE B 573 -12.27 13.34 -5.44
C PHE B 573 -13.43 12.62 -6.12
N TYR B 574 -13.47 12.69 -7.46
CA TYR B 574 -14.58 12.14 -8.21
C TYR B 574 -14.86 10.72 -7.72
N GLY B 575 -16.12 10.47 -7.33
CA GLY B 575 -16.54 9.13 -6.94
C GLY B 575 -16.65 8.95 -5.42
N ASP B 576 -16.15 9.92 -4.64
CA ASP B 576 -16.39 9.95 -3.20
C ASP B 576 -17.90 9.82 -2.95
N GLU B 577 -18.69 10.59 -3.70
CA GLU B 577 -20.14 10.64 -3.53
C GLU B 577 -20.79 9.27 -3.78
N SER B 578 -20.11 8.40 -4.56
CA SER B 578 -20.70 7.18 -5.06
C SER B 578 -19.90 5.94 -4.64
N SER B 579 -18.93 6.13 -3.74
CA SER B 579 -18.03 5.06 -3.31
C SER B 579 -17.43 4.35 -4.53
N ARG B 580 -16.89 5.13 -5.47
CA ARG B 580 -16.18 4.58 -6.61
C ARG B 580 -15.09 3.63 -6.13
N PRO B 581 -15.18 2.31 -6.42
CA PRO B 581 -14.21 1.33 -5.95
C PRO B 581 -12.80 1.54 -6.51
N PHE B 582 -11.81 1.06 -5.74
CA PHE B 582 -10.43 0.99 -6.18
C PHE B 582 -10.30 0.00 -7.33
N GLY B 583 -9.80 0.46 -8.49
CA GLY B 583 -9.76 -0.34 -9.69
C GLY B 583 -8.51 -1.21 -9.77
N PRO B 584 -8.31 -2.00 -10.86
CA PRO B 584 -7.05 -2.69 -11.07
C PRO B 584 -5.86 -1.75 -11.01
N THR B 585 -4.77 -2.19 -10.36
CA THR B 585 -3.69 -1.29 -10.00
C THR B 585 -2.33 -1.80 -10.49
N GLY B 586 -2.25 -3.08 -10.89
CA GLY B 586 -0.99 -3.65 -11.36
C GLY B 586 0.10 -3.55 -10.31
N SER B 587 1.32 -3.26 -10.76
CA SER B 587 2.48 -3.14 -9.88
C SER B 587 2.74 -1.67 -9.53
N ASP B 588 1.71 -0.83 -9.65
CA ASP B 588 1.77 0.57 -9.23
C ASP B 588 0.63 0.81 -8.25
N PRO B 589 0.89 0.89 -6.92
CA PRO B 589 -0.18 0.88 -5.91
C PRO B 589 -1.11 2.08 -5.96
N LEU B 590 -0.75 3.13 -6.70
CA LEU B 590 -1.57 4.32 -6.83
C LEU B 590 -2.66 4.14 -7.87
N GLN B 591 -2.40 3.32 -8.90
CA GLN B 591 -3.19 3.32 -10.12
C GLN B 591 -4.68 3.11 -9.87
N GLY B 592 -5.00 2.29 -8.85
CA GLY B 592 -6.39 1.95 -8.56
C GLY B 592 -7.24 3.16 -8.18
N THR B 593 -6.60 4.24 -7.69
CA THR B 593 -7.33 5.43 -7.29
C THR B 593 -7.96 6.10 -8.52
N ARG B 594 -7.39 5.85 -9.71
CA ARG B 594 -7.83 6.52 -10.93
C ARG B 594 -8.79 5.64 -11.73
N SER B 595 -9.62 4.86 -11.02
CA SER B 595 -10.57 3.96 -11.66
C SER B 595 -11.67 4.75 -12.36
N GLU B 596 -12.37 4.09 -13.29
CA GLU B 596 -13.45 4.70 -14.03
C GLU B 596 -14.57 5.08 -13.06
N MET B 597 -15.23 6.21 -13.34
CA MET B 597 -16.38 6.67 -12.58
C MET B 597 -17.50 5.64 -12.70
N ASN B 598 -18.10 5.28 -11.55
CA ASN B 598 -19.10 4.22 -11.48
C ASN B 598 -20.50 4.80 -11.67
N TRP B 599 -20.85 5.12 -12.92
CA TRP B 599 -22.14 5.74 -13.25
C TRP B 599 -23.28 4.75 -13.08
N GLN B 600 -23.02 3.45 -13.28
CA GLN B 600 -24.01 2.41 -13.04
C GLN B 600 -24.49 2.46 -11.59
N ASP B 601 -23.54 2.59 -10.66
CA ASP B 601 -23.84 2.61 -9.23
C ASP B 601 -24.58 3.89 -8.87
N VAL B 602 -24.19 5.02 -9.48
CA VAL B 602 -24.77 6.32 -9.17
C VAL B 602 -26.29 6.27 -9.37
N ASN B 603 -26.74 5.51 -10.39
CA ASN B 603 -28.15 5.40 -10.71
C ASN B 603 -28.83 4.31 -9.89
N GLY B 604 -28.07 3.29 -9.47
CA GLY B 604 -28.61 2.17 -8.72
C GLY B 604 -28.23 2.25 -7.24
N LYS B 605 -27.20 1.50 -6.84
CA LYS B 605 -26.96 1.14 -5.45
C LYS B 605 -26.34 2.28 -4.67
N ALA B 606 -25.70 3.24 -5.37
CA ALA B 606 -25.02 4.34 -4.73
C ALA B 606 -25.86 5.62 -4.77
N ALA B 607 -27.13 5.50 -5.16
CA ALA B 607 -27.96 6.65 -5.50
C ALA B 607 -28.22 7.51 -4.26
N ARG B 608 -28.52 6.88 -3.13
CA ARG B 608 -28.93 7.61 -1.93
C ARG B 608 -27.70 8.18 -1.21
N SER B 609 -26.53 7.62 -1.48
CA SER B 609 -25.27 8.22 -1.06
C SER B 609 -25.12 9.57 -1.76
N VAL B 610 -25.41 9.61 -3.06
CA VAL B 610 -25.34 10.84 -3.84
C VAL B 610 -26.27 11.87 -3.24
N THR B 611 -27.53 11.48 -3.01
CA THR B 611 -28.52 12.33 -2.36
C THR B 611 -27.95 12.91 -1.06
N HIS B 612 -27.29 12.05 -0.28
CA HIS B 612 -26.72 12.41 1.00
C HIS B 612 -25.67 13.50 0.79
N TRP B 613 -24.76 13.29 -0.16
CA TRP B 613 -23.71 14.25 -0.50
C TRP B 613 -24.33 15.55 -1.02
N GLN B 614 -25.39 15.41 -1.82
CA GLN B 614 -26.06 16.56 -2.43
C GLN B 614 -26.59 17.50 -1.36
N LYS B 615 -27.23 16.94 -0.33
CA LYS B 615 -27.87 17.74 0.71
C LYS B 615 -26.82 18.47 1.57
N ILE B 616 -25.79 17.73 2.02
CA ILE B 616 -24.78 18.31 2.89
C ILE B 616 -23.99 19.36 2.12
N GLY B 617 -23.67 19.05 0.86
CA GLY B 617 -22.96 19.97 -0.01
C GLY B 617 -23.76 21.25 -0.25
N GLN B 618 -25.06 21.10 -0.48
CA GLN B 618 -25.95 22.23 -0.68
C GLN B 618 -26.00 23.08 0.59
N PHE B 619 -25.96 22.42 1.75
CA PHE B 619 -26.00 23.10 3.05
C PHE B 619 -24.76 23.96 3.21
N ARG B 620 -23.59 23.40 2.86
CA ARG B 620 -22.34 24.13 2.89
C ARG B 620 -22.44 25.38 2.01
N ALA B 621 -22.99 25.21 0.80
CA ALA B 621 -23.05 26.28 -0.18
C ALA B 621 -23.95 27.43 0.29
N ARG B 622 -24.79 27.17 1.30
CA ARG B 622 -25.69 28.19 1.83
C ARG B 622 -25.08 28.90 3.05
N HIS B 623 -23.93 28.43 3.55
CA HIS B 623 -23.41 28.89 4.82
C HIS B 623 -21.89 28.99 4.81
N PRO B 624 -21.32 30.19 4.56
CA PRO B 624 -19.88 30.43 4.71
C PRO B 624 -19.33 30.14 6.11
N ALA B 625 -20.21 30.11 7.11
CA ALA B 625 -19.83 29.81 8.48
C ALA B 625 -19.17 28.44 8.57
N ILE B 626 -19.61 27.51 7.71
CA ILE B 626 -19.05 26.17 7.68
C ILE B 626 -17.55 26.23 7.44
N GLY B 627 -17.14 26.96 6.39
CA GLY B 627 -15.75 26.98 5.95
C GLY B 627 -14.92 28.08 6.59
N MET B 628 -15.58 29.13 7.10
CA MET B 628 -14.89 30.34 7.52
C MET B 628 -15.18 30.70 8.98
N GLY B 629 -16.20 30.09 9.58
CA GLY B 629 -16.72 30.56 10.86
C GLY B 629 -15.94 29.99 12.04
N LYS B 630 -15.89 30.75 13.14
CA LYS B 630 -15.33 30.27 14.40
C LYS B 630 -16.26 29.19 14.95
N GLN B 631 -15.66 28.10 15.45
CA GLN B 631 -16.42 26.96 15.94
C GLN B 631 -16.60 27.06 17.46
N THR B 632 -17.83 26.82 17.92
CA THR B 632 -18.12 26.53 19.31
C THR B 632 -18.71 25.12 19.39
N THR B 633 -18.00 24.22 20.07
CA THR B 633 -18.48 22.86 20.31
C THR B 633 -19.39 22.88 21.54
N LEU B 634 -20.56 22.25 21.41
CA LEU B 634 -21.59 22.30 22.43
C LEU B 634 -21.31 21.29 23.53
N SER B 635 -21.79 21.62 24.73
CA SER B 635 -21.70 20.74 25.88
C SER B 635 -23.11 20.23 26.20
N MET B 636 -23.45 19.04 25.66
CA MET B 636 -24.77 18.46 25.76
C MET B 636 -24.71 17.17 26.57
N SER B 637 -25.89 16.63 26.91
CA SER B 637 -25.98 15.43 27.72
C SER B 637 -25.85 14.18 26.85
N ARG B 638 -26.16 14.29 25.56
CA ARG B 638 -25.99 13.19 24.62
C ARG B 638 -25.85 13.72 23.20
N GLY B 639 -25.29 12.89 22.31
CA GLY B 639 -25.02 13.27 20.95
C GLY B 639 -23.74 14.10 20.83
N TYR B 640 -23.56 14.73 19.65
CA TYR B 640 -22.47 15.67 19.40
C TYR B 640 -23.06 16.90 18.70
N GLY B 641 -22.50 18.09 18.97
CA GLY B 641 -23.00 19.30 18.36
C GLY B 641 -21.95 20.42 18.32
N PHE B 642 -22.03 21.27 17.30
CA PHE B 642 -21.22 22.49 17.24
C PHE B 642 -22.01 23.60 16.53
N VAL B 643 -21.61 24.85 16.83
CA VAL B 643 -22.09 26.03 16.14
C VAL B 643 -20.90 26.66 15.42
N ARG B 644 -21.12 27.16 14.20
CA ARG B 644 -20.12 27.96 13.50
C ARG B 644 -20.74 29.30 13.14
N GLU B 645 -19.90 30.34 13.09
CA GLU B 645 -20.37 31.71 12.90
C GLU B 645 -19.34 32.51 12.11
N SER B 646 -19.76 33.01 10.93
CA SER B 646 -18.97 33.94 10.15
C SER B 646 -19.84 35.15 9.79
N GLY B 647 -19.38 36.35 10.16
CA GLY B 647 -20.13 37.57 9.93
C GLY B 647 -21.61 37.40 10.26
N GLU B 648 -22.46 37.50 9.22
CA GLU B 648 -23.90 37.47 9.39
C GLU B 648 -24.46 36.06 9.24
N ASP B 649 -23.61 35.06 9.03
CA ASP B 649 -24.05 33.68 8.86
C ASP B 649 -23.78 32.90 10.15
N LYS B 650 -24.69 31.98 10.48
CA LYS B 650 -24.66 31.25 11.74
C LYS B 650 -25.44 29.94 11.57
N VAL B 651 -24.78 28.81 11.89
CA VAL B 651 -25.39 27.50 11.78
C VAL B 651 -25.05 26.67 13.02
N MET B 652 -25.95 25.72 13.34
CA MET B 652 -25.73 24.72 14.37
C MET B 652 -25.88 23.34 13.72
N VAL B 653 -24.87 22.47 13.92
CA VAL B 653 -24.94 21.10 13.45
C VAL B 653 -25.04 20.18 14.65
N ILE B 654 -26.08 19.32 14.64
CA ILE B 654 -26.29 18.32 15.67
C ILE B 654 -26.09 16.94 15.04
N TRP B 655 -25.35 16.06 15.73
CA TRP B 655 -25.31 14.65 15.38
C TRP B 655 -25.84 13.82 16.56
N ALA B 656 -26.96 13.13 16.34
CA ALA B 656 -27.67 12.44 17.41
C ALA B 656 -26.82 11.30 17.98
N GLY B 657 -26.05 10.63 17.11
CA GLY B 657 -25.20 9.53 17.50
C GLY B 657 -25.40 8.31 16.60
N GLN B 658 -24.97 7.14 17.09
CA GLN B 658 -25.07 5.91 16.33
C GLN B 658 -26.35 5.16 16.72
N GLN B 659 -27.09 4.72 15.70
CA GLN B 659 -28.32 3.99 15.90
C GLN B 659 -28.00 2.50 15.85
N GLN B 660 -27.98 1.86 17.03
CA GLN B 660 -27.71 0.43 17.11
C GLN B 660 -28.26 -0.09 18.45
CA CA C . 21.77 -5.89 20.96
CA CA D . 24.23 -0.47 -10.71
TB TB E . 18.21 -4.70 -17.52
CA CA F . -13.54 10.50 -25.96
CA CA G . 12.70 20.92 -10.54
TB TB H . 13.16 22.23 -0.57
#